data_2B96
# 
_entry.id   2B96 
# 
_audit_conform.dict_name       mmcif_pdbx.dic 
_audit_conform.dict_version    5.397 
_audit_conform.dict_location   http://mmcif.pdb.org/dictionaries/ascii/mmcif_pdbx.dic 
# 
loop_
_database_2.database_id 
_database_2.database_code 
_database_2.pdbx_database_accession 
_database_2.pdbx_DOI 
PDB   2B96         pdb_00002b96 10.2210/pdb2b96/pdb 
RCSB  RCSB034831   ?            ?                   
WWPDB D_1000034831 ?            ?                   
# 
loop_
_pdbx_audit_revision_history.ordinal 
_pdbx_audit_revision_history.data_content_type 
_pdbx_audit_revision_history.major_revision 
_pdbx_audit_revision_history.minor_revision 
_pdbx_audit_revision_history.revision_date 
1 'Structure model' 1 0 2006-03-28 
2 'Structure model' 1 1 2008-05-01 
3 'Structure model' 1 2 2011-07-13 
4 'Structure model' 1 3 2021-10-20 
5 'Structure model' 1 4 2023-08-23 
6 'Structure model' 1 5 2024-10-30 
# 
_pdbx_audit_revision_details.ordinal             1 
_pdbx_audit_revision_details.revision_ordinal    1 
_pdbx_audit_revision_details.data_content_type   'Structure model' 
_pdbx_audit_revision_details.provider            repository 
_pdbx_audit_revision_details.type                'Initial release' 
_pdbx_audit_revision_details.description         ? 
_pdbx_audit_revision_details.details             ? 
# 
loop_
_pdbx_audit_revision_group.ordinal 
_pdbx_audit_revision_group.revision_ordinal 
_pdbx_audit_revision_group.data_content_type 
_pdbx_audit_revision_group.group 
1 2 'Structure model' 'Version format compliance' 
2 3 'Structure model' 'Version format compliance' 
3 4 'Structure model' 'Database references'       
4 4 'Structure model' 'Derived calculations'      
5 5 'Structure model' 'Data collection'           
6 5 'Structure model' 'Refinement description'    
7 6 'Structure model' 'Structure summary'         
# 
loop_
_pdbx_audit_revision_category.ordinal 
_pdbx_audit_revision_category.revision_ordinal 
_pdbx_audit_revision_category.data_content_type 
_pdbx_audit_revision_category.category 
1  4 'Structure model' database_2                    
2  4 'Structure model' pdbx_struct_conn_angle        
3  4 'Structure model' struct_conn                   
4  4 'Structure model' struct_ref_seq_dif            
5  4 'Structure model' struct_site                   
6  5 'Structure model' chem_comp_atom                
7  5 'Structure model' chem_comp_bond                
8  5 'Structure model' pdbx_initial_refinement_model 
9  6 'Structure model' pdbx_entry_details            
10 6 'Structure model' pdbx_modification_feature     
# 
loop_
_pdbx_audit_revision_item.ordinal 
_pdbx_audit_revision_item.revision_ordinal 
_pdbx_audit_revision_item.data_content_type 
_pdbx_audit_revision_item.item 
1  4 'Structure model' '_database_2.pdbx_DOI'                        
2  4 'Structure model' '_database_2.pdbx_database_accession'         
3  4 'Structure model' '_pdbx_struct_conn_angle.ptnr1_auth_comp_id'  
4  4 'Structure model' '_pdbx_struct_conn_angle.ptnr1_auth_seq_id'   
5  4 'Structure model' '_pdbx_struct_conn_angle.ptnr1_label_asym_id' 
6  4 'Structure model' '_pdbx_struct_conn_angle.ptnr1_label_atom_id' 
7  4 'Structure model' '_pdbx_struct_conn_angle.ptnr1_label_comp_id' 
8  4 'Structure model' '_pdbx_struct_conn_angle.ptnr1_label_seq_id'  
9  4 'Structure model' '_pdbx_struct_conn_angle.ptnr1_symmetry'      
10 4 'Structure model' '_pdbx_struct_conn_angle.ptnr3_auth_comp_id'  
11 4 'Structure model' '_pdbx_struct_conn_angle.ptnr3_auth_seq_id'   
12 4 'Structure model' '_pdbx_struct_conn_angle.ptnr3_label_asym_id' 
13 4 'Structure model' '_pdbx_struct_conn_angle.ptnr3_label_atom_id' 
14 4 'Structure model' '_pdbx_struct_conn_angle.ptnr3_label_comp_id' 
15 4 'Structure model' '_pdbx_struct_conn_angle.ptnr3_label_seq_id'  
16 4 'Structure model' '_pdbx_struct_conn_angle.ptnr3_symmetry'      
17 4 'Structure model' '_pdbx_struct_conn_angle.value'               
18 4 'Structure model' '_struct_conn.pdbx_dist_value'                
19 4 'Structure model' '_struct_conn.ptnr1_auth_comp_id'             
20 4 'Structure model' '_struct_conn.ptnr1_auth_seq_id'              
21 4 'Structure model' '_struct_conn.ptnr1_label_asym_id'            
22 4 'Structure model' '_struct_conn.ptnr1_label_atom_id'            
23 4 'Structure model' '_struct_conn.ptnr1_label_comp_id'            
24 4 'Structure model' '_struct_conn.ptnr1_label_seq_id'             
25 4 'Structure model' '_struct_conn.ptnr1_symmetry'                 
26 4 'Structure model' '_struct_conn.ptnr2_auth_comp_id'             
27 4 'Structure model' '_struct_conn.ptnr2_auth_seq_id'              
28 4 'Structure model' '_struct_conn.ptnr2_label_asym_id'            
29 4 'Structure model' '_struct_conn.ptnr2_label_atom_id'            
30 4 'Structure model' '_struct_conn.ptnr2_label_comp_id'            
31 4 'Structure model' '_struct_conn.ptnr2_label_seq_id'             
32 4 'Structure model' '_struct_conn.ptnr2_symmetry'                 
33 4 'Structure model' '_struct_ref_seq_dif.details'                 
34 4 'Structure model' '_struct_site.pdbx_auth_asym_id'              
35 4 'Structure model' '_struct_site.pdbx_auth_comp_id'              
36 4 'Structure model' '_struct_site.pdbx_auth_seq_id'               
# 
_pdbx_database_status.status_code                     REL 
_pdbx_database_status.entry_id                        2B96 
_pdbx_database_status.recvd_initial_deposition_date   2005-10-11 
_pdbx_database_status.deposit_site                    RCSB 
_pdbx_database_status.process_site                    RCSB 
_pdbx_database_status.status_code_sf                  REL 
_pdbx_database_status.status_code_mr                  ? 
_pdbx_database_status.SG_entry                        ? 
_pdbx_database_status.pdb_format_compatible           Y 
_pdbx_database_status.status_code_cs                  ? 
_pdbx_database_status.status_code_nmr_data            ? 
_pdbx_database_status.methods_development_category    ? 
# 
loop_
_pdbx_database_related.db_name 
_pdbx_database_related.db_id 
_pdbx_database_related.details 
_pdbx_database_related.content_type 
PDB 1une . unspecified 
PDB 1mkt . unspecified 
# 
loop_
_audit_author.name 
_audit_author.pdbx_ordinal 
'Sekar, K.'      1 
'Velmurugan, D.' 2 
'Yamane, T.'     3 
'Tsai, M.D.'     4 
# 
loop_
_citation.id 
_citation.title 
_citation.journal_abbrev 
_citation.journal_volume 
_citation.page_first 
_citation.page_last 
_citation.year 
_citation.journal_id_ASTM 
_citation.country 
_citation.journal_id_ISSN 
_citation.journal_id_CSD 
_citation.book_publisher 
_citation.pdbx_database_id_PubMed 
_citation.pdbx_database_id_DOI 
primary 'Third Calcium ion found in an inhibitor bound phospholipase A2' 'Acta Crystallogr.,Sect.D' 62  392  397  2006 ABCRE6 DK 
0907-4449 0766 ? 16552140 10.1107/S0907444906001612       
1       'Atomic resolution (0.97  A) structure of the triple mutant (K53,56,121M) of bovine pancreatic phospholipase A2' 
'Acta Crystallogr.,Sect.F' 61  3    7    2005 ?      DK 1744-3091 ?    ? ?        ?                               
2       'Crystal structures of the free and anisic acid bound triple mutant of phospholipase A2.' J.Mol.Biol.                333 
367  376  2003 JMOBAK UK 0022-2836 0070 ? 14529623 10.1016/j.jmb.2003.08.032       
3       
;Observation of additional calcium ion in the crystal structure of the triple mutant K56,120,121M of bovine pancreatic phospholipase A2.
;
J.Mol.Biol.                324 755  762  2002 JMOBAK UK 0022-2836 0070 ? 12460575 '10.1016/S0022-2836(02)01132-4' 
4       'High-resolution refinement of orthorhombic bovine pancreatic phospholipase A2.' 'Acta Crystallogr.,Sect.D' 55  46   50   
1999 ABCRE6 DK 0907-4449 0766 ? 10089393 10.1107/S0907444998006568       
5       'Phospholipase A2 engineering. Structural and functional roles of the highly conserved active site residue aspartate-99.' 
Biochemistry               36  3104 3114 1997 BICHAW US 0006-2960 0033 ? 9115986  10.1021/bi961576x               
# 
loop_
_citation_author.citation_id 
_citation_author.name 
_citation_author.ordinal 
_citation_author.identifier_ORCID 
primary 'Sekar, K.'         1  ? 
primary 'Gayathri, D.'      2  ? 
primary 'Velmurugan, D.'    3  ? 
primary 'Jeyakanthan, J.'   4  ? 
primary 'Yamane, T.'        5  ? 
primary 'Poi, M.J.'         6  ? 
primary 'Tsai, M.D.'        7  ? 
1       'Sekar, K.'         8  ? 
1       'Rajakannan, V.'    9  ? 
1       'Gayathri, D.'      10 ? 
1       'Velmurugan, D.'    11 ? 
1       'Poi, M.J.'         12 ? 
1       'Dauter, M.'        13 ? 
1       'Dauter, Z.'        14 ? 
1       'Tsai, M.D.'        15 ? 
2       'Sekar, K.'         16 ? 
2       'Mala, S.V.'        17 ? 
2       'Yogavel, M.'       18 ? 
2       'Velmurugan, D.'    19 ? 
2       'Poi, M.J.'         20 ? 
2       'Vishwanath, B.S.'  21 ? 
2       'Gowda, T.V.'       22 ? 
2       'Jeyaprakash, A.A.' 23 ? 
2       'Tsai, M.D.'        24 ? 
3       'Rajakannan, V.'    25 ? 
3       'Yogavel, M.'       26 ? 
3       'Poi, M.J.'         27 ? 
3       'Jeyaprakash, A.A.' 28 ? 
3       'Jeyakanthan, J.'   29 ? 
3       'Velmurugan, D.'    30 ? 
3       'Tsai, M.D.'        31 ? 
3       'Sekar, K.'         32 ? 
4       'Sekar, K.'         33 ? 
4       'Sundaralingam, M.' 34 ? 
5       'Sekar, K.'         35 ? 
5       'Yu, B.Z.'          36 ? 
5       'Rogers, J.'        37 ? 
5       'Lutton, J.'        38 ? 
5       'Liu, X.'           39 ? 
5       'Chen, X.'          40 ? 
5       'Tsai, M.D.'        41 ? 
5       'Jain, M.K.'        42 ? 
5       'Sundaralingam, M.' 43 ? 
# 
loop_
_entity.id 
_entity.type 
_entity.src_method 
_entity.pdbx_description 
_entity.formula_weight 
_entity.pdbx_number_of_molecules 
_entity.pdbx_ec 
_entity.pdbx_mutation 
_entity.pdbx_fragment 
_entity.details 
1 polymer     man 'Phospholipase A2'                       13816.552 1   3.1.1.4 'K53M, K56M, K121M' ? ? 
2 non-polymer syn 'CALCIUM ION'                            40.078    3   ?       ?                   ? ? 
3 non-polymer syn 'CHLORIDE ION'                           35.453    1   ?       ?                   ? ? 
4 non-polymer syn 2-AMINO-2-HYDROXYMETHYL-PROPANE-1,3-DIOL 122.143   4   ?       ?                   ? ? 
5 non-polymer syn '4-METHOXYBENZOIC ACID'                  152.147   1   ?       ?                   ? ? 
6 water       nat water                                    18.015    125 ?       ?                   ? ? 
# 
_entity_name_com.entity_id   1 
_entity_name_com.name        'Phosphatidylcholine 2- acylhydrolase, Group IB phospholipase A2' 
# 
_entity_poly.entity_id                      1 
_entity_poly.type                           'polypeptide(L)' 
_entity_poly.nstd_linkage                   no 
_entity_poly.nstd_monomer                   no 
_entity_poly.pdbx_seq_one_letter_code       
;ALWQFNGMIKCKIPSSEPLLDFNNYGCYCGLGGSGTPVDDLDRCCQTHDNCYMQAMKLDSCKVLVDNPYTNNYSYSCSNN
EITCSSENNACEAFICNCDRNAAICFSKVPYNKEHKNLDKMNC
;
_entity_poly.pdbx_seq_one_letter_code_can   
;ALWQFNGMIKCKIPSSEPLLDFNNYGCYCGLGGSGTPVDDLDRCCQTHDNCYMQAMKLDSCKVLVDNPYTNNYSYSCSNN
EITCSSENNACEAFICNCDRNAAICFSKVPYNKEHKNLDKMNC
;
_entity_poly.pdbx_strand_id                 A 
_entity_poly.pdbx_target_identifier         ? 
# 
loop_
_pdbx_entity_nonpoly.entity_id 
_pdbx_entity_nonpoly.name 
_pdbx_entity_nonpoly.comp_id 
2 'CALCIUM ION'                            CA  
3 'CHLORIDE ION'                           CL  
4 2-AMINO-2-HYDROXYMETHYL-PROPANE-1,3-DIOL TRS 
5 '4-METHOXYBENZOIC ACID'                  ANN 
6 water                                    HOH 
# 
loop_
_entity_poly_seq.entity_id 
_entity_poly_seq.num 
_entity_poly_seq.mon_id 
_entity_poly_seq.hetero 
1 1   ALA n 
1 2   LEU n 
1 3   TRP n 
1 4   GLN n 
1 5   PHE n 
1 6   ASN n 
1 7   GLY n 
1 8   MET n 
1 9   ILE n 
1 10  LYS n 
1 11  CYS n 
1 12  LYS n 
1 13  ILE n 
1 14  PRO n 
1 15  SER n 
1 16  SER n 
1 17  GLU n 
1 18  PRO n 
1 19  LEU n 
1 20  LEU n 
1 21  ASP n 
1 22  PHE n 
1 23  ASN n 
1 24  ASN n 
1 25  TYR n 
1 26  GLY n 
1 27  CYS n 
1 28  TYR n 
1 29  CYS n 
1 30  GLY n 
1 31  LEU n 
1 32  GLY n 
1 33  GLY n 
1 34  SER n 
1 35  GLY n 
1 36  THR n 
1 37  PRO n 
1 38  VAL n 
1 39  ASP n 
1 40  ASP n 
1 41  LEU n 
1 42  ASP n 
1 43  ARG n 
1 44  CYS n 
1 45  CYS n 
1 46  GLN n 
1 47  THR n 
1 48  HIS n 
1 49  ASP n 
1 50  ASN n 
1 51  CYS n 
1 52  TYR n 
1 53  MET n 
1 54  GLN n 
1 55  ALA n 
1 56  MET n 
1 57  LYS n 
1 58  LEU n 
1 59  ASP n 
1 60  SER n 
1 61  CYS n 
1 62  LYS n 
1 63  VAL n 
1 64  LEU n 
1 65  VAL n 
1 66  ASP n 
1 67  ASN n 
1 68  PRO n 
1 69  TYR n 
1 70  THR n 
1 71  ASN n 
1 72  ASN n 
1 73  TYR n 
1 74  SER n 
1 75  TYR n 
1 76  SER n 
1 77  CYS n 
1 78  SER n 
1 79  ASN n 
1 80  ASN n 
1 81  GLU n 
1 82  ILE n 
1 83  THR n 
1 84  CYS n 
1 85  SER n 
1 86  SER n 
1 87  GLU n 
1 88  ASN n 
1 89  ASN n 
1 90  ALA n 
1 91  CYS n 
1 92  GLU n 
1 93  ALA n 
1 94  PHE n 
1 95  ILE n 
1 96  CYS n 
1 97  ASN n 
1 98  CYS n 
1 99  ASP n 
1 100 ARG n 
1 101 ASN n 
1 102 ALA n 
1 103 ALA n 
1 104 ILE n 
1 105 CYS n 
1 106 PHE n 
1 107 SER n 
1 108 LYS n 
1 109 VAL n 
1 110 PRO n 
1 111 TYR n 
1 112 ASN n 
1 113 LYS n 
1 114 GLU n 
1 115 HIS n 
1 116 LYS n 
1 117 ASN n 
1 118 LEU n 
1 119 ASP n 
1 120 LYS n 
1 121 MET n 
1 122 ASN n 
1 123 CYS n 
# 
_entity_src_gen.entity_id                          1 
_entity_src_gen.pdbx_src_id                        1 
_entity_src_gen.pdbx_alt_source_flag               sample 
_entity_src_gen.pdbx_seq_type                      ? 
_entity_src_gen.pdbx_beg_seq_num                   ? 
_entity_src_gen.pdbx_end_seq_num                   ? 
_entity_src_gen.gene_src_common_name               cattle 
_entity_src_gen.gene_src_genus                     Bos 
_entity_src_gen.pdbx_gene_src_gene                 PLA2G1B 
_entity_src_gen.gene_src_species                   ? 
_entity_src_gen.gene_src_strain                    ? 
_entity_src_gen.gene_src_tissue                    ? 
_entity_src_gen.gene_src_tissue_fraction           ? 
_entity_src_gen.gene_src_details                   ? 
_entity_src_gen.pdbx_gene_src_fragment             ? 
_entity_src_gen.pdbx_gene_src_scientific_name      'Bos taurus' 
_entity_src_gen.pdbx_gene_src_ncbi_taxonomy_id     9913 
_entity_src_gen.pdbx_gene_src_variant              ? 
_entity_src_gen.pdbx_gene_src_cell_line            ? 
_entity_src_gen.pdbx_gene_src_atcc                 ? 
_entity_src_gen.pdbx_gene_src_organ                ? 
_entity_src_gen.pdbx_gene_src_organelle            ? 
_entity_src_gen.pdbx_gene_src_cell                 ? 
_entity_src_gen.pdbx_gene_src_cellular_location    ? 
_entity_src_gen.host_org_common_name               ? 
_entity_src_gen.pdbx_host_org_scientific_name      'Escherichia coli' 
_entity_src_gen.pdbx_host_org_ncbi_taxonomy_id     562 
_entity_src_gen.host_org_genus                     Escherichia 
_entity_src_gen.pdbx_host_org_gene                 ? 
_entity_src_gen.pdbx_host_org_organ                ? 
_entity_src_gen.host_org_species                   ? 
_entity_src_gen.pdbx_host_org_tissue               ? 
_entity_src_gen.pdbx_host_org_tissue_fraction      ? 
_entity_src_gen.pdbx_host_org_strain               'BOS Taurus' 
_entity_src_gen.pdbx_host_org_variant              ? 
_entity_src_gen.pdbx_host_org_cell_line            ? 
_entity_src_gen.pdbx_host_org_atcc                 ? 
_entity_src_gen.pdbx_host_org_culture_collection   ? 
_entity_src_gen.pdbx_host_org_cell                 ? 
_entity_src_gen.pdbx_host_org_organelle            ? 
_entity_src_gen.pdbx_host_org_cellular_location    ? 
_entity_src_gen.pdbx_host_org_vector_type          pTO-A2MBL21 
_entity_src_gen.pdbx_host_org_vector               ? 
_entity_src_gen.host_org_details                   ? 
_entity_src_gen.expression_system_id               ? 
_entity_src_gen.plasmid_name                       ? 
_entity_src_gen.plasmid_details                    ? 
_entity_src_gen.pdbx_description                   ? 
# 
loop_
_chem_comp.id 
_chem_comp.type 
_chem_comp.mon_nstd_flag 
_chem_comp.name 
_chem_comp.pdbx_synonyms 
_chem_comp.formula 
_chem_comp.formula_weight 
ALA 'L-peptide linking' y ALANINE                                  ?               'C3 H7 N O2'     89.093  
ANN non-polymer         . '4-METHOXYBENZOIC ACID'                  'P-ANISIC ACID' 'C8 H8 O3'       152.147 
ARG 'L-peptide linking' y ARGININE                                 ?               'C6 H15 N4 O2 1' 175.209 
ASN 'L-peptide linking' y ASPARAGINE                               ?               'C4 H8 N2 O3'    132.118 
ASP 'L-peptide linking' y 'ASPARTIC ACID'                          ?               'C4 H7 N O4'     133.103 
CA  non-polymer         . 'CALCIUM ION'                            ?               'Ca 2'           40.078  
CL  non-polymer         . 'CHLORIDE ION'                           ?               'Cl -1'          35.453  
CYS 'L-peptide linking' y CYSTEINE                                 ?               'C3 H7 N O2 S'   121.158 
GLN 'L-peptide linking' y GLUTAMINE                                ?               'C5 H10 N2 O3'   146.144 
GLU 'L-peptide linking' y 'GLUTAMIC ACID'                          ?               'C5 H9 N O4'     147.129 
GLY 'peptide linking'   y GLYCINE                                  ?               'C2 H5 N O2'     75.067  
HIS 'L-peptide linking' y HISTIDINE                                ?               'C6 H10 N3 O2 1' 156.162 
HOH non-polymer         . WATER                                    ?               'H2 O'           18.015  
ILE 'L-peptide linking' y ISOLEUCINE                               ?               'C6 H13 N O2'    131.173 
LEU 'L-peptide linking' y LEUCINE                                  ?               'C6 H13 N O2'    131.173 
LYS 'L-peptide linking' y LYSINE                                   ?               'C6 H15 N2 O2 1' 147.195 
MET 'L-peptide linking' y METHIONINE                               ?               'C5 H11 N O2 S'  149.211 
PHE 'L-peptide linking' y PHENYLALANINE                            ?               'C9 H11 N O2'    165.189 
PRO 'L-peptide linking' y PROLINE                                  ?               'C5 H9 N O2'     115.130 
SER 'L-peptide linking' y SERINE                                   ?               'C3 H7 N O3'     105.093 
THR 'L-peptide linking' y THREONINE                                ?               'C4 H9 N O3'     119.119 
TRP 'L-peptide linking' y TRYPTOPHAN                               ?               'C11 H12 N2 O2'  204.225 
TRS non-polymer         . 2-AMINO-2-HYDROXYMETHYL-PROPANE-1,3-DIOL 'TRIS BUFFER'   'C4 H12 N O3 1'  122.143 
TYR 'L-peptide linking' y TYROSINE                                 ?               'C9 H11 N O3'    181.189 
VAL 'L-peptide linking' y VALINE                                   ?               'C5 H11 N O2'    117.146 
# 
loop_
_pdbx_poly_seq_scheme.asym_id 
_pdbx_poly_seq_scheme.entity_id 
_pdbx_poly_seq_scheme.seq_id 
_pdbx_poly_seq_scheme.mon_id 
_pdbx_poly_seq_scheme.ndb_seq_num 
_pdbx_poly_seq_scheme.pdb_seq_num 
_pdbx_poly_seq_scheme.auth_seq_num 
_pdbx_poly_seq_scheme.pdb_mon_id 
_pdbx_poly_seq_scheme.auth_mon_id 
_pdbx_poly_seq_scheme.pdb_strand_id 
_pdbx_poly_seq_scheme.pdb_ins_code 
_pdbx_poly_seq_scheme.hetero 
A 1 1   ALA 1   1   1   ALA ALA A . n 
A 1 2   LEU 2   2   2   LEU LEU A . n 
A 1 3   TRP 3   3   3   TRP TRP A . n 
A 1 4   GLN 4   4   4   GLN GLN A . n 
A 1 5   PHE 5   5   5   PHE PHE A . n 
A 1 6   ASN 6   6   6   ASN ASN A . n 
A 1 7   GLY 7   7   7   GLY GLY A . n 
A 1 8   MET 8   8   8   MET MET A . n 
A 1 9   ILE 9   9   9   ILE ILE A . n 
A 1 10  LYS 10  10  10  LYS LYS A . n 
A 1 11  CYS 11  11  11  CYS CYS A . n 
A 1 12  LYS 12  12  12  LYS LYS A . n 
A 1 13  ILE 13  13  13  ILE ILE A . n 
A 1 14  PRO 14  14  14  PRO PRO A . n 
A 1 15  SER 15  15  15  SER SER A . n 
A 1 16  SER 16  16  16  SER SER A . n 
A 1 17  GLU 17  17  17  GLU GLU A . n 
A 1 18  PRO 18  18  18  PRO PRO A . n 
A 1 19  LEU 19  19  19  LEU LEU A . n 
A 1 20  LEU 20  20  20  LEU LEU A . n 
A 1 21  ASP 21  21  21  ASP ASP A . n 
A 1 22  PHE 22  22  22  PHE PHE A . n 
A 1 23  ASN 23  23  23  ASN ASN A . n 
A 1 24  ASN 24  24  24  ASN ASN A . n 
A 1 25  TYR 25  25  25  TYR TYR A . n 
A 1 26  GLY 26  26  26  GLY GLY A . n 
A 1 27  CYS 27  27  27  CYS CYS A . n 
A 1 28  TYR 28  28  28  TYR TYR A . n 
A 1 29  CYS 29  29  29  CYS CYS A . n 
A 1 30  GLY 30  30  30  GLY GLY A . n 
A 1 31  LEU 31  31  31  LEU LEU A . n 
A 1 32  GLY 32  32  32  GLY GLY A . n 
A 1 33  GLY 33  33  33  GLY GLY A . n 
A 1 34  SER 34  34  34  SER SER A . n 
A 1 35  GLY 35  35  35  GLY GLY A . n 
A 1 36  THR 36  36  36  THR THR A . n 
A 1 37  PRO 37  37  37  PRO PRO A . n 
A 1 38  VAL 38  38  38  VAL VAL A . n 
A 1 39  ASP 39  39  39  ASP ASP A . n 
A 1 40  ASP 40  40  40  ASP ASP A . n 
A 1 41  LEU 41  41  41  LEU LEU A . n 
A 1 42  ASP 42  42  42  ASP ASP A . n 
A 1 43  ARG 43  43  43  ARG ARG A . n 
A 1 44  CYS 44  44  44  CYS CYS A . n 
A 1 45  CYS 45  45  45  CYS CYS A . n 
A 1 46  GLN 46  46  46  GLN GLN A . n 
A 1 47  THR 47  47  47  THR THR A . n 
A 1 48  HIS 48  48  48  HIS HIS A . n 
A 1 49  ASP 49  49  49  ASP ASP A . n 
A 1 50  ASN 50  50  50  ASN ASN A . n 
A 1 51  CYS 51  51  51  CYS CYS A . n 
A 1 52  TYR 52  52  52  TYR TYR A . n 
A 1 53  MET 53  53  53  MET MET A . n 
A 1 54  GLN 54  54  54  GLN GLN A . n 
A 1 55  ALA 55  55  55  ALA ALA A . n 
A 1 56  MET 56  56  56  MET MET A . n 
A 1 57  LYS 57  57  57  LYS LYS A . n 
A 1 58  LEU 58  58  58  LEU LEU A . n 
A 1 59  ASP 59  59  59  ASP ASP A . n 
A 1 60  SER 60  60  60  SER SER A . n 
A 1 61  CYS 61  61  61  CYS CYS A . n 
A 1 62  LYS 62  62  62  LYS LYS A . n 
A 1 63  VAL 63  63  63  VAL VAL A . n 
A 1 64  LEU 64  64  64  LEU LEU A . n 
A 1 65  VAL 65  65  65  VAL VAL A . n 
A 1 66  ASP 66  66  66  ASP ASP A . n 
A 1 67  ASN 67  67  67  ASN ASN A . n 
A 1 68  PRO 68  68  68  PRO PRO A . n 
A 1 69  TYR 69  69  69  TYR TYR A . n 
A 1 70  THR 70  70  70  THR THR A . n 
A 1 71  ASN 71  71  71  ASN ASN A . n 
A 1 72  ASN 72  72  72  ASN ASN A . n 
A 1 73  TYR 73  73  73  TYR TYR A . n 
A 1 74  SER 74  74  74  SER SER A . n 
A 1 75  TYR 75  75  75  TYR TYR A . n 
A 1 76  SER 76  76  76  SER SER A . n 
A 1 77  CYS 77  77  77  CYS CYS A . n 
A 1 78  SER 78  78  78  SER SER A . n 
A 1 79  ASN 79  79  79  ASN ASN A . n 
A 1 80  ASN 80  80  80  ASN ASN A . n 
A 1 81  GLU 81  81  81  GLU GLU A . n 
A 1 82  ILE 82  82  82  ILE ILE A . n 
A 1 83  THR 83  83  83  THR THR A . n 
A 1 84  CYS 84  84  84  CYS CYS A . n 
A 1 85  SER 85  85  85  SER SER A . n 
A 1 86  SER 86  86  86  SER SER A . n 
A 1 87  GLU 87  87  87  GLU GLU A . n 
A 1 88  ASN 88  88  88  ASN ASN A . n 
A 1 89  ASN 89  89  89  ASN ASN A . n 
A 1 90  ALA 90  90  90  ALA ALA A . n 
A 1 91  CYS 91  91  91  CYS CYS A . n 
A 1 92  GLU 92  92  92  GLU GLU A . n 
A 1 93  ALA 93  93  93  ALA ALA A . n 
A 1 94  PHE 94  94  94  PHE PHE A . n 
A 1 95  ILE 95  95  95  ILE ILE A . n 
A 1 96  CYS 96  96  96  CYS CYS A . n 
A 1 97  ASN 97  97  97  ASN ASN A . n 
A 1 98  CYS 98  98  98  CYS CYS A . n 
A 1 99  ASP 99  99  99  ASP ASP A . n 
A 1 100 ARG 100 100 100 ARG ARG A . n 
A 1 101 ASN 101 101 101 ASN ASN A . n 
A 1 102 ALA 102 102 102 ALA ALA A . n 
A 1 103 ALA 103 103 103 ALA ALA A . n 
A 1 104 ILE 104 104 104 ILE ILE A . n 
A 1 105 CYS 105 105 105 CYS CYS A . n 
A 1 106 PHE 106 106 106 PHE PHE A . n 
A 1 107 SER 107 107 107 SER SER A . n 
A 1 108 LYS 108 108 108 LYS LYS A . n 
A 1 109 VAL 109 109 109 VAL VAL A . n 
A 1 110 PRO 110 110 110 PRO PRO A . n 
A 1 111 TYR 111 111 111 TYR TYR A . n 
A 1 112 ASN 112 112 112 ASN ASN A . n 
A 1 113 LYS 113 113 113 LYS LYS A . n 
A 1 114 GLU 114 114 114 GLU GLU A . n 
A 1 115 HIS 115 115 115 HIS HIS A . n 
A 1 116 LYS 116 116 116 LYS LYS A . n 
A 1 117 ASN 117 117 117 ASN ASN A . n 
A 1 118 LEU 118 118 118 LEU LEU A . n 
A 1 119 ASP 119 119 119 ASP ASP A . n 
A 1 120 LYS 120 120 120 LYS LYS A . n 
A 1 121 MET 121 121 121 MET MET A . n 
A 1 122 ASN 122 122 122 ASN ASN A . n 
A 1 123 CYS 123 123 123 CYS CYS A . n 
# 
loop_
_pdbx_nonpoly_scheme.asym_id 
_pdbx_nonpoly_scheme.entity_id 
_pdbx_nonpoly_scheme.mon_id 
_pdbx_nonpoly_scheme.ndb_seq_num 
_pdbx_nonpoly_scheme.pdb_seq_num 
_pdbx_nonpoly_scheme.auth_seq_num 
_pdbx_nonpoly_scheme.pdb_mon_id 
_pdbx_nonpoly_scheme.auth_mon_id 
_pdbx_nonpoly_scheme.pdb_strand_id 
_pdbx_nonpoly_scheme.pdb_ins_code 
B 2 CA  1   124 124 CA  CA  A . 
C 2 CA  1   125 125 CA  CA  A . 
D 2 CA  1   126 126 CA  CA  A . 
E 3 CL  1   127 127 CL  CL  A . 
F 4 TRS 1   601 601 TRS TRS A . 
G 4 TRS 1   602 602 TRS TRS A . 
H 4 TRS 1   603 603 TRS TRS A . 
I 4 TRS 1   604 604 TRS TRS A . 
J 5 ANN 1   501 501 ANN ANN A . 
K 6 HOH 1   201 201 HOH HOH A . 
K 6 HOH 2   202 202 HOH HOH A . 
K 6 HOH 3   203 203 HOH HOH A . 
K 6 HOH 4   204 204 HOH HOH A . 
K 6 HOH 5   205 205 HOH HOH A . 
K 6 HOH 6   206 206 HOH HOH A . 
K 6 HOH 7   207 207 HOH HOH A . 
K 6 HOH 8   208 208 HOH HOH A . 
K 6 HOH 9   209 209 HOH HOH A . 
K 6 HOH 10  210 210 HOH HOH A . 
K 6 HOH 11  211 211 HOH HOH A . 
K 6 HOH 12  212 212 HOH HOH A . 
K 6 HOH 13  213 213 HOH HOH A . 
K 6 HOH 14  214 214 HOH HOH A . 
K 6 HOH 15  215 215 HOH HOH A . 
K 6 HOH 16  216 216 HOH HOH A . 
K 6 HOH 17  217 217 HOH HOH A . 
K 6 HOH 18  218 218 HOH HOH A . 
K 6 HOH 19  219 219 HOH HOH A . 
K 6 HOH 20  220 220 HOH HOH A . 
K 6 HOH 21  221 221 HOH HOH A . 
K 6 HOH 22  222 222 HOH HOH A . 
K 6 HOH 23  223 223 HOH HOH A . 
K 6 HOH 24  224 224 HOH HOH A . 
K 6 HOH 25  225 225 HOH HOH A . 
K 6 HOH 26  226 226 HOH HOH A . 
K 6 HOH 27  227 227 HOH HOH A . 
K 6 HOH 28  228 228 HOH HOH A . 
K 6 HOH 29  229 229 HOH HOH A . 
K 6 HOH 30  230 230 HOH HOH A . 
K 6 HOH 31  231 231 HOH HOH A . 
K 6 HOH 32  232 232 HOH HOH A . 
K 6 HOH 33  233 233 HOH HOH A . 
K 6 HOH 34  234 234 HOH HOH A . 
K 6 HOH 35  235 235 HOH HOH A . 
K 6 HOH 36  236 236 HOH HOH A . 
K 6 HOH 37  237 237 HOH HOH A . 
K 6 HOH 38  238 238 HOH HOH A . 
K 6 HOH 39  239 239 HOH HOH A . 
K 6 HOH 40  240 240 HOH HOH A . 
K 6 HOH 41  241 241 HOH HOH A . 
K 6 HOH 42  242 242 HOH HOH A . 
K 6 HOH 43  243 243 HOH HOH A . 
K 6 HOH 44  244 244 HOH HOH A . 
K 6 HOH 45  245 245 HOH HOH A . 
K 6 HOH 46  246 246 HOH HOH A . 
K 6 HOH 47  247 247 HOH HOH A . 
K 6 HOH 48  248 248 HOH HOH A . 
K 6 HOH 49  249 249 HOH HOH A . 
K 6 HOH 50  250 250 HOH HOH A . 
K 6 HOH 51  251 251 HOH HOH A . 
K 6 HOH 52  252 252 HOH HOH A . 
K 6 HOH 53  253 253 HOH HOH A . 
K 6 HOH 54  254 254 HOH HOH A . 
K 6 HOH 55  255 255 HOH HOH A . 
K 6 HOH 56  256 256 HOH HOH A . 
K 6 HOH 57  257 257 HOH HOH A . 
K 6 HOH 58  258 258 HOH HOH A . 
K 6 HOH 59  259 259 HOH HOH A . 
K 6 HOH 60  260 260 HOH HOH A . 
K 6 HOH 61  261 261 HOH HOH A . 
K 6 HOH 62  262 262 HOH HOH A . 
K 6 HOH 63  263 263 HOH HOH A . 
K 6 HOH 64  264 264 HOH HOH A . 
K 6 HOH 65  265 265 HOH HOH A . 
K 6 HOH 66  266 266 HOH HOH A . 
K 6 HOH 67  267 267 HOH HOH A . 
K 6 HOH 68  268 268 HOH HOH A . 
K 6 HOH 69  269 269 HOH HOH A . 
K 6 HOH 70  270 270 HOH HOH A . 
K 6 HOH 71  271 271 HOH HOH A . 
K 6 HOH 72  272 272 HOH HOH A . 
K 6 HOH 73  273 273 HOH HOH A . 
K 6 HOH 74  274 274 HOH HOH A . 
K 6 HOH 75  275 275 HOH HOH A . 
K 6 HOH 76  276 276 HOH HOH A . 
K 6 HOH 77  277 277 HOH HOH A . 
K 6 HOH 78  278 278 HOH HOH A . 
K 6 HOH 79  279 279 HOH HOH A . 
K 6 HOH 80  280 280 HOH HOH A . 
K 6 HOH 81  281 281 HOH HOH A . 
K 6 HOH 82  282 282 HOH HOH A . 
K 6 HOH 83  283 283 HOH HOH A . 
K 6 HOH 84  284 284 HOH HOH A . 
K 6 HOH 85  285 285 HOH HOH A . 
K 6 HOH 86  286 286 HOH HOH A . 
K 6 HOH 87  287 287 HOH HOH A . 
K 6 HOH 88  288 288 HOH HOH A . 
K 6 HOH 89  289 289 HOH HOH A . 
K 6 HOH 90  290 290 HOH HOH A . 
K 6 HOH 91  291 291 HOH HOH A . 
K 6 HOH 92  292 292 HOH HOH A . 
K 6 HOH 93  293 293 HOH HOH A . 
K 6 HOH 94  294 294 HOH HOH A . 
K 6 HOH 95  295 295 HOH HOH A . 
K 6 HOH 96  296 296 HOH HOH A . 
K 6 HOH 97  297 297 HOH HOH A . 
K 6 HOH 98  298 298 HOH HOH A . 
K 6 HOH 99  299 299 HOH HOH A . 
K 6 HOH 100 300 300 HOH HOH A . 
K 6 HOH 101 301 301 HOH HOH A . 
K 6 HOH 102 302 302 HOH HOH A . 
K 6 HOH 103 303 303 HOH HOH A . 
K 6 HOH 104 304 304 HOH HOH A . 
K 6 HOH 105 305 305 HOH HOH A . 
K 6 HOH 106 306 306 HOH HOH A . 
K 6 HOH 107 307 307 HOH HOH A . 
K 6 HOH 108 308 308 HOH HOH A . 
K 6 HOH 109 309 309 HOH HOH A . 
K 6 HOH 110 310 310 HOH HOH A . 
K 6 HOH 111 311 311 HOH HOH A . 
K 6 HOH 112 312 312 HOH HOH A . 
K 6 HOH 113 313 313 HOH HOH A . 
K 6 HOH 114 314 314 HOH HOH A . 
K 6 HOH 115 315 315 HOH HOH A . 
K 6 HOH 116 316 316 HOH HOH A . 
K 6 HOH 117 317 317 HOH HOH A . 
K 6 HOH 118 318 318 HOH HOH A . 
K 6 HOH 119 319 319 HOH HOH A . 
K 6 HOH 120 320 320 HOH HOH A . 
K 6 HOH 121 321 321 HOH HOH A . 
K 6 HOH 122 322 322 HOH HOH A . 
K 6 HOH 123 323 323 HOH HOH A . 
K 6 HOH 124 324 324 HOH HOH A . 
K 6 HOH 125 325 325 HOH HOH A . 
# 
loop_
_software.name 
_software.classification 
_software.version 
_software.citation_id 
_software.pdbx_ordinal 
DENZO 'data reduction' .         ? 1 
SCALA 'data scaling'   .         ? 2 
CNS   refinement       .         ? 3 
CCP4  'data scaling'   '(SCALA)' ? 4 
CNS   phasing          .         ? 5 
# 
_cell.entry_id           2B96 
_cell.length_a           46.190 
_cell.length_b           46.190 
_cell.length_c           102.860 
_cell.angle_alpha        90.00 
_cell.angle_beta         90.00 
_cell.angle_gamma        120.00 
_cell.Z_PDB              6 
_cell.pdbx_unique_axis   ? 
_cell.length_a_esd       ? 
_cell.length_b_esd       ? 
_cell.length_c_esd       ? 
_cell.angle_alpha_esd    ? 
_cell.angle_beta_esd     ? 
_cell.angle_gamma_esd    ? 
# 
_symmetry.entry_id                         2B96 
_symmetry.space_group_name_H-M             'P 31 2 1' 
_symmetry.pdbx_full_space_group_name_H-M   ? 
_symmetry.cell_setting                     ? 
_symmetry.Int_Tables_number                152 
_symmetry.space_group_name_Hall            ? 
# 
_exptl.entry_id          2B96 
_exptl.method            'X-RAY DIFFRACTION' 
_exptl.crystals_number   1 
# 
_exptl_crystal.id                    1 
_exptl_crystal.density_meas          ? 
_exptl_crystal.density_Matthews      2.29 
_exptl_crystal.density_percent_sol   46.33 
_exptl_crystal.description           ? 
_exptl_crystal.F_000                 ? 
_exptl_crystal.preparation           ? 
# 
_exptl_crystal_grow.crystal_id      1 
_exptl_crystal_grow.method          'VAPOR DIFFUSION, HANGING DROP' 
_exptl_crystal_grow.temp            293 
_exptl_crystal_grow.temp_details    ? 
_exptl_crystal_grow.pH              7.2 
_exptl_crystal_grow.pdbx_details    
;50 mM Tris Buffer, 70% MPD reservoir, 15-20 mg/ml protein, 5mM CaCl2, 1microlitre anisic acid, pH 7.2, VAPOR DIFFUSION, HANGING DROP, temperature 293K
;
_exptl_crystal_grow.pdbx_pH_range   . 
# 
_diffrn.id                     1 
_diffrn.ambient_temp           293 
_diffrn.ambient_temp_details   ? 
_diffrn.crystal_id             1 
# 
_diffrn_detector.diffrn_id              1 
_diffrn_detector.detector               'IMAGE PLATE' 
_diffrn_detector.type                   ? 
_diffrn_detector.pdbx_collection_date   ? 
_diffrn_detector.details                ? 
# 
_diffrn_radiation.diffrn_id                        1 
_diffrn_radiation.wavelength_id                    1 
_diffrn_radiation.pdbx_monochromatic_or_laue_m_l   M 
_diffrn_radiation.monochromator                    ? 
_diffrn_radiation.pdbx_diffrn_protocol             'SINGLE WAVELENGTH' 
_diffrn_radiation.pdbx_scattering_type             x-ray 
# 
_diffrn_radiation_wavelength.id           1 
_diffrn_radiation_wavelength.wavelength   . 
_diffrn_radiation_wavelength.wt           1.0 
# 
_diffrn_source.diffrn_id                   1 
_diffrn_source.source                      'ROTATING ANODE' 
_diffrn_source.type                        ? 
_diffrn_source.pdbx_synchrotron_site       ? 
_diffrn_source.pdbx_synchrotron_beamline   ? 
_diffrn_source.pdbx_wavelength             ? 
_diffrn_source.pdbx_wavelength_list        ? 
# 
_reflns.entry_id                     2B96 
_reflns.observed_criterion_sigma_F   0.0 
_reflns.observed_criterion_sigma_I   0.0 
_reflns.d_resolution_high            1.7 
_reflns.d_resolution_low             20.0 
_reflns.number_all                   ? 
_reflns.number_obs                   14435 
_reflns.percent_possible_obs         98.9 
_reflns.pdbx_Rmerge_I_obs            0.132 
_reflns.pdbx_Rsym_value              ? 
_reflns.pdbx_netI_over_sigmaI        ? 
_reflns.B_iso_Wilson_estimate        ? 
_reflns.pdbx_redundancy              ? 
_reflns.R_free_details               ? 
_reflns.limit_h_max                  ? 
_reflns.limit_h_min                  ? 
_reflns.limit_k_max                  ? 
_reflns.limit_k_min                  ? 
_reflns.limit_l_max                  ? 
_reflns.limit_l_min                  ? 
_reflns.observed_criterion_F_max     ? 
_reflns.observed_criterion_F_min     ? 
_reflns.pdbx_chi_squared             ? 
_reflns.pdbx_scaling_rejects         ? 
_reflns.pdbx_diffrn_id               1 
_reflns.pdbx_ordinal                 1 
# 
_reflns_shell.d_res_high             1.70 
_reflns_shell.d_res_low              1.81 
_reflns_shell.percent_possible_all   94.7 
_reflns_shell.Rmerge_I_obs           0.132 
_reflns_shell.pdbx_Rsym_value        ? 
_reflns_shell.meanI_over_sigI_obs    ? 
_reflns_shell.pdbx_redundancy        5.40 
_reflns_shell.percent_possible_obs   ? 
_reflns_shell.number_unique_all      116129 
_reflns_shell.number_measured_all    ? 
_reflns_shell.number_measured_obs    ? 
_reflns_shell.number_unique_obs      ? 
_reflns_shell.pdbx_chi_squared       ? 
_reflns_shell.pdbx_diffrn_id         ? 
_reflns_shell.pdbx_ordinal           1 
# 
_refine.entry_id                                 2B96 
_refine.ls_d_res_high                            1.70 
_refine.ls_d_res_low                             20.0 
_refine.pdbx_ls_sigma_F                          0.0 
_refine.pdbx_ls_sigma_I                          0.0 
_refine.ls_number_reflns_all                     14469 
_refine.ls_number_reflns_obs                     14435 
_refine.ls_number_reflns_R_free                  727 
_refine.ls_percent_reflns_obs                    98.9 
_refine.ls_R_factor_all                          ? 
_refine.ls_R_factor_obs                          ? 
_refine.ls_R_factor_R_work                       0.202 
_refine.ls_R_factor_R_free                       0.221 
_refine.ls_redundancy_reflns_obs                 ? 
_refine.pdbx_data_cutoff_high_absF               ? 
_refine.pdbx_data_cutoff_low_absF                ? 
_refine.ls_number_parameters                     ? 
_refine.ls_number_restraints                     ? 
_refine.ls_percent_reflns_R_free                 ? 
_refine.ls_R_factor_R_free_error                 ? 
_refine.ls_R_factor_R_free_error_details         ? 
_refine.pdbx_method_to_determine_struct          'Molecular Placement' 
_refine.pdbx_starting_model                      1MKT 
_refine.pdbx_ls_cross_valid_method               THROUGHOUT 
_refine.pdbx_R_Free_selection_details            random 
_refine.pdbx_stereochem_target_val_spec_case     ? 
_refine.pdbx_stereochemistry_target_values       'As implemented in CNS' 
_refine.solvent_model_details                    ? 
_refine.solvent_model_param_bsol                 ? 
_refine.solvent_model_param_ksol                 ? 
_refine.occupancy_max                            ? 
_refine.occupancy_min                            ? 
_refine.pdbx_isotropic_thermal_model             Isotropic 
_refine.B_iso_mean                               23.6 
_refine.aniso_B[1][1]                            1.35 
_refine.aniso_B[1][2]                            1.66 
_refine.aniso_B[1][3]                            0.00 
_refine.aniso_B[2][2]                            1.35 
_refine.aniso_B[2][3]                            0.0 
_refine.aniso_B[3][3]                            -2.71 
_refine.details                                  ? 
_refine.B_iso_min                                ? 
_refine.B_iso_max                                ? 
_refine.correlation_coeff_Fo_to_Fc               ? 
_refine.correlation_coeff_Fo_to_Fc_free          ? 
_refine.pdbx_solvent_vdw_probe_radii             ? 
_refine.pdbx_solvent_ion_probe_radii             ? 
_refine.pdbx_solvent_shrinkage_radii             ? 
_refine.overall_SU_R_Cruickshank_DPI             ? 
_refine.overall_SU_R_free                        ? 
_refine.overall_SU_ML                            ? 
_refine.overall_SU_B                             ? 
_refine.pdbx_overall_ESU_R_Free                  ? 
_refine.pdbx_data_cutoff_high_rms_absF           ? 
_refine.pdbx_overall_ESU_R                       ? 
_refine.ls_wR_factor_R_free                      ? 
_refine.ls_wR_factor_R_work                      ? 
_refine.overall_FOM_free_R_set                   ? 
_refine.overall_FOM_work_R_set                   ? 
_refine.pdbx_refine_id                           'X-RAY DIFFRACTION' 
_refine.pdbx_diffrn_id                           1 
_refine.pdbx_TLS_residual_ADP_flag               ? 
_refine.pdbx_overall_phase_error                 ? 
_refine.pdbx_overall_SU_R_free_Cruickshank_DPI   ? 
_refine.pdbx_overall_SU_R_Blow_DPI               ? 
_refine.pdbx_overall_SU_R_free_Blow_DPI          ? 
# 
_refine_analyze.entry_id                        2B96 
_refine_analyze.Luzzati_coordinate_error_obs    0.19 
_refine_analyze.Luzzati_sigma_a_obs             0.19 
_refine_analyze.Luzzati_d_res_low_obs           5.0 
_refine_analyze.Luzzati_coordinate_error_free   0.21 
_refine_analyze.Luzzati_sigma_a_free            0.21 
_refine_analyze.Luzzati_d_res_low_free          ? 
_refine_analyze.number_disordered_residues      ? 
_refine_analyze.occupancy_sum_non_hydrogen      ? 
_refine_analyze.occupancy_sum_hydrogen          ? 
_refine_analyze.pdbx_Luzzati_d_res_high_obs     ? 
_refine_analyze.pdbx_refine_id                  'X-RAY DIFFRACTION' 
# 
_refine_hist.pdbx_refine_id                   'X-RAY DIFFRACTION' 
_refine_hist.cycle_id                         LAST 
_refine_hist.pdbx_number_atoms_protein        954 
_refine_hist.pdbx_number_atoms_nucleic_acid   0 
_refine_hist.pdbx_number_atoms_ligand         47 
_refine_hist.number_atoms_solvent             125 
_refine_hist.number_atoms_total               1126 
_refine_hist.d_res_high                       1.70 
_refine_hist.d_res_low                        20.0 
# 
loop_
_refine_ls_restr.type 
_refine_ls_restr.dev_ideal 
_refine_ls_restr.dev_ideal_target 
_refine_ls_restr.weight 
_refine_ls_restr.number 
_refine_ls_restr.pdbx_refine_id 
_refine_ls_restr.pdbx_restraint_function 
c_bond_d           0.006 ? ? ? 'X-RAY DIFFRACTION' ? 
c_angle_d          2.0   ? ? ? 'X-RAY DIFFRACTION' ? 
c_dihedral_angle_d 22.5  ? ? ? 'X-RAY DIFFRACTION' ? 
c_improper_angle_d 1.62  ? ? ? 'X-RAY DIFFRACTION' ? 
# 
_refine_ls_shell.pdbx_total_number_of_bins_used   ? 
_refine_ls_shell.d_res_high                       1.70 
_refine_ls_shell.d_res_low                        1.76 
_refine_ls_shell.number_reflns_R_work             ? 
_refine_ls_shell.R_factor_R_work                  0.202 
_refine_ls_shell.percent_reflns_obs               98.9 
_refine_ls_shell.R_factor_R_free                  0.221 
_refine_ls_shell.R_factor_R_free_error            0.008 
_refine_ls_shell.percent_reflns_R_free            ? 
_refine_ls_shell.number_reflns_R_free             727 
_refine_ls_shell.number_reflns_obs                14435 
_refine_ls_shell.redundancy_reflns_obs            ? 
_refine_ls_shell.number_reflns_all                ? 
_refine_ls_shell.R_factor_all                     ? 
_refine_ls_shell.pdbx_refine_id                   'X-RAY DIFFRACTION' 
# 
_struct.entry_id                  2B96 
_struct.title                     'Third Calcium ion found in an inhibitor bound phospholipase A2' 
_struct.pdbx_model_details        ? 
_struct.pdbx_CASP_flag            ? 
_struct.pdbx_model_type_details   ? 
# 
_struct_keywords.entry_id        2B96 
_struct_keywords.pdbx_keywords   HYDROLASE 
_struct_keywords.text            'Alpha Helix, Beta Sheet, triple mutant, anisic acid, HYDROLASE' 
# 
loop_
_struct_asym.id 
_struct_asym.pdbx_blank_PDB_chainid_flag 
_struct_asym.pdbx_modified 
_struct_asym.entity_id 
_struct_asym.details 
A N N 1 ? 
B N N 2 ? 
C N N 2 ? 
D N N 2 ? 
E N N 3 ? 
F N N 4 ? 
G N N 4 ? 
H N N 4 ? 
I N N 4 ? 
J N N 5 ? 
K N N 6 ? 
# 
_struct_ref.id                         1 
_struct_ref.db_name                    UNP 
_struct_ref.db_code                    PA21B_BOVIN 
_struct_ref.pdbx_db_accession          P00593 
_struct_ref.entity_id                  1 
_struct_ref.pdbx_seq_one_letter_code   
;ALWQFNGMIKCKIPSSEPLLDFNNYGCYCGLGGSGTPVDDLDRCCQTHDNCYKQAKKLDSCKVLVDNPYTNNYSYSCSNN
EITCSSENNACEAFICNCDRNAAICFSKVPYNKEHKNLDKKNC
;
_struct_ref.pdbx_align_begin           23 
_struct_ref.pdbx_db_isoform            ? 
# 
_struct_ref_seq.align_id                      1 
_struct_ref_seq.ref_id                        1 
_struct_ref_seq.pdbx_PDB_id_code              2B96 
_struct_ref_seq.pdbx_strand_id                A 
_struct_ref_seq.seq_align_beg                 1 
_struct_ref_seq.pdbx_seq_align_beg_ins_code   ? 
_struct_ref_seq.seq_align_end                 123 
_struct_ref_seq.pdbx_seq_align_end_ins_code   ? 
_struct_ref_seq.pdbx_db_accession             P00593 
_struct_ref_seq.db_align_beg                  23 
_struct_ref_seq.pdbx_db_align_beg_ins_code    ? 
_struct_ref_seq.db_align_end                  145 
_struct_ref_seq.pdbx_db_align_end_ins_code    ? 
_struct_ref_seq.pdbx_auth_seq_align_beg       1 
_struct_ref_seq.pdbx_auth_seq_align_end       123 
# 
loop_
_struct_ref_seq_dif.align_id 
_struct_ref_seq_dif.pdbx_pdb_id_code 
_struct_ref_seq_dif.mon_id 
_struct_ref_seq_dif.pdbx_pdb_strand_id 
_struct_ref_seq_dif.seq_num 
_struct_ref_seq_dif.pdbx_pdb_ins_code 
_struct_ref_seq_dif.pdbx_seq_db_name 
_struct_ref_seq_dif.pdbx_seq_db_accession_code 
_struct_ref_seq_dif.db_mon_id 
_struct_ref_seq_dif.pdbx_seq_db_seq_num 
_struct_ref_seq_dif.details 
_struct_ref_seq_dif.pdbx_auth_seq_num 
_struct_ref_seq_dif.pdbx_ordinal 
1 2B96 MET A 53  ? UNP P00593 LYS 75  'engineered mutation' 53  1 
1 2B96 MET A 56  ? UNP P00593 LYS 78  'engineered mutation' 56  2 
1 2B96 MET A 121 ? UNP P00593 LYS 143 'engineered mutation' 121 3 
# 
_pdbx_struct_assembly.id                   1 
_pdbx_struct_assembly.details              author_defined_assembly 
_pdbx_struct_assembly.method_details       ? 
_pdbx_struct_assembly.oligomeric_details   monomeric 
_pdbx_struct_assembly.oligomeric_count     1 
# 
_pdbx_struct_assembly_gen.assembly_id       1 
_pdbx_struct_assembly_gen.oper_expression   1 
_pdbx_struct_assembly_gen.asym_id_list      A,B,C,D,E,F,G,H,I,J,K 
# 
_pdbx_struct_oper_list.id                   1 
_pdbx_struct_oper_list.type                 'identity operation' 
_pdbx_struct_oper_list.name                 1_555 
_pdbx_struct_oper_list.symmetry_operation   x,y,z 
_pdbx_struct_oper_list.matrix[1][1]         1.0000000000 
_pdbx_struct_oper_list.matrix[1][2]         0.0000000000 
_pdbx_struct_oper_list.matrix[1][3]         0.0000000000 
_pdbx_struct_oper_list.vector[1]            0.0000000000 
_pdbx_struct_oper_list.matrix[2][1]         0.0000000000 
_pdbx_struct_oper_list.matrix[2][2]         1.0000000000 
_pdbx_struct_oper_list.matrix[2][3]         0.0000000000 
_pdbx_struct_oper_list.vector[2]            0.0000000000 
_pdbx_struct_oper_list.matrix[3][1]         0.0000000000 
_pdbx_struct_oper_list.matrix[3][2]         0.0000000000 
_pdbx_struct_oper_list.matrix[3][3]         1.0000000000 
_pdbx_struct_oper_list.vector[3]            0.0000000000 
# 
_struct_biol.id                    1 
_struct_biol.pdbx_parent_biol_id   ? 
_struct_biol.details               ? 
# 
loop_
_struct_conf.conf_type_id 
_struct_conf.id 
_struct_conf.pdbx_PDB_helix_id 
_struct_conf.beg_label_comp_id 
_struct_conf.beg_label_asym_id 
_struct_conf.beg_label_seq_id 
_struct_conf.pdbx_beg_PDB_ins_code 
_struct_conf.end_label_comp_id 
_struct_conf.end_label_asym_id 
_struct_conf.end_label_seq_id 
_struct_conf.pdbx_end_PDB_ins_code 
_struct_conf.beg_auth_comp_id 
_struct_conf.beg_auth_asym_id 
_struct_conf.beg_auth_seq_id 
_struct_conf.end_auth_comp_id 
_struct_conf.end_auth_asym_id 
_struct_conf.end_auth_seq_id 
_struct_conf.pdbx_PDB_helix_class 
_struct_conf.details 
_struct_conf.pdbx_PDB_helix_length 
HELX_P HELX_P1 1 ALA A 1   ? ILE A 13  ? ALA A 1   ILE A 13  1 ? 13 
HELX_P HELX_P2 2 GLU A 17  ? PHE A 22  ? GLU A 17  PHE A 22  1 ? 6  
HELX_P HELX_P3 3 ASP A 39  ? LEU A 58  ? ASP A 39  LEU A 58  1 ? 20 
HELX_P HELX_P4 4 LEU A 58  ? VAL A 63  ? LEU A 58  VAL A 63  1 ? 6  
HELX_P HELX_P5 5 ASN A 89  ? VAL A 109 ? ASN A 89  VAL A 109 1 ? 21 
HELX_P HELX_P6 6 ASN A 112 ? LYS A 116 ? ASN A 112 LYS A 116 5 ? 5  
# 
_struct_conf_type.id          HELX_P 
_struct_conf_type.criteria    ? 
_struct_conf_type.reference   ? 
# 
loop_
_struct_conn.id 
_struct_conn.conn_type_id 
_struct_conn.pdbx_leaving_atom_flag 
_struct_conn.pdbx_PDB_id 
_struct_conn.ptnr1_label_asym_id 
_struct_conn.ptnr1_label_comp_id 
_struct_conn.ptnr1_label_seq_id 
_struct_conn.ptnr1_label_atom_id 
_struct_conn.pdbx_ptnr1_label_alt_id 
_struct_conn.pdbx_ptnr1_PDB_ins_code 
_struct_conn.pdbx_ptnr1_standard_comp_id 
_struct_conn.ptnr1_symmetry 
_struct_conn.ptnr2_label_asym_id 
_struct_conn.ptnr2_label_comp_id 
_struct_conn.ptnr2_label_seq_id 
_struct_conn.ptnr2_label_atom_id 
_struct_conn.pdbx_ptnr2_label_alt_id 
_struct_conn.pdbx_ptnr2_PDB_ins_code 
_struct_conn.ptnr1_auth_asym_id 
_struct_conn.ptnr1_auth_comp_id 
_struct_conn.ptnr1_auth_seq_id 
_struct_conn.ptnr2_auth_asym_id 
_struct_conn.ptnr2_auth_comp_id 
_struct_conn.ptnr2_auth_seq_id 
_struct_conn.ptnr2_symmetry 
_struct_conn.pdbx_ptnr3_label_atom_id 
_struct_conn.pdbx_ptnr3_label_seq_id 
_struct_conn.pdbx_ptnr3_label_comp_id 
_struct_conn.pdbx_ptnr3_label_asym_id 
_struct_conn.pdbx_ptnr3_label_alt_id 
_struct_conn.pdbx_ptnr3_PDB_ins_code 
_struct_conn.details 
_struct_conn.pdbx_dist_value 
_struct_conn.pdbx_value_order 
_struct_conn.pdbx_role 
disulf1  disulf ? ? A CYS 11  SG  ? ? ? 1_555 A CYS 77  SG ? ? A CYS 11  A CYS 77  1_555 ? ? ? ? ? ? ? 2.029 ? ? 
disulf2  disulf ? ? A CYS 27  SG  ? ? ? 1_555 A CYS 123 SG ? ? A CYS 27  A CYS 123 1_555 ? ? ? ? ? ? ? 2.028 ? ? 
disulf3  disulf ? ? A CYS 29  SG  ? ? ? 1_555 A CYS 45  SG ? ? A CYS 29  A CYS 45  1_555 ? ? ? ? ? ? ? 2.029 ? ? 
disulf4  disulf ? ? A CYS 44  SG  ? ? ? 1_555 A CYS 105 SG ? ? A CYS 44  A CYS 105 1_555 ? ? ? ? ? ? ? 2.033 ? ? 
disulf5  disulf ? ? A CYS 51  SG  ? ? ? 1_555 A CYS 98  SG ? ? A CYS 51  A CYS 98  1_555 ? ? ? ? ? ? ? 2.027 ? ? 
disulf6  disulf ? ? A CYS 61  SG  ? ? ? 1_555 A CYS 91  SG ? ? A CYS 61  A CYS 91  1_555 ? ? ? ? ? ? ? 2.033 ? ? 
disulf7  disulf ? ? A CYS 84  SG  ? ? ? 1_555 A CYS 96  SG ? ? A CYS 84  A CYS 96  1_555 ? ? ? ? ? ? ? 2.030 ? ? 
metalc1  metalc ? ? A TYR 28  O   ? ? ? 1_555 B CA  .   CA ? ? A TYR 28  A CA  124 1_555 ? ? ? ? ? ? ? 2.278 ? ? 
metalc2  metalc ? ? A GLY 30  O   ? ? ? 1_555 B CA  .   CA ? ? A GLY 30  A CA  124 1_555 ? ? ? ? ? ? ? 2.347 ? ? 
metalc3  metalc ? ? A GLY 32  O   ? ? ? 1_555 B CA  .   CA ? ? A GLY 32  A CA  124 1_555 ? ? ? ? ? ? ? 2.512 ? ? 
metalc4  metalc ? ? A ASP 49  OD2 ? ? ? 1_555 B CA  .   CA ? ? A ASP 49  A CA  124 1_555 ? ? ? ? ? ? ? 2.462 ? ? 
metalc5  metalc ? ? A ASP 49  OD1 ? ? ? 1_555 B CA  .   CA ? ? A ASP 49  A CA  124 1_555 ? ? ? ? ? ? ? 2.529 ? ? 
metalc6  metalc ? ? A ASN 71  OD1 ? ? ? 1_555 C CA  .   CA ? ? A ASN 71  A CA  125 1_555 ? ? ? ? ? ? ? 2.302 ? ? 
metalc7  metalc ? ? A ASN 72  O   ? ? ? 1_555 C CA  .   CA ? ? A ASN 72  A CA  125 1_555 ? ? ? ? ? ? ? 2.305 ? ? 
metalc8  metalc ? ? A GLU 92  OE1 ? ? ? 1_555 C CA  .   CA ? ? A GLU 92  A CA  125 1_555 ? ? ? ? ? ? ? 2.505 ? ? 
metalc9  metalc ? ? A ASN 112 OD1 ? ? ? 4_656 D CA  .   CA ? ? A ASN 112 A CA  126 1_555 ? ? ? ? ? ? ? 2.443 ? ? 
metalc10 metalc ? ? A CYS 123 O   ? ? ? 1_555 D CA  .   CA ? ? A CYS 123 A CA  126 1_555 ? ? ? ? ? ? ? 2.857 ? ? 
metalc11 metalc ? ? A CYS 123 OXT ? ? ? 1_555 D CA  .   CA ? ? A CYS 123 A CA  126 1_555 ? ? ? ? ? ? ? 2.320 ? ? 
metalc12 metalc ? ? B CA  .   CA  ? ? ? 1_555 K HOH .   O  ? ? A CA  124 A HOH 203 1_555 ? ? ? ? ? ? ? 2.561 ? ? 
metalc13 metalc ? ? B CA  .   CA  ? ? ? 1_555 J ANN .   O1 ? ? A CA  124 A ANN 501 1_555 ? ? ? ? ? ? ? 2.492 ? ? 
metalc14 metalc ? ? C CA  .   CA  ? ? ? 1_555 K HOH .   O  ? ? A CA  125 A HOH 226 1_555 ? ? ? ? ? ? ? 2.514 ? ? 
metalc15 metalc ? ? C CA  .   CA  ? ? ? 1_555 K HOH .   O  ? ? A CA  125 A HOH 233 1_555 ? ? ? ? ? ? ? 2.592 ? ? 
metalc16 metalc ? ? C CA  .   CA  ? ? ? 1_555 K HOH .   O  ? ? A CA  125 A HOH 317 1_555 ? ? ? ? ? ? ? 2.454 ? ? 
metalc17 metalc ? ? D CA  .   CA  ? ? ? 1_555 K HOH .   O  ? ? A CA  126 A HOH 223 1_555 ? ? ? ? ? ? ? 2.315 ? ? 
metalc18 metalc ? ? D CA  .   CA  ? ? ? 1_555 K HOH .   O  ? ? A CA  126 A HOH 248 4_656 ? ? ? ? ? ? ? 2.343 ? ? 
metalc19 metalc ? ? D CA  .   CA  ? ? ? 1_555 K HOH .   O  ? ? A CA  126 A HOH 249 4_656 ? ? ? ? ? ? ? 2.388 ? ? 
metalc20 metalc ? ? D CA  .   CA  ? ? ? 1_555 F TRS .   O1 ? ? A CA  126 A TRS 601 1_555 ? ? ? ? ? ? ? 2.280 ? ? 
metalc21 metalc ? ? D CA  .   CA  ? ? ? 1_555 F TRS .   O2 ? ? A CA  126 A TRS 601 1_555 ? ? ? ? ? ? ? 2.614 ? ? 
# 
loop_
_struct_conn_type.id 
_struct_conn_type.criteria 
_struct_conn_type.reference 
disulf ? ? 
metalc ? ? 
# 
loop_
_pdbx_struct_conn_angle.id 
_pdbx_struct_conn_angle.ptnr1_label_atom_id 
_pdbx_struct_conn_angle.ptnr1_label_alt_id 
_pdbx_struct_conn_angle.ptnr1_label_asym_id 
_pdbx_struct_conn_angle.ptnr1_label_comp_id 
_pdbx_struct_conn_angle.ptnr1_label_seq_id 
_pdbx_struct_conn_angle.ptnr1_auth_atom_id 
_pdbx_struct_conn_angle.ptnr1_auth_asym_id 
_pdbx_struct_conn_angle.ptnr1_auth_comp_id 
_pdbx_struct_conn_angle.ptnr1_auth_seq_id 
_pdbx_struct_conn_angle.ptnr1_PDB_ins_code 
_pdbx_struct_conn_angle.ptnr1_symmetry 
_pdbx_struct_conn_angle.ptnr2_label_atom_id 
_pdbx_struct_conn_angle.ptnr2_label_alt_id 
_pdbx_struct_conn_angle.ptnr2_label_asym_id 
_pdbx_struct_conn_angle.ptnr2_label_comp_id 
_pdbx_struct_conn_angle.ptnr2_label_seq_id 
_pdbx_struct_conn_angle.ptnr2_auth_atom_id 
_pdbx_struct_conn_angle.ptnr2_auth_asym_id 
_pdbx_struct_conn_angle.ptnr2_auth_comp_id 
_pdbx_struct_conn_angle.ptnr2_auth_seq_id 
_pdbx_struct_conn_angle.ptnr2_PDB_ins_code 
_pdbx_struct_conn_angle.ptnr2_symmetry 
_pdbx_struct_conn_angle.ptnr3_label_atom_id 
_pdbx_struct_conn_angle.ptnr3_label_alt_id 
_pdbx_struct_conn_angle.ptnr3_label_asym_id 
_pdbx_struct_conn_angle.ptnr3_label_comp_id 
_pdbx_struct_conn_angle.ptnr3_label_seq_id 
_pdbx_struct_conn_angle.ptnr3_auth_atom_id 
_pdbx_struct_conn_angle.ptnr3_auth_asym_id 
_pdbx_struct_conn_angle.ptnr3_auth_comp_id 
_pdbx_struct_conn_angle.ptnr3_auth_seq_id 
_pdbx_struct_conn_angle.ptnr3_PDB_ins_code 
_pdbx_struct_conn_angle.ptnr3_symmetry 
_pdbx_struct_conn_angle.value 
_pdbx_struct_conn_angle.value_esd 
1  O   ? A TYR 28  ? A TYR 28  ? 1_555 CA ? B CA . ? A CA 124 ? 1_555 O   ? A GLY 30  ? A GLY 30  ? 1_555 87.3  ? 
2  O   ? A TYR 28  ? A TYR 28  ? 1_555 CA ? B CA . ? A CA 124 ? 1_555 O   ? A GLY 32  ? A GLY 32  ? 1_555 90.3  ? 
3  O   ? A GLY 30  ? A GLY 30  ? 1_555 CA ? B CA . ? A CA 124 ? 1_555 O   ? A GLY 32  ? A GLY 32  ? 1_555 74.7  ? 
4  O   ? A TYR 28  ? A TYR 28  ? 1_555 CA ? B CA . ? A CA 124 ? 1_555 OD2 ? A ASP 49  ? A ASP 49  ? 1_555 96.6  ? 
5  O   ? A GLY 30  ? A GLY 30  ? 1_555 CA ? B CA . ? A CA 124 ? 1_555 OD2 ? A ASP 49  ? A ASP 49  ? 1_555 153.3 ? 
6  O   ? A GLY 32  ? A GLY 32  ? 1_555 CA ? B CA . ? A CA 124 ? 1_555 OD2 ? A ASP 49  ? A ASP 49  ? 1_555 78.9  ? 
7  O   ? A TYR 28  ? A TYR 28  ? 1_555 CA ? B CA . ? A CA 124 ? 1_555 OD1 ? A ASP 49  ? A ASP 49  ? 1_555 100.9 ? 
8  O   ? A GLY 30  ? A GLY 30  ? 1_555 CA ? B CA . ? A CA 124 ? 1_555 OD1 ? A ASP 49  ? A ASP 49  ? 1_555 152.9 ? 
9  O   ? A GLY 32  ? A GLY 32  ? 1_555 CA ? B CA . ? A CA 124 ? 1_555 OD1 ? A ASP 49  ? A ASP 49  ? 1_555 130.4 ? 
10 OD2 ? A ASP 49  ? A ASP 49  ? 1_555 CA ? B CA . ? A CA 124 ? 1_555 OD1 ? A ASP 49  ? A ASP 49  ? 1_555 52.0  ? 
11 O   ? A TYR 28  ? A TYR 28  ? 1_555 CA ? B CA . ? A CA 124 ? 1_555 O   ? K HOH .   ? A HOH 203 ? 1_555 175.4 ? 
12 O   ? A GLY 30  ? A GLY 30  ? 1_555 CA ? B CA . ? A CA 124 ? 1_555 O   ? K HOH .   ? A HOH 203 ? 1_555 88.1  ? 
13 O   ? A GLY 32  ? A GLY 32  ? 1_555 CA ? B CA . ? A CA 124 ? 1_555 O   ? K HOH .   ? A HOH 203 ? 1_555 89.0  ? 
14 OD2 ? A ASP 49  ? A ASP 49  ? 1_555 CA ? B CA . ? A CA 124 ? 1_555 O   ? K HOH .   ? A HOH 203 ? 1_555 87.8  ? 
15 OD1 ? A ASP 49  ? A ASP 49  ? 1_555 CA ? B CA . ? A CA 124 ? 1_555 O   ? K HOH .   ? A HOH 203 ? 1_555 83.0  ? 
16 O   ? A TYR 28  ? A TYR 28  ? 1_555 CA ? B CA . ? A CA 124 ? 1_555 O1  ? J ANN .   ? A ANN 501 ? 1_555 78.1  ? 
17 O   ? A GLY 30  ? A GLY 30  ? 1_555 CA ? B CA . ? A CA 124 ? 1_555 O1  ? J ANN .   ? A ANN 501 ? 1_555 84.3  ? 
18 O   ? A GLY 32  ? A GLY 32  ? 1_555 CA ? B CA . ? A CA 124 ? 1_555 O1  ? J ANN .   ? A ANN 501 ? 1_555 156.5 ? 
19 OD2 ? A ASP 49  ? A ASP 49  ? 1_555 CA ? B CA . ? A CA 124 ? 1_555 O1  ? J ANN .   ? A ANN 501 ? 1_555 122.3 ? 
20 OD1 ? A ASP 49  ? A ASP 49  ? 1_555 CA ? B CA . ? A CA 124 ? 1_555 O1  ? J ANN .   ? A ANN 501 ? 1_555 72.4  ? 
21 O   ? K HOH .   ? A HOH 203 ? 1_555 CA ? B CA . ? A CA 124 ? 1_555 O1  ? J ANN .   ? A ANN 501 ? 1_555 100.9 ? 
22 OD1 ? A ASN 71  ? A ASN 71  ? 1_555 CA ? C CA . ? A CA 125 ? 1_555 O   ? A ASN 72  ? A ASN 72  ? 1_555 84.1  ? 
23 OD1 ? A ASN 71  ? A ASN 71  ? 1_555 CA ? C CA . ? A CA 125 ? 1_555 OE1 ? A GLU 92  ? A GLU 92  ? 1_555 101.2 ? 
24 O   ? A ASN 72  ? A ASN 72  ? 1_555 CA ? C CA . ? A CA 125 ? 1_555 OE1 ? A GLU 92  ? A GLU 92  ? 1_555 83.2  ? 
25 OD1 ? A ASN 71  ? A ASN 71  ? 1_555 CA ? C CA . ? A CA 125 ? 1_555 O   ? K HOH .   ? A HOH 226 ? 1_555 85.2  ? 
26 O   ? A ASN 72  ? A ASN 72  ? 1_555 CA ? C CA . ? A CA 125 ? 1_555 O   ? K HOH .   ? A HOH 226 ? 1_555 159.7 ? 
27 OE1 ? A GLU 92  ? A GLU 92  ? 1_555 CA ? C CA . ? A CA 125 ? 1_555 O   ? K HOH .   ? A HOH 226 ? 1_555 82.0  ? 
28 OD1 ? A ASN 71  ? A ASN 71  ? 1_555 CA ? C CA . ? A CA 125 ? 1_555 O   ? K HOH .   ? A HOH 233 ? 1_555 88.4  ? 
29 O   ? A ASN 72  ? A ASN 72  ? 1_555 CA ? C CA . ? A CA 125 ? 1_555 O   ? K HOH .   ? A HOH 233 ? 1_555 100.9 ? 
30 OE1 ? A GLU 92  ? A GLU 92  ? 1_555 CA ? C CA . ? A CA 125 ? 1_555 O   ? K HOH .   ? A HOH 233 ? 1_555 169.9 ? 
31 O   ? K HOH .   ? A HOH 226 ? 1_555 CA ? C CA . ? A CA 125 ? 1_555 O   ? K HOH .   ? A HOH 233 ? 1_555 96.0  ? 
32 OD1 ? A ASN 71  ? A ASN 71  ? 1_555 CA ? C CA . ? A CA 125 ? 1_555 O   ? K HOH .   ? A HOH 317 ? 1_555 159.6 ? 
33 O   ? A ASN 72  ? A ASN 72  ? 1_555 CA ? C CA . ? A CA 125 ? 1_555 O   ? K HOH .   ? A HOH 317 ? 1_555 113.9 ? 
34 OE1 ? A GLU 92  ? A GLU 92  ? 1_555 CA ? C CA . ? A CA 125 ? 1_555 O   ? K HOH .   ? A HOH 317 ? 1_555 90.9  ? 
35 O   ? K HOH .   ? A HOH 226 ? 1_555 CA ? C CA . ? A CA 125 ? 1_555 O   ? K HOH .   ? A HOH 317 ? 1_555 80.2  ? 
36 O   ? K HOH .   ? A HOH 233 ? 1_555 CA ? C CA . ? A CA 125 ? 1_555 O   ? K HOH .   ? A HOH 317 ? 1_555 79.0  ? 
37 OD1 ? A ASN 112 ? A ASN 112 ? 4_656 CA ? D CA . ? A CA 126 ? 1_555 O   ? A CYS 123 ? A CYS 123 ? 1_555 146.6 ? 
38 OD1 ? A ASN 112 ? A ASN 112 ? 4_656 CA ? D CA . ? A CA 126 ? 1_555 OXT ? A CYS 123 ? A CYS 123 ? 1_555 156.4 ? 
39 O   ? A CYS 123 ? A CYS 123 ? 1_555 CA ? D CA . ? A CA 126 ? 1_555 OXT ? A CYS 123 ? A CYS 123 ? 1_555 49.1  ? 
40 OD1 ? A ASN 112 ? A ASN 112 ? 4_656 CA ? D CA . ? A CA 126 ? 1_555 O   ? K HOH .   ? A HOH 223 ? 1_555 100.7 ? 
41 O   ? A CYS 123 ? A CYS 123 ? 1_555 CA ? D CA . ? A CA 126 ? 1_555 O   ? K HOH .   ? A HOH 223 ? 1_555 76.7  ? 
42 OXT ? A CYS 123 ? A CYS 123 ? 1_555 CA ? D CA . ? A CA 126 ? 1_555 O   ? K HOH .   ? A HOH 223 ? 1_555 101.2 ? 
43 OD1 ? A ASN 112 ? A ASN 112 ? 4_656 CA ? D CA . ? A CA 126 ? 1_555 O   ? K HOH .   ? A HOH 248 ? 4_656 85.6  ? 
44 O   ? A CYS 123 ? A CYS 123 ? 1_555 CA ? D CA . ? A CA 126 ? 1_555 O   ? K HOH .   ? A HOH 248 ? 4_656 123.6 ? 
45 OXT ? A CYS 123 ? A CYS 123 ? 1_555 CA ? D CA . ? A CA 126 ? 1_555 O   ? K HOH .   ? A HOH 248 ? 4_656 93.0  ? 
46 O   ? K HOH .   ? A HOH 223 ? 1_555 CA ? D CA . ? A CA 126 ? 1_555 O   ? K HOH .   ? A HOH 248 ? 4_656 72.1  ? 
47 OD1 ? A ASN 112 ? A ASN 112 ? 4_656 CA ? D CA . ? A CA 126 ? 1_555 O   ? K HOH .   ? A HOH 249 ? 4_656 82.4  ? 
48 O   ? A CYS 123 ? A CYS 123 ? 1_555 CA ? D CA . ? A CA 126 ? 1_555 O   ? K HOH .   ? A HOH 249 ? 4_656 118.0 ? 
49 OXT ? A CYS 123 ? A CYS 123 ? 1_555 CA ? D CA . ? A CA 126 ? 1_555 O   ? K HOH .   ? A HOH 249 ? 4_656 74.5  ? 
50 O   ? K HOH .   ? A HOH 223 ? 1_555 CA ? D CA . ? A CA 126 ? 1_555 O   ? K HOH .   ? A HOH 249 ? 4_656 147.3 ? 
51 O   ? K HOH .   ? A HOH 248 ? 4_656 CA ? D CA . ? A CA 126 ? 1_555 O   ? K HOH .   ? A HOH 249 ? 4_656 75.7  ? 
52 OD1 ? A ASN 112 ? A ASN 112 ? 4_656 CA ? D CA . ? A CA 126 ? 1_555 O1  ? F TRS .   ? A TRS 601 ? 1_555 69.2  ? 
53 O   ? A CYS 123 ? A CYS 123 ? 1_555 CA ? D CA . ? A CA 126 ? 1_555 O1  ? F TRS .   ? A TRS 601 ? 1_555 79.1  ? 
54 OXT ? A CYS 123 ? A CYS 123 ? 1_555 CA ? D CA . ? A CA 126 ? 1_555 O1  ? F TRS .   ? A TRS 601 ? 1_555 127.5 ? 
55 O   ? K HOH .   ? A HOH 223 ? 1_555 CA ? D CA . ? A CA 126 ? 1_555 O1  ? F TRS .   ? A TRS 601 ? 1_555 69.2  ? 
56 O   ? K HOH .   ? A HOH 248 ? 4_656 CA ? D CA . ? A CA 126 ? 1_555 O1  ? F TRS .   ? A TRS 601 ? 1_555 127.9 ? 
57 O   ? K HOH .   ? A HOH 249 ? 4_656 CA ? D CA . ? A CA 126 ? 1_555 O1  ? F TRS .   ? A TRS 601 ? 1_555 139.2 ? 
58 OD1 ? A ASN 112 ? A ASN 112 ? 4_656 CA ? D CA . ? A CA 126 ? 1_555 O2  ? F TRS .   ? A TRS 601 ? 1_555 85.3  ? 
59 O   ? A CYS 123 ? A CYS 123 ? 1_555 CA ? D CA . ? A CA 126 ? 1_555 O2  ? F TRS .   ? A TRS 601 ? 1_555 78.0  ? 
60 OXT ? A CYS 123 ? A CYS 123 ? 1_555 CA ? D CA . ? A CA 126 ? 1_555 O2  ? F TRS .   ? A TRS 601 ? 1_555 82.9  ? 
61 O   ? K HOH .   ? A HOH 223 ? 1_555 CA ? D CA . ? A CA 126 ? 1_555 O2  ? F TRS .   ? A TRS 601 ? 1_555 141.6 ? 
62 O   ? K HOH .   ? A HOH 248 ? 4_656 CA ? D CA . ? A CA 126 ? 1_555 O2  ? F TRS .   ? A TRS 601 ? 1_555 146.2 ? 
63 O   ? K HOH .   ? A HOH 249 ? 4_656 CA ? D CA . ? A CA 126 ? 1_555 O2  ? F TRS .   ? A TRS 601 ? 1_555 70.9  ? 
64 O1  ? F TRS .   ? A TRS 601 ? 1_555 CA ? D CA . ? A CA 126 ? 1_555 O2  ? F TRS .   ? A TRS 601 ? 1_555 78.1  ? 
# 
loop_
_pdbx_modification_feature.ordinal 
_pdbx_modification_feature.label_comp_id 
_pdbx_modification_feature.label_asym_id 
_pdbx_modification_feature.label_seq_id 
_pdbx_modification_feature.label_alt_id 
_pdbx_modification_feature.modified_residue_label_comp_id 
_pdbx_modification_feature.modified_residue_label_asym_id 
_pdbx_modification_feature.modified_residue_label_seq_id 
_pdbx_modification_feature.modified_residue_label_alt_id 
_pdbx_modification_feature.auth_comp_id 
_pdbx_modification_feature.auth_asym_id 
_pdbx_modification_feature.auth_seq_id 
_pdbx_modification_feature.PDB_ins_code 
_pdbx_modification_feature.symmetry 
_pdbx_modification_feature.modified_residue_auth_comp_id 
_pdbx_modification_feature.modified_residue_auth_asym_id 
_pdbx_modification_feature.modified_residue_auth_seq_id 
_pdbx_modification_feature.modified_residue_PDB_ins_code 
_pdbx_modification_feature.modified_residue_symmetry 
_pdbx_modification_feature.comp_id_linking_atom 
_pdbx_modification_feature.modified_residue_id_linking_atom 
_pdbx_modification_feature.modified_residue_id 
_pdbx_modification_feature.ref_pcm_id 
_pdbx_modification_feature.ref_comp_id 
_pdbx_modification_feature.type 
_pdbx_modification_feature.category 
1 CYS A 11 ? CYS A 77  ? CYS A 11 ? 1_555 CYS A 77  ? 1_555 SG SG . . . None 'Disulfide bridge' 
2 CYS A 27 ? CYS A 123 ? CYS A 27 ? 1_555 CYS A 123 ? 1_555 SG SG . . . None 'Disulfide bridge' 
3 CYS A 29 ? CYS A 45  ? CYS A 29 ? 1_555 CYS A 45  ? 1_555 SG SG . . . None 'Disulfide bridge' 
4 CYS A 44 ? CYS A 105 ? CYS A 44 ? 1_555 CYS A 105 ? 1_555 SG SG . . . None 'Disulfide bridge' 
5 CYS A 51 ? CYS A 98  ? CYS A 51 ? 1_555 CYS A 98  ? 1_555 SG SG . . . None 'Disulfide bridge' 
6 CYS A 61 ? CYS A 91  ? CYS A 61 ? 1_555 CYS A 91  ? 1_555 SG SG . . . None 'Disulfide bridge' 
7 CYS A 84 ? CYS A 96  ? CYS A 84 ? 1_555 CYS A 96  ? 1_555 SG SG . . . None 'Disulfide bridge' 
# 
_struct_sheet.id               A 
_struct_sheet.type             ? 
_struct_sheet.number_strands   2 
_struct_sheet.details          ? 
# 
_struct_sheet_order.sheet_id     A 
_struct_sheet_order.range_id_1   1 
_struct_sheet_order.range_id_2   2 
_struct_sheet_order.offset       ? 
_struct_sheet_order.sense        anti-parallel 
# 
loop_
_struct_sheet_range.sheet_id 
_struct_sheet_range.id 
_struct_sheet_range.beg_label_comp_id 
_struct_sheet_range.beg_label_asym_id 
_struct_sheet_range.beg_label_seq_id 
_struct_sheet_range.pdbx_beg_PDB_ins_code 
_struct_sheet_range.end_label_comp_id 
_struct_sheet_range.end_label_asym_id 
_struct_sheet_range.end_label_seq_id 
_struct_sheet_range.pdbx_end_PDB_ins_code 
_struct_sheet_range.beg_auth_comp_id 
_struct_sheet_range.beg_auth_asym_id 
_struct_sheet_range.beg_auth_seq_id 
_struct_sheet_range.end_auth_comp_id 
_struct_sheet_range.end_auth_asym_id 
_struct_sheet_range.end_auth_seq_id 
A 1 TYR A 75 ? SER A 78 ? TYR A 75 SER A 78 
A 2 GLU A 81 ? CYS A 84 ? GLU A 81 CYS A 84 
# 
_pdbx_struct_sheet_hbond.sheet_id                A 
_pdbx_struct_sheet_hbond.range_id_1              1 
_pdbx_struct_sheet_hbond.range_id_2              2 
_pdbx_struct_sheet_hbond.range_1_label_atom_id   N 
_pdbx_struct_sheet_hbond.range_1_label_comp_id   SER 
_pdbx_struct_sheet_hbond.range_1_label_asym_id   A 
_pdbx_struct_sheet_hbond.range_1_label_seq_id    76 
_pdbx_struct_sheet_hbond.range_1_PDB_ins_code    ? 
_pdbx_struct_sheet_hbond.range_1_auth_atom_id    N 
_pdbx_struct_sheet_hbond.range_1_auth_comp_id    SER 
_pdbx_struct_sheet_hbond.range_1_auth_asym_id    A 
_pdbx_struct_sheet_hbond.range_1_auth_seq_id     76 
_pdbx_struct_sheet_hbond.range_2_label_atom_id   O 
_pdbx_struct_sheet_hbond.range_2_label_comp_id   THR 
_pdbx_struct_sheet_hbond.range_2_label_asym_id   A 
_pdbx_struct_sheet_hbond.range_2_label_seq_id    83 
_pdbx_struct_sheet_hbond.range_2_PDB_ins_code    ? 
_pdbx_struct_sheet_hbond.range_2_auth_atom_id    O 
_pdbx_struct_sheet_hbond.range_2_auth_comp_id    THR 
_pdbx_struct_sheet_hbond.range_2_auth_asym_id    A 
_pdbx_struct_sheet_hbond.range_2_auth_seq_id     83 
# 
loop_
_struct_site.id 
_struct_site.pdbx_evidence_code 
_struct_site.pdbx_auth_asym_id 
_struct_site.pdbx_auth_comp_id 
_struct_site.pdbx_auth_seq_id 
_struct_site.pdbx_auth_ins_code 
_struct_site.pdbx_num_residues 
_struct_site.details 
AC1 Software A CA  124 ? 7  'BINDING SITE FOR RESIDUE CA A 124'  
AC2 Software A CA  125 ? 6  'BINDING SITE FOR RESIDUE CA A 125'  
AC3 Software A CA  126 ? 6  'BINDING SITE FOR RESIDUE CA A 126'  
AC4 Software A CL  127 ? 3  'BINDING SITE FOR RESIDUE CL A 127'  
AC5 Software A TRS 601 ? 9  'BINDING SITE FOR RESIDUE TRS A 601' 
AC6 Software A TRS 602 ? 7  'BINDING SITE FOR RESIDUE TRS A 602' 
AC7 Software A TRS 603 ? 4  'BINDING SITE FOR RESIDUE TRS A 603' 
AC8 Software A TRS 604 ? 11 'BINDING SITE FOR RESIDUE TRS A 604' 
AC9 Software A ANN 501 ? 8  'BINDING SITE FOR RESIDUE ANN A 501' 
# 
loop_
_struct_site_gen.id 
_struct_site_gen.site_id 
_struct_site_gen.pdbx_num_res 
_struct_site_gen.label_comp_id 
_struct_site_gen.label_asym_id 
_struct_site_gen.label_seq_id 
_struct_site_gen.pdbx_auth_ins_code 
_struct_site_gen.auth_comp_id 
_struct_site_gen.auth_asym_id 
_struct_site_gen.auth_seq_id 
_struct_site_gen.label_atom_id 
_struct_site_gen.label_alt_id 
_struct_site_gen.symmetry 
_struct_site_gen.details 
1  AC1 7  TYR A 28  ? TYR A 28  . ? 1_555 ? 
2  AC1 7  GLY A 30  ? GLY A 30  . ? 1_555 ? 
3  AC1 7  GLY A 32  ? GLY A 32  . ? 1_555 ? 
4  AC1 7  ASP A 49  ? ASP A 49  . ? 1_555 ? 
5  AC1 7  HOH K .   ? HOH A 203 . ? 1_555 ? 
6  AC1 7  ANN J .   ? ANN A 501 . ? 1_555 ? 
7  AC1 7  TRS I .   ? TRS A 604 . ? 1_555 ? 
8  AC2 6  ASN A 71  ? ASN A 71  . ? 1_555 ? 
9  AC2 6  ASN A 72  ? ASN A 72  . ? 1_555 ? 
10 AC2 6  GLU A 92  ? GLU A 92  . ? 1_555 ? 
11 AC2 6  HOH K .   ? HOH A 226 . ? 1_555 ? 
12 AC2 6  HOH K .   ? HOH A 233 . ? 1_555 ? 
13 AC2 6  HOH K .   ? HOH A 317 . ? 1_555 ? 
14 AC3 6  ASN A 112 ? ASN A 112 . ? 4_656 ? 
15 AC3 6  CYS A 123 ? CYS A 123 . ? 1_555 ? 
16 AC3 6  HOH K .   ? HOH A 223 . ? 1_555 ? 
17 AC3 6  HOH K .   ? HOH A 248 . ? 4_656 ? 
18 AC3 6  HOH K .   ? HOH A 249 . ? 4_656 ? 
19 AC3 6  TRS F .   ? TRS A 601 . ? 1_555 ? 
20 AC4 3  LYS A 12  ? LYS A 12  . ? 1_555 ? 
21 AC4 3  ILE A 82  ? ILE A 82  . ? 1_555 ? 
22 AC4 3  ARG A 100 ? ARG A 100 . ? 1_555 ? 
23 AC5 9  VAL A 63  ? VAL A 63  . ? 6_766 ? 
24 AC5 9  ASN A 112 ? ASN A 112 . ? 4_656 ? 
25 AC5 9  LYS A 120 ? LYS A 120 . ? 1_555 ? 
26 AC5 9  MET A 121 ? MET A 121 . ? 1_555 ? 
27 AC5 9  CYS A 123 ? CYS A 123 . ? 1_555 ? 
28 AC5 9  CA  D .   ? CA  A 126 . ? 1_555 ? 
29 AC5 9  HOH K .   ? HOH A 223 . ? 1_555 ? 
30 AC5 9  HOH K .   ? HOH A 249 . ? 4_656 ? 
31 AC5 9  HOH K .   ? HOH A 284 . ? 1_555 ? 
32 AC6 7  GLY A 33  ? GLY A 33  . ? 6_766 ? 
33 AC6 7  MET A 56  ? MET A 56  . ? 1_555 ? 
34 AC6 7  CYS A 61  ? CYS A 61  . ? 1_555 ? 
35 AC6 7  LYS A 62  ? LYS A 62  . ? 1_555 ? 
36 AC6 7  LEU A 64  ? LEU A 64  . ? 1_555 ? 
37 AC6 7  ASP A 66  ? ASP A 66  . ? 1_555 ? 
38 AC6 7  HOH K .   ? HOH A 229 . ? 1_555 ? 
39 AC7 4  PHE A 106 ? PHE A 106 . ? 1_555 ? 
40 AC7 4  VAL A 109 ? VAL A 109 . ? 1_555 ? 
41 AC7 4  HOH K .   ? HOH A 210 . ? 1_555 ? 
42 AC7 4  HOH K .   ? HOH A 287 . ? 1_555 ? 
43 AC8 11 ASN A 24  ? ASN A 24  . ? 1_555 ? 
44 AC8 11 TYR A 25  ? TYR A 25  . ? 1_555 ? 
45 AC8 11 GLY A 26  ? GLY A 26  . ? 1_555 ? 
46 AC8 11 CYS A 27  ? CYS A 27  . ? 1_555 ? 
47 AC8 11 TYR A 28  ? TYR A 28  . ? 1_555 ? 
48 AC8 11 CYS A 29  ? CYS A 29  . ? 1_555 ? 
49 AC8 11 GLY A 30  ? GLY A 30  . ? 1_555 ? 
50 AC8 11 LEU A 31  ? LEU A 31  . ? 1_555 ? 
51 AC8 11 GLY A 32  ? GLY A 32  . ? 1_555 ? 
52 AC8 11 LYS A 120 ? LYS A 120 . ? 1_555 ? 
53 AC8 11 CA  B .   ? CA  A 124 . ? 1_555 ? 
54 AC9 8  PHE A 5   ? PHE A 5   . ? 1_555 ? 
55 AC9 8  LEU A 19  ? LEU A 19  . ? 1_555 ? 
56 AC9 8  TYR A 28  ? TYR A 28  . ? 1_555 ? 
57 AC9 8  GLY A 30  ? GLY A 30  . ? 1_555 ? 
58 AC9 8  ASP A 49  ? ASP A 49  . ? 1_555 ? 
59 AC9 8  TYR A 69  ? TYR A 69  . ? 1_555 ? 
60 AC9 8  CA  B .   ? CA  A 124 . ? 1_555 ? 
61 AC9 8  HOH K .   ? HOH A 204 . ? 1_555 ? 
# 
_pdbx_entry_details.entry_id                   2B96 
_pdbx_entry_details.compound_details           ? 
_pdbx_entry_details.source_details             ? 
_pdbx_entry_details.nonpolymer_details         ? 
_pdbx_entry_details.sequence_details           ? 
_pdbx_entry_details.has_ligand_of_interest     ? 
_pdbx_entry_details.has_protein_modification   Y 
# 
_pdbx_validate_torsion.id              1 
_pdbx_validate_torsion.PDB_model_num   1 
_pdbx_validate_torsion.auth_comp_id    LYS 
_pdbx_validate_torsion.auth_asym_id    A 
_pdbx_validate_torsion.auth_seq_id     120 
_pdbx_validate_torsion.PDB_ins_code    ? 
_pdbx_validate_torsion.label_alt_id    ? 
_pdbx_validate_torsion.phi             -61.85 
_pdbx_validate_torsion.psi             1.63 
# 
loop_
_chem_comp_atom.comp_id 
_chem_comp_atom.atom_id 
_chem_comp_atom.type_symbol 
_chem_comp_atom.pdbx_aromatic_flag 
_chem_comp_atom.pdbx_stereo_config 
_chem_comp_atom.pdbx_ordinal 
ALA N    N  N N 1   
ALA CA   C  N S 2   
ALA C    C  N N 3   
ALA O    O  N N 4   
ALA CB   C  N N 5   
ALA OXT  O  N N 6   
ALA H    H  N N 7   
ALA H2   H  N N 8   
ALA HA   H  N N 9   
ALA HB1  H  N N 10  
ALA HB2  H  N N 11  
ALA HB3  H  N N 12  
ALA HXT  H  N N 13  
ANN C8   C  N N 14  
ANN O3   O  N N 15  
ANN C5   C  Y N 16  
ANN C6   C  Y N 17  
ANN C7   C  Y N 18  
ANN C2   C  Y N 19  
ANN C3   C  Y N 20  
ANN C4   C  Y N 21  
ANN C1   C  N N 22  
ANN O1   O  N N 23  
ANN O2   O  N N 24  
ANN H81  H  N N 25  
ANN H82  H  N N 26  
ANN H83  H  N N 27  
ANN H6   H  N N 28  
ANN H7   H  N N 29  
ANN H3   H  N N 30  
ANN H4   H  N N 31  
ANN HO1  H  N N 32  
ARG N    N  N N 33  
ARG CA   C  N S 34  
ARG C    C  N N 35  
ARG O    O  N N 36  
ARG CB   C  N N 37  
ARG CG   C  N N 38  
ARG CD   C  N N 39  
ARG NE   N  N N 40  
ARG CZ   C  N N 41  
ARG NH1  N  N N 42  
ARG NH2  N  N N 43  
ARG OXT  O  N N 44  
ARG H    H  N N 45  
ARG H2   H  N N 46  
ARG HA   H  N N 47  
ARG HB2  H  N N 48  
ARG HB3  H  N N 49  
ARG HG2  H  N N 50  
ARG HG3  H  N N 51  
ARG HD2  H  N N 52  
ARG HD3  H  N N 53  
ARG HE   H  N N 54  
ARG HH11 H  N N 55  
ARG HH12 H  N N 56  
ARG HH21 H  N N 57  
ARG HH22 H  N N 58  
ARG HXT  H  N N 59  
ASN N    N  N N 60  
ASN CA   C  N S 61  
ASN C    C  N N 62  
ASN O    O  N N 63  
ASN CB   C  N N 64  
ASN CG   C  N N 65  
ASN OD1  O  N N 66  
ASN ND2  N  N N 67  
ASN OXT  O  N N 68  
ASN H    H  N N 69  
ASN H2   H  N N 70  
ASN HA   H  N N 71  
ASN HB2  H  N N 72  
ASN HB3  H  N N 73  
ASN HD21 H  N N 74  
ASN HD22 H  N N 75  
ASN HXT  H  N N 76  
ASP N    N  N N 77  
ASP CA   C  N S 78  
ASP C    C  N N 79  
ASP O    O  N N 80  
ASP CB   C  N N 81  
ASP CG   C  N N 82  
ASP OD1  O  N N 83  
ASP OD2  O  N N 84  
ASP OXT  O  N N 85  
ASP H    H  N N 86  
ASP H2   H  N N 87  
ASP HA   H  N N 88  
ASP HB2  H  N N 89  
ASP HB3  H  N N 90  
ASP HD2  H  N N 91  
ASP HXT  H  N N 92  
CA  CA   CA N N 93  
CL  CL   CL N N 94  
CYS N    N  N N 95  
CYS CA   C  N R 96  
CYS C    C  N N 97  
CYS O    O  N N 98  
CYS CB   C  N N 99  
CYS SG   S  N N 100 
CYS OXT  O  N N 101 
CYS H    H  N N 102 
CYS H2   H  N N 103 
CYS HA   H  N N 104 
CYS HB2  H  N N 105 
CYS HB3  H  N N 106 
CYS HG   H  N N 107 
CYS HXT  H  N N 108 
GLN N    N  N N 109 
GLN CA   C  N S 110 
GLN C    C  N N 111 
GLN O    O  N N 112 
GLN CB   C  N N 113 
GLN CG   C  N N 114 
GLN CD   C  N N 115 
GLN OE1  O  N N 116 
GLN NE2  N  N N 117 
GLN OXT  O  N N 118 
GLN H    H  N N 119 
GLN H2   H  N N 120 
GLN HA   H  N N 121 
GLN HB2  H  N N 122 
GLN HB3  H  N N 123 
GLN HG2  H  N N 124 
GLN HG3  H  N N 125 
GLN HE21 H  N N 126 
GLN HE22 H  N N 127 
GLN HXT  H  N N 128 
GLU N    N  N N 129 
GLU CA   C  N S 130 
GLU C    C  N N 131 
GLU O    O  N N 132 
GLU CB   C  N N 133 
GLU CG   C  N N 134 
GLU CD   C  N N 135 
GLU OE1  O  N N 136 
GLU OE2  O  N N 137 
GLU OXT  O  N N 138 
GLU H    H  N N 139 
GLU H2   H  N N 140 
GLU HA   H  N N 141 
GLU HB2  H  N N 142 
GLU HB3  H  N N 143 
GLU HG2  H  N N 144 
GLU HG3  H  N N 145 
GLU HE2  H  N N 146 
GLU HXT  H  N N 147 
GLY N    N  N N 148 
GLY CA   C  N N 149 
GLY C    C  N N 150 
GLY O    O  N N 151 
GLY OXT  O  N N 152 
GLY H    H  N N 153 
GLY H2   H  N N 154 
GLY HA2  H  N N 155 
GLY HA3  H  N N 156 
GLY HXT  H  N N 157 
HIS N    N  N N 158 
HIS CA   C  N S 159 
HIS C    C  N N 160 
HIS O    O  N N 161 
HIS CB   C  N N 162 
HIS CG   C  Y N 163 
HIS ND1  N  Y N 164 
HIS CD2  C  Y N 165 
HIS CE1  C  Y N 166 
HIS NE2  N  Y N 167 
HIS OXT  O  N N 168 
HIS H    H  N N 169 
HIS H2   H  N N 170 
HIS HA   H  N N 171 
HIS HB2  H  N N 172 
HIS HB3  H  N N 173 
HIS HD1  H  N N 174 
HIS HD2  H  N N 175 
HIS HE1  H  N N 176 
HIS HE2  H  N N 177 
HIS HXT  H  N N 178 
HOH O    O  N N 179 
HOH H1   H  N N 180 
HOH H2   H  N N 181 
ILE N    N  N N 182 
ILE CA   C  N S 183 
ILE C    C  N N 184 
ILE O    O  N N 185 
ILE CB   C  N S 186 
ILE CG1  C  N N 187 
ILE CG2  C  N N 188 
ILE CD1  C  N N 189 
ILE OXT  O  N N 190 
ILE H    H  N N 191 
ILE H2   H  N N 192 
ILE HA   H  N N 193 
ILE HB   H  N N 194 
ILE HG12 H  N N 195 
ILE HG13 H  N N 196 
ILE HG21 H  N N 197 
ILE HG22 H  N N 198 
ILE HG23 H  N N 199 
ILE HD11 H  N N 200 
ILE HD12 H  N N 201 
ILE HD13 H  N N 202 
ILE HXT  H  N N 203 
LEU N    N  N N 204 
LEU CA   C  N S 205 
LEU C    C  N N 206 
LEU O    O  N N 207 
LEU CB   C  N N 208 
LEU CG   C  N N 209 
LEU CD1  C  N N 210 
LEU CD2  C  N N 211 
LEU OXT  O  N N 212 
LEU H    H  N N 213 
LEU H2   H  N N 214 
LEU HA   H  N N 215 
LEU HB2  H  N N 216 
LEU HB3  H  N N 217 
LEU HG   H  N N 218 
LEU HD11 H  N N 219 
LEU HD12 H  N N 220 
LEU HD13 H  N N 221 
LEU HD21 H  N N 222 
LEU HD22 H  N N 223 
LEU HD23 H  N N 224 
LEU HXT  H  N N 225 
LYS N    N  N N 226 
LYS CA   C  N S 227 
LYS C    C  N N 228 
LYS O    O  N N 229 
LYS CB   C  N N 230 
LYS CG   C  N N 231 
LYS CD   C  N N 232 
LYS CE   C  N N 233 
LYS NZ   N  N N 234 
LYS OXT  O  N N 235 
LYS H    H  N N 236 
LYS H2   H  N N 237 
LYS HA   H  N N 238 
LYS HB2  H  N N 239 
LYS HB3  H  N N 240 
LYS HG2  H  N N 241 
LYS HG3  H  N N 242 
LYS HD2  H  N N 243 
LYS HD3  H  N N 244 
LYS HE2  H  N N 245 
LYS HE3  H  N N 246 
LYS HZ1  H  N N 247 
LYS HZ2  H  N N 248 
LYS HZ3  H  N N 249 
LYS HXT  H  N N 250 
MET N    N  N N 251 
MET CA   C  N S 252 
MET C    C  N N 253 
MET O    O  N N 254 
MET CB   C  N N 255 
MET CG   C  N N 256 
MET SD   S  N N 257 
MET CE   C  N N 258 
MET OXT  O  N N 259 
MET H    H  N N 260 
MET H2   H  N N 261 
MET HA   H  N N 262 
MET HB2  H  N N 263 
MET HB3  H  N N 264 
MET HG2  H  N N 265 
MET HG3  H  N N 266 
MET HE1  H  N N 267 
MET HE2  H  N N 268 
MET HE3  H  N N 269 
MET HXT  H  N N 270 
PHE N    N  N N 271 
PHE CA   C  N S 272 
PHE C    C  N N 273 
PHE O    O  N N 274 
PHE CB   C  N N 275 
PHE CG   C  Y N 276 
PHE CD1  C  Y N 277 
PHE CD2  C  Y N 278 
PHE CE1  C  Y N 279 
PHE CE2  C  Y N 280 
PHE CZ   C  Y N 281 
PHE OXT  O  N N 282 
PHE H    H  N N 283 
PHE H2   H  N N 284 
PHE HA   H  N N 285 
PHE HB2  H  N N 286 
PHE HB3  H  N N 287 
PHE HD1  H  N N 288 
PHE HD2  H  N N 289 
PHE HE1  H  N N 290 
PHE HE2  H  N N 291 
PHE HZ   H  N N 292 
PHE HXT  H  N N 293 
PRO N    N  N N 294 
PRO CA   C  N S 295 
PRO C    C  N N 296 
PRO O    O  N N 297 
PRO CB   C  N N 298 
PRO CG   C  N N 299 
PRO CD   C  N N 300 
PRO OXT  O  N N 301 
PRO H    H  N N 302 
PRO HA   H  N N 303 
PRO HB2  H  N N 304 
PRO HB3  H  N N 305 
PRO HG2  H  N N 306 
PRO HG3  H  N N 307 
PRO HD2  H  N N 308 
PRO HD3  H  N N 309 
PRO HXT  H  N N 310 
SER N    N  N N 311 
SER CA   C  N S 312 
SER C    C  N N 313 
SER O    O  N N 314 
SER CB   C  N N 315 
SER OG   O  N N 316 
SER OXT  O  N N 317 
SER H    H  N N 318 
SER H2   H  N N 319 
SER HA   H  N N 320 
SER HB2  H  N N 321 
SER HB3  H  N N 322 
SER HG   H  N N 323 
SER HXT  H  N N 324 
THR N    N  N N 325 
THR CA   C  N S 326 
THR C    C  N N 327 
THR O    O  N N 328 
THR CB   C  N R 329 
THR OG1  O  N N 330 
THR CG2  C  N N 331 
THR OXT  O  N N 332 
THR H    H  N N 333 
THR H2   H  N N 334 
THR HA   H  N N 335 
THR HB   H  N N 336 
THR HG1  H  N N 337 
THR HG21 H  N N 338 
THR HG22 H  N N 339 
THR HG23 H  N N 340 
THR HXT  H  N N 341 
TRP N    N  N N 342 
TRP CA   C  N S 343 
TRP C    C  N N 344 
TRP O    O  N N 345 
TRP CB   C  N N 346 
TRP CG   C  Y N 347 
TRP CD1  C  Y N 348 
TRP CD2  C  Y N 349 
TRP NE1  N  Y N 350 
TRP CE2  C  Y N 351 
TRP CE3  C  Y N 352 
TRP CZ2  C  Y N 353 
TRP CZ3  C  Y N 354 
TRP CH2  C  Y N 355 
TRP OXT  O  N N 356 
TRP H    H  N N 357 
TRP H2   H  N N 358 
TRP HA   H  N N 359 
TRP HB2  H  N N 360 
TRP HB3  H  N N 361 
TRP HD1  H  N N 362 
TRP HE1  H  N N 363 
TRP HE3  H  N N 364 
TRP HZ2  H  N N 365 
TRP HZ3  H  N N 366 
TRP HH2  H  N N 367 
TRP HXT  H  N N 368 
TRS C    C  N N 369 
TRS C1   C  N N 370 
TRS C2   C  N N 371 
TRS C3   C  N N 372 
TRS N    N  N N 373 
TRS O1   O  N N 374 
TRS O2   O  N N 375 
TRS O3   O  N N 376 
TRS H11  H  N N 377 
TRS H12  H  N N 378 
TRS H21  H  N N 379 
TRS H22  H  N N 380 
TRS H31  H  N N 381 
TRS H32  H  N N 382 
TRS HN1  H  N N 383 
TRS HN2  H  N N 384 
TRS HN3  H  N N 385 
TRS HO1  H  N N 386 
TRS HO2  H  N N 387 
TRS HO3  H  N N 388 
TYR N    N  N N 389 
TYR CA   C  N S 390 
TYR C    C  N N 391 
TYR O    O  N N 392 
TYR CB   C  N N 393 
TYR CG   C  Y N 394 
TYR CD1  C  Y N 395 
TYR CD2  C  Y N 396 
TYR CE1  C  Y N 397 
TYR CE2  C  Y N 398 
TYR CZ   C  Y N 399 
TYR OH   O  N N 400 
TYR OXT  O  N N 401 
TYR H    H  N N 402 
TYR H2   H  N N 403 
TYR HA   H  N N 404 
TYR HB2  H  N N 405 
TYR HB3  H  N N 406 
TYR HD1  H  N N 407 
TYR HD2  H  N N 408 
TYR HE1  H  N N 409 
TYR HE2  H  N N 410 
TYR HH   H  N N 411 
TYR HXT  H  N N 412 
VAL N    N  N N 413 
VAL CA   C  N S 414 
VAL C    C  N N 415 
VAL O    O  N N 416 
VAL CB   C  N N 417 
VAL CG1  C  N N 418 
VAL CG2  C  N N 419 
VAL OXT  O  N N 420 
VAL H    H  N N 421 
VAL H2   H  N N 422 
VAL HA   H  N N 423 
VAL HB   H  N N 424 
VAL HG11 H  N N 425 
VAL HG12 H  N N 426 
VAL HG13 H  N N 427 
VAL HG21 H  N N 428 
VAL HG22 H  N N 429 
VAL HG23 H  N N 430 
VAL HXT  H  N N 431 
# 
loop_
_chem_comp_bond.comp_id 
_chem_comp_bond.atom_id_1 
_chem_comp_bond.atom_id_2 
_chem_comp_bond.value_order 
_chem_comp_bond.pdbx_aromatic_flag 
_chem_comp_bond.pdbx_stereo_config 
_chem_comp_bond.pdbx_ordinal 
ALA N   CA   sing N N 1   
ALA N   H    sing N N 2   
ALA N   H2   sing N N 3   
ALA CA  C    sing N N 4   
ALA CA  CB   sing N N 5   
ALA CA  HA   sing N N 6   
ALA C   O    doub N N 7   
ALA C   OXT  sing N N 8   
ALA CB  HB1  sing N N 9   
ALA CB  HB2  sing N N 10  
ALA CB  HB3  sing N N 11  
ALA OXT HXT  sing N N 12  
ANN C8  O3   sing N N 13  
ANN C8  H81  sing N N 14  
ANN C8  H82  sing N N 15  
ANN C8  H83  sing N N 16  
ANN O3  C5   sing N N 17  
ANN C5  C6   doub Y N 18  
ANN C5  C4   sing Y N 19  
ANN C6  C7   sing Y N 20  
ANN C6  H6   sing N N 21  
ANN C7  C2   doub Y N 22  
ANN C7  H7   sing N N 23  
ANN C2  C3   sing Y N 24  
ANN C2  C1   sing N N 25  
ANN C3  C4   doub Y N 26  
ANN C3  H3   sing N N 27  
ANN C4  H4   sing N N 28  
ANN C1  O1   sing N N 29  
ANN C1  O2   doub N N 30  
ANN O1  HO1  sing N N 31  
ARG N   CA   sing N N 32  
ARG N   H    sing N N 33  
ARG N   H2   sing N N 34  
ARG CA  C    sing N N 35  
ARG CA  CB   sing N N 36  
ARG CA  HA   sing N N 37  
ARG C   O    doub N N 38  
ARG C   OXT  sing N N 39  
ARG CB  CG   sing N N 40  
ARG CB  HB2  sing N N 41  
ARG CB  HB3  sing N N 42  
ARG CG  CD   sing N N 43  
ARG CG  HG2  sing N N 44  
ARG CG  HG3  sing N N 45  
ARG CD  NE   sing N N 46  
ARG CD  HD2  sing N N 47  
ARG CD  HD3  sing N N 48  
ARG NE  CZ   sing N N 49  
ARG NE  HE   sing N N 50  
ARG CZ  NH1  sing N N 51  
ARG CZ  NH2  doub N N 52  
ARG NH1 HH11 sing N N 53  
ARG NH1 HH12 sing N N 54  
ARG NH2 HH21 sing N N 55  
ARG NH2 HH22 sing N N 56  
ARG OXT HXT  sing N N 57  
ASN N   CA   sing N N 58  
ASN N   H    sing N N 59  
ASN N   H2   sing N N 60  
ASN CA  C    sing N N 61  
ASN CA  CB   sing N N 62  
ASN CA  HA   sing N N 63  
ASN C   O    doub N N 64  
ASN C   OXT  sing N N 65  
ASN CB  CG   sing N N 66  
ASN CB  HB2  sing N N 67  
ASN CB  HB3  sing N N 68  
ASN CG  OD1  doub N N 69  
ASN CG  ND2  sing N N 70  
ASN ND2 HD21 sing N N 71  
ASN ND2 HD22 sing N N 72  
ASN OXT HXT  sing N N 73  
ASP N   CA   sing N N 74  
ASP N   H    sing N N 75  
ASP N   H2   sing N N 76  
ASP CA  C    sing N N 77  
ASP CA  CB   sing N N 78  
ASP CA  HA   sing N N 79  
ASP C   O    doub N N 80  
ASP C   OXT  sing N N 81  
ASP CB  CG   sing N N 82  
ASP CB  HB2  sing N N 83  
ASP CB  HB3  sing N N 84  
ASP CG  OD1  doub N N 85  
ASP CG  OD2  sing N N 86  
ASP OD2 HD2  sing N N 87  
ASP OXT HXT  sing N N 88  
CYS N   CA   sing N N 89  
CYS N   H    sing N N 90  
CYS N   H2   sing N N 91  
CYS CA  C    sing N N 92  
CYS CA  CB   sing N N 93  
CYS CA  HA   sing N N 94  
CYS C   O    doub N N 95  
CYS C   OXT  sing N N 96  
CYS CB  SG   sing N N 97  
CYS CB  HB2  sing N N 98  
CYS CB  HB3  sing N N 99  
CYS SG  HG   sing N N 100 
CYS OXT HXT  sing N N 101 
GLN N   CA   sing N N 102 
GLN N   H    sing N N 103 
GLN N   H2   sing N N 104 
GLN CA  C    sing N N 105 
GLN CA  CB   sing N N 106 
GLN CA  HA   sing N N 107 
GLN C   O    doub N N 108 
GLN C   OXT  sing N N 109 
GLN CB  CG   sing N N 110 
GLN CB  HB2  sing N N 111 
GLN CB  HB3  sing N N 112 
GLN CG  CD   sing N N 113 
GLN CG  HG2  sing N N 114 
GLN CG  HG3  sing N N 115 
GLN CD  OE1  doub N N 116 
GLN CD  NE2  sing N N 117 
GLN NE2 HE21 sing N N 118 
GLN NE2 HE22 sing N N 119 
GLN OXT HXT  sing N N 120 
GLU N   CA   sing N N 121 
GLU N   H    sing N N 122 
GLU N   H2   sing N N 123 
GLU CA  C    sing N N 124 
GLU CA  CB   sing N N 125 
GLU CA  HA   sing N N 126 
GLU C   O    doub N N 127 
GLU C   OXT  sing N N 128 
GLU CB  CG   sing N N 129 
GLU CB  HB2  sing N N 130 
GLU CB  HB3  sing N N 131 
GLU CG  CD   sing N N 132 
GLU CG  HG2  sing N N 133 
GLU CG  HG3  sing N N 134 
GLU CD  OE1  doub N N 135 
GLU CD  OE2  sing N N 136 
GLU OE2 HE2  sing N N 137 
GLU OXT HXT  sing N N 138 
GLY N   CA   sing N N 139 
GLY N   H    sing N N 140 
GLY N   H2   sing N N 141 
GLY CA  C    sing N N 142 
GLY CA  HA2  sing N N 143 
GLY CA  HA3  sing N N 144 
GLY C   O    doub N N 145 
GLY C   OXT  sing N N 146 
GLY OXT HXT  sing N N 147 
HIS N   CA   sing N N 148 
HIS N   H    sing N N 149 
HIS N   H2   sing N N 150 
HIS CA  C    sing N N 151 
HIS CA  CB   sing N N 152 
HIS CA  HA   sing N N 153 
HIS C   O    doub N N 154 
HIS C   OXT  sing N N 155 
HIS CB  CG   sing N N 156 
HIS CB  HB2  sing N N 157 
HIS CB  HB3  sing N N 158 
HIS CG  ND1  sing Y N 159 
HIS CG  CD2  doub Y N 160 
HIS ND1 CE1  doub Y N 161 
HIS ND1 HD1  sing N N 162 
HIS CD2 NE2  sing Y N 163 
HIS CD2 HD2  sing N N 164 
HIS CE1 NE2  sing Y N 165 
HIS CE1 HE1  sing N N 166 
HIS NE2 HE2  sing N N 167 
HIS OXT HXT  sing N N 168 
HOH O   H1   sing N N 169 
HOH O   H2   sing N N 170 
ILE N   CA   sing N N 171 
ILE N   H    sing N N 172 
ILE N   H2   sing N N 173 
ILE CA  C    sing N N 174 
ILE CA  CB   sing N N 175 
ILE CA  HA   sing N N 176 
ILE C   O    doub N N 177 
ILE C   OXT  sing N N 178 
ILE CB  CG1  sing N N 179 
ILE CB  CG2  sing N N 180 
ILE CB  HB   sing N N 181 
ILE CG1 CD1  sing N N 182 
ILE CG1 HG12 sing N N 183 
ILE CG1 HG13 sing N N 184 
ILE CG2 HG21 sing N N 185 
ILE CG2 HG22 sing N N 186 
ILE CG2 HG23 sing N N 187 
ILE CD1 HD11 sing N N 188 
ILE CD1 HD12 sing N N 189 
ILE CD1 HD13 sing N N 190 
ILE OXT HXT  sing N N 191 
LEU N   CA   sing N N 192 
LEU N   H    sing N N 193 
LEU N   H2   sing N N 194 
LEU CA  C    sing N N 195 
LEU CA  CB   sing N N 196 
LEU CA  HA   sing N N 197 
LEU C   O    doub N N 198 
LEU C   OXT  sing N N 199 
LEU CB  CG   sing N N 200 
LEU CB  HB2  sing N N 201 
LEU CB  HB3  sing N N 202 
LEU CG  CD1  sing N N 203 
LEU CG  CD2  sing N N 204 
LEU CG  HG   sing N N 205 
LEU CD1 HD11 sing N N 206 
LEU CD1 HD12 sing N N 207 
LEU CD1 HD13 sing N N 208 
LEU CD2 HD21 sing N N 209 
LEU CD2 HD22 sing N N 210 
LEU CD2 HD23 sing N N 211 
LEU OXT HXT  sing N N 212 
LYS N   CA   sing N N 213 
LYS N   H    sing N N 214 
LYS N   H2   sing N N 215 
LYS CA  C    sing N N 216 
LYS CA  CB   sing N N 217 
LYS CA  HA   sing N N 218 
LYS C   O    doub N N 219 
LYS C   OXT  sing N N 220 
LYS CB  CG   sing N N 221 
LYS CB  HB2  sing N N 222 
LYS CB  HB3  sing N N 223 
LYS CG  CD   sing N N 224 
LYS CG  HG2  sing N N 225 
LYS CG  HG3  sing N N 226 
LYS CD  CE   sing N N 227 
LYS CD  HD2  sing N N 228 
LYS CD  HD3  sing N N 229 
LYS CE  NZ   sing N N 230 
LYS CE  HE2  sing N N 231 
LYS CE  HE3  sing N N 232 
LYS NZ  HZ1  sing N N 233 
LYS NZ  HZ2  sing N N 234 
LYS NZ  HZ3  sing N N 235 
LYS OXT HXT  sing N N 236 
MET N   CA   sing N N 237 
MET N   H    sing N N 238 
MET N   H2   sing N N 239 
MET CA  C    sing N N 240 
MET CA  CB   sing N N 241 
MET CA  HA   sing N N 242 
MET C   O    doub N N 243 
MET C   OXT  sing N N 244 
MET CB  CG   sing N N 245 
MET CB  HB2  sing N N 246 
MET CB  HB3  sing N N 247 
MET CG  SD   sing N N 248 
MET CG  HG2  sing N N 249 
MET CG  HG3  sing N N 250 
MET SD  CE   sing N N 251 
MET CE  HE1  sing N N 252 
MET CE  HE2  sing N N 253 
MET CE  HE3  sing N N 254 
MET OXT HXT  sing N N 255 
PHE N   CA   sing N N 256 
PHE N   H    sing N N 257 
PHE N   H2   sing N N 258 
PHE CA  C    sing N N 259 
PHE CA  CB   sing N N 260 
PHE CA  HA   sing N N 261 
PHE C   O    doub N N 262 
PHE C   OXT  sing N N 263 
PHE CB  CG   sing N N 264 
PHE CB  HB2  sing N N 265 
PHE CB  HB3  sing N N 266 
PHE CG  CD1  doub Y N 267 
PHE CG  CD2  sing Y N 268 
PHE CD1 CE1  sing Y N 269 
PHE CD1 HD1  sing N N 270 
PHE CD2 CE2  doub Y N 271 
PHE CD2 HD2  sing N N 272 
PHE CE1 CZ   doub Y N 273 
PHE CE1 HE1  sing N N 274 
PHE CE2 CZ   sing Y N 275 
PHE CE2 HE2  sing N N 276 
PHE CZ  HZ   sing N N 277 
PHE OXT HXT  sing N N 278 
PRO N   CA   sing N N 279 
PRO N   CD   sing N N 280 
PRO N   H    sing N N 281 
PRO CA  C    sing N N 282 
PRO CA  CB   sing N N 283 
PRO CA  HA   sing N N 284 
PRO C   O    doub N N 285 
PRO C   OXT  sing N N 286 
PRO CB  CG   sing N N 287 
PRO CB  HB2  sing N N 288 
PRO CB  HB3  sing N N 289 
PRO CG  CD   sing N N 290 
PRO CG  HG2  sing N N 291 
PRO CG  HG3  sing N N 292 
PRO CD  HD2  sing N N 293 
PRO CD  HD3  sing N N 294 
PRO OXT HXT  sing N N 295 
SER N   CA   sing N N 296 
SER N   H    sing N N 297 
SER N   H2   sing N N 298 
SER CA  C    sing N N 299 
SER CA  CB   sing N N 300 
SER CA  HA   sing N N 301 
SER C   O    doub N N 302 
SER C   OXT  sing N N 303 
SER CB  OG   sing N N 304 
SER CB  HB2  sing N N 305 
SER CB  HB3  sing N N 306 
SER OG  HG   sing N N 307 
SER OXT HXT  sing N N 308 
THR N   CA   sing N N 309 
THR N   H    sing N N 310 
THR N   H2   sing N N 311 
THR CA  C    sing N N 312 
THR CA  CB   sing N N 313 
THR CA  HA   sing N N 314 
THR C   O    doub N N 315 
THR C   OXT  sing N N 316 
THR CB  OG1  sing N N 317 
THR CB  CG2  sing N N 318 
THR CB  HB   sing N N 319 
THR OG1 HG1  sing N N 320 
THR CG2 HG21 sing N N 321 
THR CG2 HG22 sing N N 322 
THR CG2 HG23 sing N N 323 
THR OXT HXT  sing N N 324 
TRP N   CA   sing N N 325 
TRP N   H    sing N N 326 
TRP N   H2   sing N N 327 
TRP CA  C    sing N N 328 
TRP CA  CB   sing N N 329 
TRP CA  HA   sing N N 330 
TRP C   O    doub N N 331 
TRP C   OXT  sing N N 332 
TRP CB  CG   sing N N 333 
TRP CB  HB2  sing N N 334 
TRP CB  HB3  sing N N 335 
TRP CG  CD1  doub Y N 336 
TRP CG  CD2  sing Y N 337 
TRP CD1 NE1  sing Y N 338 
TRP CD1 HD1  sing N N 339 
TRP CD2 CE2  doub Y N 340 
TRP CD2 CE3  sing Y N 341 
TRP NE1 CE2  sing Y N 342 
TRP NE1 HE1  sing N N 343 
TRP CE2 CZ2  sing Y N 344 
TRP CE3 CZ3  doub Y N 345 
TRP CE3 HE3  sing N N 346 
TRP CZ2 CH2  doub Y N 347 
TRP CZ2 HZ2  sing N N 348 
TRP CZ3 CH2  sing Y N 349 
TRP CZ3 HZ3  sing N N 350 
TRP CH2 HH2  sing N N 351 
TRP OXT HXT  sing N N 352 
TRS C   C1   sing N N 353 
TRS C   C2   sing N N 354 
TRS C   C3   sing N N 355 
TRS C   N    sing N N 356 
TRS C1  O1   sing N N 357 
TRS C1  H11  sing N N 358 
TRS C1  H12  sing N N 359 
TRS C2  O2   sing N N 360 
TRS C2  H21  sing N N 361 
TRS C2  H22  sing N N 362 
TRS C3  O3   sing N N 363 
TRS C3  H31  sing N N 364 
TRS C3  H32  sing N N 365 
TRS N   HN1  sing N N 366 
TRS N   HN2  sing N N 367 
TRS N   HN3  sing N N 368 
TRS O1  HO1  sing N N 369 
TRS O2  HO2  sing N N 370 
TRS O3  HO3  sing N N 371 
TYR N   CA   sing N N 372 
TYR N   H    sing N N 373 
TYR N   H2   sing N N 374 
TYR CA  C    sing N N 375 
TYR CA  CB   sing N N 376 
TYR CA  HA   sing N N 377 
TYR C   O    doub N N 378 
TYR C   OXT  sing N N 379 
TYR CB  CG   sing N N 380 
TYR CB  HB2  sing N N 381 
TYR CB  HB3  sing N N 382 
TYR CG  CD1  doub Y N 383 
TYR CG  CD2  sing Y N 384 
TYR CD1 CE1  sing Y N 385 
TYR CD1 HD1  sing N N 386 
TYR CD2 CE2  doub Y N 387 
TYR CD2 HD2  sing N N 388 
TYR CE1 CZ   doub Y N 389 
TYR CE1 HE1  sing N N 390 
TYR CE2 CZ   sing Y N 391 
TYR CE2 HE2  sing N N 392 
TYR CZ  OH   sing N N 393 
TYR OH  HH   sing N N 394 
TYR OXT HXT  sing N N 395 
VAL N   CA   sing N N 396 
VAL N   H    sing N N 397 
VAL N   H2   sing N N 398 
VAL CA  C    sing N N 399 
VAL CA  CB   sing N N 400 
VAL CA  HA   sing N N 401 
VAL C   O    doub N N 402 
VAL C   OXT  sing N N 403 
VAL CB  CG1  sing N N 404 
VAL CB  CG2  sing N N 405 
VAL CB  HB   sing N N 406 
VAL CG1 HG11 sing N N 407 
VAL CG1 HG12 sing N N 408 
VAL CG1 HG13 sing N N 409 
VAL CG2 HG21 sing N N 410 
VAL CG2 HG22 sing N N 411 
VAL CG2 HG23 sing N N 412 
VAL OXT HXT  sing N N 413 
# 
_pdbx_initial_refinement_model.id               1 
_pdbx_initial_refinement_model.entity_id_list   ? 
_pdbx_initial_refinement_model.type             'experimental model' 
_pdbx_initial_refinement_model.source_name      PDB 
_pdbx_initial_refinement_model.accession_code   1MKT 
_pdbx_initial_refinement_model.details          ? 
# 
_atom_sites.entry_id                    2B96 
_atom_sites.fract_transf_matrix[1][1]   0.00635442 
_atom_sites.fract_transf_matrix[1][2]   0.00898431 
_atom_sites.fract_transf_matrix[1][3]   -0.02244663 
_atom_sites.fract_transf_matrix[2][1]   0.01714999 
_atom_sites.fract_transf_matrix[2][2]   0.01809721 
_atom_sites.fract_transf_matrix[2][3]   -0.00182180 
_atom_sites.fract_transf_matrix[3][1]   0.00700288 
_atom_sites.fract_transf_matrix[3][2]   -0.00670702 
_atom_sites.fract_transf_matrix[3][3]   -0.00070205 
_atom_sites.fract_transf_vector[1]      0.644679 
_atom_sites.fract_transf_vector[2]      0.116816 
_atom_sites.fract_transf_vector[3]      0.677594 
# 
loop_
_atom_type.symbol 
C  
CA 
CL 
N  
O  
S  
# 
loop_
_atom_site.group_PDB 
_atom_site.id 
_atom_site.type_symbol 
_atom_site.label_atom_id 
_atom_site.label_alt_id 
_atom_site.label_comp_id 
_atom_site.label_asym_id 
_atom_site.label_entity_id 
_atom_site.label_seq_id 
_atom_site.pdbx_PDB_ins_code 
_atom_site.Cartn_x 
_atom_site.Cartn_y 
_atom_site.Cartn_z 
_atom_site.occupancy 
_atom_site.B_iso_or_equiv 
_atom_site.pdbx_formal_charge 
_atom_site.auth_seq_id 
_atom_site.auth_comp_id 
_atom_site.auth_asym_id 
_atom_site.auth_atom_id 
_atom_site.pdbx_PDB_model_num 
ATOM   1    N  N   . ALA A 1 1   ? 5.157   -5.825  -5.537  1.00 14.65 ? 1   ALA A N   1 
ATOM   2    C  CA  . ALA A 1 1   ? 4.134   -5.672  -6.609  1.00 14.65 ? 1   ALA A CA  1 
ATOM   3    C  C   . ALA A 1 1   ? 2.741   -5.663  -5.993  1.00 15.41 ? 1   ALA A C   1 
ATOM   4    O  O   . ALA A 1 1   ? 2.560   -6.072  -4.846  1.00 16.37 ? 1   ALA A O   1 
ATOM   5    C  CB  . ALA A 1 1   ? 4.257   -6.810  -7.622  1.00 15.24 ? 1   ALA A CB  1 
ATOM   6    N  N   . LEU A 1 2   ? 1.765   -5.196  -6.766  1.00 15.65 ? 2   LEU A N   1 
ATOM   7    C  CA  . LEU A 1 2   ? 0.384   -5.108  -6.311  1.00 17.18 ? 2   LEU A CA  1 
ATOM   8    C  C   . LEU A 1 2   ? -0.111  -6.416  -5.697  1.00 18.15 ? 2   LEU A C   1 
ATOM   9    O  O   . LEU A 1 2   ? -0.793  -6.409  -4.675  1.00 17.65 ? 2   LEU A O   1 
ATOM   10   C  CB  . LEU A 1 2   ? -0.520  -4.713  -7.482  1.00 18.82 ? 2   LEU A CB  1 
ATOM   11   C  CG  . LEU A 1 2   ? -1.973  -4.366  -7.160  1.00 22.06 ? 2   LEU A CG  1 
ATOM   12   C  CD1 . LEU A 1 2   ? -2.018  -3.175  -6.212  1.00 25.37 ? 2   LEU A CD1 1 
ATOM   13   C  CD2 . LEU A 1 2   ? -2.716  -4.048  -8.450  1.00 24.72 ? 2   LEU A CD2 1 
ATOM   14   N  N   . TRP A 1 3   ? 0.240   -7.534  -6.324  1.00 20.64 ? 3   TRP A N   1 
ATOM   15   C  CA  . TRP A 1 3   ? -0.169  -8.852  -5.841  1.00 23.05 ? 3   TRP A CA  1 
ATOM   16   C  C   . TRP A 1 3   ? 0.329   -9.132  -4.423  1.00 21.32 ? 3   TRP A C   1 
ATOM   17   O  O   . TRP A 1 3   ? -0.382  -9.738  -3.619  1.00 21.43 ? 3   TRP A O   1 
ATOM   18   C  CB  . TRP A 1 3   ? 0.346   -9.939  -6.789  1.00 30.21 ? 3   TRP A CB  1 
ATOM   19   C  CG  . TRP A 1 3   ? -0.194  -9.838  -8.190  1.00 40.87 ? 3   TRP A CG  1 
ATOM   20   C  CD1 . TRP A 1 3   ? 0.429   -10.245 -9.335  1.00 44.27 ? 3   TRP A CD1 1 
ATOM   21   C  CD2 . TRP A 1 3   ? -1.475  -9.325  -8.592  1.00 45.71 ? 3   TRP A CD2 1 
ATOM   22   N  NE1 . TRP A 1 3   ? -0.378  -10.011 -10.424 1.00 46.87 ? 3   TRP A NE1 1 
ATOM   23   C  CE2 . TRP A 1 3   ? -1.548  -9.442  -9.999  1.00 47.39 ? 3   TRP A CE2 1 
ATOM   24   C  CE3 . TRP A 1 3   ? -2.560  -8.763  -7.902  1.00 48.33 ? 3   TRP A CE3 1 
ATOM   25   C  CZ2 . TRP A 1 3   ? -2.674  -9.037  -10.727 1.00 48.82 ? 3   TRP A CZ2 1 
ATOM   26   C  CZ3 . TRP A 1 3   ? -3.679  -8.358  -8.629  1.00 49.16 ? 3   TRP A CZ3 1 
ATOM   27   C  CH2 . TRP A 1 3   ? -3.722  -8.492  -10.029 1.00 49.05 ? 3   TRP A CH2 1 
ATOM   28   N  N   . GLN A 1 4   ? 1.551   -8.705  -4.116  1.00 18.88 ? 4   GLN A N   1 
ATOM   29   C  CA  . GLN A 1 4   ? 2.106   -8.924  -2.782  1.00 17.42 ? 4   GLN A CA  1 
ATOM   30   C  C   . GLN A 1 4   ? 1.460   -8.011  -1.750  1.00 15.73 ? 4   GLN A C   1 
ATOM   31   O  O   . GLN A 1 4   ? 1.253   -8.411  -0.608  1.00 17.02 ? 4   GLN A O   1 
ATOM   32   C  CB  . GLN A 1 4   ? 3.618   -8.698  -2.760  1.00 19.17 ? 4   GLN A CB  1 
ATOM   33   C  CG  . GLN A 1 4   ? 4.435   -9.818  -3.371  1.00 22.64 ? 4   GLN A CG  1 
ATOM   34   C  CD  . GLN A 1 4   ? 4.869   -9.506  -4.778  1.00 24.48 ? 4   GLN A CD  1 
ATOM   35   O  OE1 . GLN A 1 4   ? 5.536   -8.501  -5.021  1.00 21.66 ? 4   GLN A OE1 1 
ATOM   36   N  NE2 . GLN A 1 4   ? 4.495   -10.363 -5.720  1.00 27.50 ? 4   GLN A NE2 1 
ATOM   37   N  N   . PHE A 1 5   ? 1.165   -6.779  -2.150  1.00 15.16 ? 5   PHE A N   1 
ATOM   38   C  CA  . PHE A 1 5   ? 0.534   -5.824  -1.253  1.00 14.55 ? 5   PHE A CA  1 
ATOM   39   C  C   . PHE A 1 5   ? -0.826  -6.386  -0.847  1.00 13.88 ? 5   PHE A C   1 
ATOM   40   O  O   . PHE A 1 5   ? -1.226  -6.289  0.310   1.00 15.30 ? 5   PHE A O   1 
ATOM   41   C  CB  . PHE A 1 5   ? 0.392   -4.463  -1.952  1.00 14.37 ? 5   PHE A CB  1 
ATOM   42   C  CG  . PHE A 1 5   ? -0.176  -3.372  -1.076  1.00 15.74 ? 5   PHE A CG  1 
ATOM   43   C  CD1 . PHE A 1 5   ? 0.114   -3.322  0.286   1.00 14.89 ? 5   PHE A CD1 1 
ATOM   44   C  CD2 . PHE A 1 5   ? -0.967  -2.369  -1.627  1.00 18.36 ? 5   PHE A CD2 1 
ATOM   45   C  CE1 . PHE A 1 5   ? -0.373  -2.285  1.083   1.00 16.51 ? 5   PHE A CE1 1 
ATOM   46   C  CE2 . PHE A 1 5   ? -1.458  -1.325  -0.835  1.00 16.58 ? 5   PHE A CE2 1 
ATOM   47   C  CZ  . PHE A 1 5   ? -1.161  -1.285  0.519   1.00 16.96 ? 5   PHE A CZ  1 
ATOM   48   N  N   . ASN A 1 6   ? -1.528  -6.986  -1.806  1.00 15.17 ? 6   ASN A N   1 
ATOM   49   C  CA  . ASN A 1 6   ? -2.832  -7.584  -1.530  1.00 15.71 ? 6   ASN A CA  1 
ATOM   50   C  C   . ASN A 1 6   ? -2.644  -8.676  -0.481  1.00 14.59 ? 6   ASN A C   1 
ATOM   51   O  O   . ASN A 1 6   ? -3.369  -8.732  0.509   1.00 14.90 ? 6   ASN A O   1 
ATOM   52   C  CB  . ASN A 1 6   ? -3.423  -8.185  -2.812  1.00 18.50 ? 6   ASN A CB  1 
ATOM   53   C  CG  . ASN A 1 6   ? -4.796  -8.811  -2.592  1.00 21.77 ? 6   ASN A CG  1 
ATOM   54   O  OD1 . ASN A 1 6   ? -5.742  -8.136  -2.188  1.00 25.12 ? 6   ASN A OD1 1 
ATOM   55   N  ND2 . ASN A 1 6   ? -4.908  -10.105 -2.867  1.00 23.18 ? 6   ASN A ND2 1 
ATOM   56   N  N   . GLY A 1 7   ? -1.650  -9.537  -0.698  1.00 13.97 ? 7   GLY A N   1 
ATOM   57   C  CA  . GLY A 1 7   ? -1.383  -10.613 0.242   1.00 12.77 ? 7   GLY A CA  1 
ATOM   58   C  C   . GLY A 1 7   ? -1.027  -10.115 1.632   1.00 13.60 ? 7   GLY A C   1 
ATOM   59   O  O   . GLY A 1 7   ? -1.409  -10.722 2.633   1.00 11.78 ? 7   GLY A O   1 
ATOM   60   N  N   . MET A 1 8   ? -0.291  -9.008  1.700   1.00 12.50 ? 8   MET A N   1 
ATOM   61   C  CA  . MET A 1 8   ? 0.098   -8.432  2.983   1.00 12.09 ? 8   MET A CA  1 
ATOM   62   C  C   . MET A 1 8   ? -1.101  -7.964  3.784   1.00 12.05 ? 8   MET A C   1 
ATOM   63   O  O   . MET A 1 8   ? -1.168  -8.165  4.994   1.00 12.85 ? 8   MET A O   1 
ATOM   64   C  CB  . MET A 1 8   ? 1.016   -7.233  2.781   1.00 12.09 ? 8   MET A CB  1 
ATOM   65   C  CG  . MET A 1 8   ? 2.462   -7.580  2.631   1.00 13.35 ? 8   MET A CG  1 
ATOM   66   S  SD  . MET A 1 8   ? 3.436   -6.086  2.762   1.00 11.99 ? 8   MET A SD  1 
ATOM   67   C  CE  . MET A 1 8   ? 5.047   -6.722  2.269   1.00 13.00 ? 8   MET A CE  1 
ATOM   68   N  N   . ILE A 1 9   ? -2.038  -7.308  3.110   1.00 13.06 ? 9   ILE A N   1 
ATOM   69   C  CA  . ILE A 1 9   ? -3.224  -6.816  3.787   1.00 12.97 ? 9   ILE A CA  1 
ATOM   70   C  C   . ILE A 1 9   ? -4.034  -7.989  4.322   1.00 14.25 ? 9   ILE A C   1 
ATOM   71   O  O   . ILE A 1 9   ? -4.549  -7.931  5.438   1.00 14.25 ? 9   ILE A O   1 
ATOM   72   C  CB  . ILE A 1 9   ? -4.085  -5.955  2.844   1.00 13.16 ? 9   ILE A CB  1 
ATOM   73   C  CG1 . ILE A 1 9   ? -3.257  -4.757  2.358   1.00 13.64 ? 9   ILE A CG1 1 
ATOM   74   C  CG2 . ILE A 1 9   ? -5.329  -5.466  3.578   1.00 12.27 ? 9   ILE A CG2 1 
ATOM   75   C  CD1 . ILE A 1 9   ? -3.898  -3.961  1.238   1.00 14.31 ? 9   ILE A CD1 1 
ATOM   76   N  N   . LYS A 1 10  ? -4.134  -9.055  3.533   1.00 13.64 ? 10  LYS A N   1 
ATOM   77   C  CA  . LYS A 1 10  ? -4.873  -10.244 3.959   1.00 15.50 ? 10  LYS A CA  1 
ATOM   78   C  C   . LYS A 1 10  ? -4.189  -10.875 5.169   1.00 14.91 ? 10  LYS A C   1 
ATOM   79   O  O   . LYS A 1 10  ? -4.838  -11.500 6.008   1.00 14.66 ? 10  LYS A O   1 
ATOM   80   C  CB  . LYS A 1 10  ? -4.960  -11.260 2.817   1.00 16.29 ? 10  LYS A CB  1 
ATOM   81   C  CG  . LYS A 1 10  ? -5.740  -10.758 1.607   1.00 19.67 ? 10  LYS A CG  1 
ATOM   82   C  CD  . LYS A 1 10  ? -5.824  -11.807 0.508   1.00 23.83 ? 10  LYS A CD  1 
ATOM   83   C  CE  . LYS A 1 10  ? -6.666  -13.003 0.930   1.00 24.98 ? 10  LYS A CE  1 
ATOM   84   N  NZ  . LYS A 1 10  ? -8.106  -12.651 1.091   1.00 24.93 ? 10  LYS A NZ  1 
ATOM   85   N  N   . CYS A 1 11  ? -2.873  -10.701 5.256   1.00 16.20 ? 11  CYS A N   1 
ATOM   86   C  CA  . CYS A 1 11  ? -2.102  -11.240 6.374   1.00 15.68 ? 11  CYS A CA  1 
ATOM   87   C  C   . CYS A 1 11  ? -2.539  -10.580 7.685   1.00 15.22 ? 11  CYS A C   1 
ATOM   88   O  O   . CYS A 1 11  ? -2.643  -11.239 8.720   1.00 13.98 ? 11  CYS A O   1 
ATOM   89   C  CB  . CYS A 1 11  ? -0.604  -10.994 6.140   1.00 14.47 ? 11  CYS A CB  1 
ATOM   90   S  SG  . CYS A 1 11  ? 0.499   -11.721 7.395   1.00 13.68 ? 11  CYS A SG  1 
ATOM   91   N  N   . LYS A 1 12  ? -2.805  -9.276  7.630   1.00 14.08 ? 12  LYS A N   1 
ATOM   92   C  CA  . LYS A 1 12  ? -3.225  -8.526  8.812   1.00 14.15 ? 12  LYS A CA  1 
ATOM   93   C  C   . LYS A 1 12  ? -4.740  -8.512  9.004   1.00 14.20 ? 12  LYS A C   1 
ATOM   94   O  O   . LYS A 1 12  ? -5.226  -8.403  10.133  1.00 14.52 ? 12  LYS A O   1 
ATOM   95   C  CB  . LYS A 1 12  ? -2.720  -7.078  8.733   1.00 14.08 ? 12  LYS A CB  1 
ATOM   96   C  CG  . LYS A 1 12  ? -1.219  -6.927  8.506   1.00 14.15 ? 12  LYS A CG  1 
ATOM   97   C  CD  . LYS A 1 12  ? -0.387  -7.667  9.549   1.00 16.11 ? 12  LYS A CD  1 
ATOM   98   C  CE  . LYS A 1 12  ? -0.599  -7.126  10.961  1.00 17.07 ? 12  LYS A CE  1 
ATOM   99   N  NZ  . LYS A 1 12  ? 0.371   -7.739  11.921  1.00 17.01 ? 12  LYS A NZ  1 
ATOM   100  N  N   . ILE A 1 13  ? -5.477  -8.619  7.901   1.00 13.58 ? 13  ILE A N   1 
ATOM   101  C  CA  . ILE A 1 13  ? -6.940  -8.606  7.927   1.00 14.27 ? 13  ILE A CA  1 
ATOM   102  C  C   . ILE A 1 13  ? -7.436  -9.837  7.161   1.00 13.77 ? 13  ILE A C   1 
ATOM   103  O  O   . ILE A 1 13  ? -7.821  -9.746  5.998   1.00 14.56 ? 13  ILE A O   1 
ATOM   104  C  CB  . ILE A 1 13  ? -7.485  -7.327  7.248   1.00 15.23 ? 13  ILE A CB  1 
ATOM   105  C  CG1 . ILE A 1 13  ? -6.753  -6.096  7.799   1.00 13.50 ? 13  ILE A CG1 1 
ATOM   106  C  CG2 . ILE A 1 13  ? -8.981  -7.190  7.507   1.00 16.52 ? 13  ILE A CG2 1 
ATOM   107  C  CD1 . ILE A 1 13  ? -7.096  -4.804  7.082   1.00 15.50 ? 13  ILE A CD1 1 
ATOM   108  N  N   . PRO A 1 14  ? -7.433  -11.008 7.818   1.00 14.43 ? 14  PRO A N   1 
ATOM   109  C  CA  . PRO A 1 14  ? -7.859  -12.290 7.242   1.00 15.90 ? 14  PRO A CA  1 
ATOM   110  C  C   . PRO A 1 14  ? -9.245  -12.363 6.603   1.00 14.42 ? 14  PRO A C   1 
ATOM   111  O  O   . PRO A 1 14  ? -9.489  -13.216 5.754   1.00 15.88 ? 14  PRO A O   1 
ATOM   112  C  CB  . PRO A 1 14  ? -7.723  -13.254 8.420   1.00 16.80 ? 14  PRO A CB  1 
ATOM   113  C  CG  . PRO A 1 14  ? -6.598  -12.659 9.214   1.00 18.50 ? 14  PRO A CG  1 
ATOM   114  C  CD  . PRO A 1 14  ? -6.957  -11.194 9.201   1.00 15.65 ? 14  PRO A CD  1 
ATOM   115  N  N   . SER A 1 15  ? -10.146 -11.475 7.003   1.00 14.84 ? 15  SER A N   1 
ATOM   116  C  CA  . SER A 1 15  ? -11.510 -11.488 6.482   1.00 17.23 ? 15  SER A CA  1 
ATOM   117  C  C   . SER A 1 15  ? -11.736 -10.596 5.265   1.00 17.98 ? 15  SER A C   1 
ATOM   118  O  O   . SER A 1 15  ? -12.853 -10.505 4.752   1.00 18.28 ? 15  SER A O   1 
ATOM   119  C  CB  . SER A 1 15  ? -12.472 -11.063 7.590   1.00 17.37 ? 15  SER A CB  1 
ATOM   120  O  OG  . SER A 1 15  ? -12.112 -9.782  8.086   1.00 21.43 ? 15  SER A OG  1 
ATOM   121  N  N   . SER A 1 16  ? -10.679 -9.952  4.793   1.00 18.13 ? 16  SER A N   1 
ATOM   122  C  CA  . SER A 1 16  ? -10.802 -9.039  3.667   1.00 16.88 ? 16  SER A CA  1 
ATOM   123  C  C   . SER A 1 16  ? -10.259 -9.499  2.320   1.00 15.38 ? 16  SER A C   1 
ATOM   124  O  O   . SER A 1 16  ? -9.395  -10.368 2.239   1.00 15.59 ? 16  SER A O   1 
ATOM   125  C  CB  . SER A 1 16  ? -10.130 -7.709  4.037   1.00 18.54 ? 16  SER A CB  1 
ATOM   126  O  OG  . SER A 1 16  ? -9.916  -6.897  2.897   1.00 21.85 ? 16  SER A OG  1 
ATOM   127  N  N   . GLU A 1 17  ? -10.820 -8.916  1.263   1.00 14.05 ? 17  GLU A N   1 
ATOM   128  C  CA  . GLU A 1 17  ? -10.370 -9.125  -0.111  1.00 13.89 ? 17  GLU A CA  1 
ATOM   129  C  C   . GLU A 1 17  ? -9.953  -7.682  -0.392  1.00 14.29 ? 17  GLU A C   1 
ATOM   130  O  O   . GLU A 1 17  ? -10.754 -6.876  -0.867  1.00 14.09 ? 17  GLU A O   1 
ATOM   131  C  CB  . GLU A 1 17  ? -11.518 -9.523  -1.047  1.00 14.62 ? 17  GLU A CB  1 
ATOM   132  C  CG  . GLU A 1 17  ? -11.956 -10.979 -0.948  1.00 14.78 ? 17  GLU A CG  1 
ATOM   133  C  CD  . GLU A 1 17  ? -10.825 -11.961 -1.227  1.00 15.84 ? 17  GLU A CD  1 
ATOM   134  O  OE1 . GLU A 1 17  ? -9.784  -11.554 -1.786  1.00 15.62 ? 17  GLU A OE1 1 
ATOM   135  O  OE2 . GLU A 1 17  ? -10.984 -13.150 -0.892  1.00 13.83 ? 17  GLU A OE2 1 
ATOM   136  N  N   . PRO A 1 18  ? -8.699  -7.336  -0.063  1.00 16.39 ? 18  PRO A N   1 
ATOM   137  C  CA  . PRO A 1 18  ? -8.102  -6.004  -0.228  1.00 17.97 ? 18  PRO A CA  1 
ATOM   138  C  C   . PRO A 1 18  ? -8.394  -5.225  -1.506  1.00 16.83 ? 18  PRO A C   1 
ATOM   139  O  O   . PRO A 1 18  ? -8.805  -4.068  -1.437  1.00 17.07 ? 18  PRO A O   1 
ATOM   140  C  CB  . PRO A 1 18  ? -6.610  -6.273  -0.038  1.00 17.81 ? 18  PRO A CB  1 
ATOM   141  C  CG  . PRO A 1 18  ? -6.613  -7.386  0.960   1.00 18.89 ? 18  PRO A CG  1 
ATOM   142  C  CD  . PRO A 1 18  ? -7.684  -8.298  0.407   1.00 18.69 ? 18  PRO A CD  1 
ATOM   143  N  N   . LEU A 1 19  ? -8.177  -5.842  -2.663  1.00 18.30 ? 19  LEU A N   1 
ATOM   144  C  CA  . LEU A 1 19  ? -8.418  -5.161  -3.933  1.00 20.28 ? 19  LEU A CA  1 
ATOM   145  C  C   . LEU A 1 19  ? -9.857  -4.693  -4.100  1.00 20.11 ? 19  LEU A C   1 
ATOM   146  O  O   . LEU A 1 19  ? -10.134 -3.801  -4.900  1.00 22.05 ? 19  LEU A O   1 
ATOM   147  C  CB  . LEU A 1 19  ? -8.033  -6.062  -5.110  1.00 24.22 ? 19  LEU A CB  1 
ATOM   148  C  CG  . LEU A 1 19  ? -6.582  -5.985  -5.589  1.00 29.54 ? 19  LEU A CG  1 
ATOM   149  C  CD1 . LEU A 1 19  ? -6.297  -4.587  -6.117  1.00 30.93 ? 19  LEU A CD1 1 
ATOM   150  C  CD2 . LEU A 1 19  ? -5.639  -6.319  -4.454  1.00 32.24 ? 19  LEU A CD2 1 
ATOM   151  N  N   . LEU A 1 20  ? -10.769 -5.296  -3.348  1.00 19.24 ? 20  LEU A N   1 
ATOM   152  C  CA  . LEU A 1 20  ? -12.178 -4.926  -3.416  1.00 18.23 ? 20  LEU A CA  1 
ATOM   153  C  C   . LEU A 1 20  ? -12.537 -3.945  -2.304  1.00 19.34 ? 20  LEU A C   1 
ATOM   154  O  O   . LEU A 1 20  ? -13.211 -2.941  -2.543  1.00 20.66 ? 20  LEU A O   1 
ATOM   155  C  CB  . LEU A 1 20  ? -13.063 -6.171  -3.293  1.00 17.92 ? 20  LEU A CB  1 
ATOM   156  C  CG  . LEU A 1 20  ? -12.917 -7.238  -4.382  1.00 19.58 ? 20  LEU A CG  1 
ATOM   157  C  CD1 . LEU A 1 20  ? -13.829 -8.418  -4.066  1.00 17.70 ? 20  LEU A CD1 1 
ATOM   158  C  CD2 . LEU A 1 20  ? -13.262 -6.636  -5.740  1.00 21.89 ? 20  LEU A CD2 1 
ATOM   159  N  N   . ASP A 1 21  ? -12.079 -4.237  -1.091  1.00 16.57 ? 21  ASP A N   1 
ATOM   160  C  CA  . ASP A 1 21  ? -12.373 -3.394  0.063   1.00 17.61 ? 21  ASP A CA  1 
ATOM   161  C  C   . ASP A 1 21  ? -11.631 -2.062  0.119   1.00 17.34 ? 21  ASP A C   1 
ATOM   162  O  O   . ASP A 1 21  ? -12.228 -1.034  0.437   1.00 18.20 ? 21  ASP A O   1 
ATOM   163  C  CB  . ASP A 1 21  ? -12.073 -4.136  1.370   1.00 15.48 ? 21  ASP A CB  1 
ATOM   164  C  CG  . ASP A 1 21  ? -12.906 -5.386  1.546   1.00 18.45 ? 21  ASP A CG  1 
ATOM   165  O  OD1 . ASP A 1 21  ? -14.107 -5.361  1.208   1.00 19.31 ? 21  ASP A OD1 1 
ATOM   166  O  OD2 . ASP A 1 21  ? -12.358 -6.389  2.047   1.00 17.41 ? 21  ASP A OD2 1 
ATOM   167  N  N   . PHE A 1 22  ? -10.338 -2.082  -0.183  1.00 19.22 ? 22  PHE A N   1 
ATOM   168  C  CA  . PHE A 1 22  ? -9.520  -0.876  -0.088  1.00 22.19 ? 22  PHE A CA  1 
ATOM   169  C  C   . PHE A 1 22  ? -9.201  -0.109  -1.363  1.00 25.64 ? 22  PHE A C   1 
ATOM   170  O  O   . PHE A 1 22  ? -8.719  1.022   -1.295  1.00 26.76 ? 22  PHE A O   1 
ATOM   171  C  CB  . PHE A 1 22  ? -8.220  -1.215  0.640   1.00 22.64 ? 22  PHE A CB  1 
ATOM   172  C  CG  . PHE A 1 22  ? -8.436  -1.774  2.014   1.00 21.78 ? 22  PHE A CG  1 
ATOM   173  C  CD1 . PHE A 1 22  ? -8.828  -0.947  3.060   1.00 22.51 ? 22  PHE A CD1 1 
ATOM   174  C  CD2 . PHE A 1 22  ? -8.282  -3.132  2.257   1.00 21.86 ? 22  PHE A CD2 1 
ATOM   175  C  CE1 . PHE A 1 22  ? -9.067  -1.467  4.329   1.00 21.45 ? 22  PHE A CE1 1 
ATOM   176  C  CE2 . PHE A 1 22  ? -8.521  -3.663  3.523   1.00 21.53 ? 22  PHE A CE2 1 
ATOM   177  C  CZ  . PHE A 1 22  ? -8.915  -2.829  4.560   1.00 22.02 ? 22  PHE A CZ  1 
ATOM   178  N  N   . ASN A 1 23  ? -9.455  -0.704  -2.523  1.00 27.11 ? 23  ASN A N   1 
ATOM   179  C  CA  . ASN A 1 23  ? -9.177  0.001   -3.767  1.00 28.18 ? 23  ASN A CA  1 
ATOM   180  C  C   . ASN A 1 23  ? -10.269 1.038   -4.005  1.00 27.70 ? 23  ASN A C   1 
ATOM   181  O  O   . ASN A 1 23  ? -11.438 0.801   -3.709  1.00 27.41 ? 23  ASN A O   1 
ATOM   182  C  CB  . ASN A 1 23  ? -9.113  -0.972  -4.946  1.00 30.27 ? 23  ASN A CB  1 
ATOM   183  C  CG  . ASN A 1 23  ? -8.715  -0.287  -6.239  1.00 33.56 ? 23  ASN A CG  1 
ATOM   184  O  OD1 . ASN A 1 23  ? -7.719  0.436   -6.286  1.00 33.10 ? 23  ASN A OD1 1 
ATOM   185  N  ND2 . ASN A 1 23  ? -9.488  -0.513  -7.295  1.00 34.84 ? 23  ASN A ND2 1 
ATOM   186  N  N   . ASN A 1 24  ? -9.874  2.188   -4.537  1.00 26.78 ? 24  ASN A N   1 
ATOM   187  C  CA  . ASN A 1 24  ? -10.795 3.280   -4.808  1.00 28.01 ? 24  ASN A CA  1 
ATOM   188  C  C   . ASN A 1 24  ? -11.600 3.620   -3.560  1.00 24.98 ? 24  ASN A C   1 
ATOM   189  O  O   . ASN A 1 24  ? -12.812 3.405   -3.499  1.00 26.69 ? 24  ASN A O   1 
ATOM   190  C  CB  . ASN A 1 24  ? -11.739 2.920   -5.958  1.00 33.88 ? 24  ASN A CB  1 
ATOM   191  C  CG  . ASN A 1 24  ? -12.013 4.102   -6.866  1.00 39.29 ? 24  ASN A CG  1 
ATOM   192  O  OD1 . ASN A 1 24  ? -11.107 4.611   -7.528  1.00 43.42 ? 24  ASN A OD1 1 
ATOM   193  N  ND2 . ASN A 1 24  ? -13.263 4.549   -6.899  1.00 41.33 ? 24  ASN A ND2 1 
ATOM   194  N  N   . TYR A 1 25  ? -10.901 4.141   -2.560  1.00 20.89 ? 25  TYR A N   1 
ATOM   195  C  CA  . TYR A 1 25  ? -11.507 4.533   -1.296  1.00 18.54 ? 25  TYR A CA  1 
ATOM   196  C  C   . TYR A 1 25  ? -10.935 5.899   -0.947  1.00 16.02 ? 25  TYR A C   1 
ATOM   197  O  O   . TYR A 1 25  ? -9.728  6.110   -1.030  1.00 15.67 ? 25  TYR A O   1 
ATOM   198  C  CB  . TYR A 1 25  ? -11.154 3.508   -0.210  1.00 17.11 ? 25  TYR A CB  1 
ATOM   199  C  CG  . TYR A 1 25  ? -11.644 3.836   1.190   1.00 17.30 ? 25  TYR A CG  1 
ATOM   200  C  CD1 . TYR A 1 25  ? -11.075 4.877   1.931   1.00 14.04 ? 25  TYR A CD1 1 
ATOM   201  C  CD2 . TYR A 1 25  ? -12.653 3.077   1.790   1.00 15.47 ? 25  TYR A CD2 1 
ATOM   202  C  CE1 . TYR A 1 25  ? -11.495 5.148   3.232   1.00 15.01 ? 25  TYR A CE1 1 
ATOM   203  C  CE2 . TYR A 1 25  ? -13.079 3.341   3.089   1.00 15.88 ? 25  TYR A CE2 1 
ATOM   204  C  CZ  . TYR A 1 25  ? -12.495 4.375   3.804   1.00 14.29 ? 25  TYR A CZ  1 
ATOM   205  O  OH  . TYR A 1 25  ? -12.901 4.617   5.095   1.00 15.06 ? 25  TYR A OH  1 
ATOM   206  N  N   . GLY A 1 26  ? -11.804 6.833   -0.580  1.00 16.05 ? 26  GLY A N   1 
ATOM   207  C  CA  . GLY A 1 26  ? -11.338 8.160   -0.221  1.00 15.41 ? 26  GLY A CA  1 
ATOM   208  C  C   . GLY A 1 26  ? -10.647 8.903   -1.345  1.00 16.02 ? 26  GLY A C   1 
ATOM   209  O  O   . GLY A 1 26  ? -10.959 8.707   -2.519  1.00 18.17 ? 26  GLY A O   1 
ATOM   210  N  N   . CYS A 1 27  ? -9.698  9.762   -0.984  1.00 16.43 ? 27  CYS A N   1 
ATOM   211  C  CA  . CYS A 1 27  ? -8.964  10.549  -1.963  1.00 15.82 ? 27  CYS A CA  1 
ATOM   212  C  C   . CYS A 1 27  ? -7.592  9.999   -2.337  1.00 16.52 ? 27  CYS A C   1 
ATOM   213  O  O   . CYS A 1 27  ? -7.001  10.451  -3.318  1.00 18.35 ? 27  CYS A O   1 
ATOM   214  C  CB  . CYS A 1 27  ? -8.795  11.982  -1.462  1.00 17.17 ? 27  CYS A CB  1 
ATOM   215  S  SG  . CYS A 1 27  ? -10.324 12.965  -1.485  1.00 17.30 ? 27  CYS A SG  1 
ATOM   216  N  N   . TYR A 1 28  ? -7.086  9.030   -1.575  1.00 15.10 ? 28  TYR A N   1 
ATOM   217  C  CA  . TYR A 1 28  ? -5.763  8.469   -1.855  1.00 14.15 ? 28  TYR A CA  1 
ATOM   218  C  C   . TYR A 1 28  ? -5.682  6.970   -2.124  1.00 14.32 ? 28  TYR A C   1 
ATOM   219  O  O   . TYR A 1 28  ? -4.714  6.504   -2.730  1.00 15.91 ? 28  TYR A O   1 
ATOM   220  C  CB  . TYR A 1 28  ? -4.789  8.809   -0.717  1.00 12.64 ? 28  TYR A CB  1 
ATOM   221  C  CG  . TYR A 1 28  ? -4.413  10.271  -0.663  1.00 13.90 ? 28  TYR A CG  1 
ATOM   222  C  CD1 . TYR A 1 28  ? -5.255  11.209  -0.067  1.00 14.20 ? 28  TYR A CD1 1 
ATOM   223  C  CD2 . TYR A 1 28  ? -3.237  10.724  -1.256  1.00 13.37 ? 28  TYR A CD2 1 
ATOM   224  C  CE1 . TYR A 1 28  ? -4.933  12.567  -0.068  1.00 13.24 ? 28  TYR A CE1 1 
ATOM   225  C  CE2 . TYR A 1 28  ? -2.907  12.075  -1.265  1.00 14.92 ? 28  TYR A CE2 1 
ATOM   226  C  CZ  . TYR A 1 28  ? -3.759  12.990  -0.672  1.00 15.53 ? 28  TYR A CZ  1 
ATOM   227  O  OH  . TYR A 1 28  ? -3.438  14.331  -0.695  1.00 14.89 ? 28  TYR A OH  1 
ATOM   228  N  N   . CYS A 1 29  ? -6.670  6.203   -1.677  1.00 16.38 ? 29  CYS A N   1 
ATOM   229  C  CA  . CYS A 1 29  ? -6.621  4.761   -1.905  1.00 15.90 ? 29  CYS A CA  1 
ATOM   230  C  C   . CYS A 1 29  ? -7.044  4.432   -3.329  1.00 19.27 ? 29  CYS A C   1 
ATOM   231  O  O   . CYS A 1 29  ? -8.227  4.455   -3.663  1.00 19.51 ? 29  CYS A O   1 
ATOM   232  C  CB  . CYS A 1 29  ? -7.516  4.028   -0.915  1.00 15.03 ? 29  CYS A CB  1 
ATOM   233  S  SG  . CYS A 1 29  ? -7.192  4.419   0.830   1.00 15.35 ? 29  CYS A SG  1 
ATOM   234  N  N   . GLY A 1 30  ? -6.054  4.112   -4.153  1.00 19.91 ? 30  GLY A N   1 
ATOM   235  C  CA  . GLY A 1 30  ? -6.289  3.807   -5.552  1.00 22.08 ? 30  GLY A CA  1 
ATOM   236  C  C   . GLY A 1 30  ? -5.225  4.572   -6.311  1.00 23.15 ? 30  GLY A C   1 
ATOM   237  O  O   . GLY A 1 30  ? -4.530  5.391   -5.716  1.00 20.90 ? 30  GLY A O   1 
ATOM   238  N  N   . LEU A 1 31  ? -5.079  4.333   -7.610  1.00 26.53 ? 31  LEU A N   1 
ATOM   239  C  CA  . LEU A 1 31  ? -4.053  5.048   -8.358  1.00 29.17 ? 31  LEU A CA  1 
ATOM   240  C  C   . LEU A 1 31  ? -4.230  6.557   -8.230  1.00 28.96 ? 31  LEU A C   1 
ATOM   241  O  O   . LEU A 1 31  ? -5.331  7.081   -8.402  1.00 31.02 ? 31  LEU A O   1 
ATOM   242  C  CB  . LEU A 1 31  ? -4.067  4.646   -9.836  1.00 32.24 ? 31  LEU A CB  1 
ATOM   243  C  CG  . LEU A 1 31  ? -2.756  4.048   -10.363 1.00 34.97 ? 31  LEU A CG  1 
ATOM   244  C  CD1 . LEU A 1 31  ? -2.778  4.053   -11.885 1.00 35.88 ? 31  LEU A CD1 1 
ATOM   245  C  CD2 . LEU A 1 31  ? -1.562  4.856   -9.860  1.00 35.84 ? 31  LEU A CD2 1 
ATOM   246  N  N   . GLY A 1 32  ? -3.137  7.248   -7.920  1.00 27.97 ? 32  GLY A N   1 
ATOM   247  C  CA  . GLY A 1 32  ? -3.187  8.690   -7.766  1.00 24.49 ? 32  GLY A CA  1 
ATOM   248  C  C   . GLY A 1 32  ? -3.701  9.107   -6.400  1.00 23.02 ? 32  GLY A C   1 
ATOM   249  O  O   . GLY A 1 32  ? -3.926  8.272   -5.524  1.00 20.98 ? 32  GLY A O   1 
ATOM   250  N  N   . GLY A 1 33  ? -3.893  10.407  -6.217  1.00 23.14 ? 33  GLY A N   1 
ATOM   251  C  CA  . GLY A 1 33  ? -4.385  10.898  -4.944  1.00 22.86 ? 33  GLY A CA  1 
ATOM   252  C  C   . GLY A 1 33  ? -3.959  12.324  -4.673  1.00 23.79 ? 33  GLY A C   1 
ATOM   253  O  O   . GLY A 1 33  ? -2.805  12.693  -4.895  1.00 26.07 ? 33  GLY A O   1 
ATOM   254  N  N   . SER A 1 34  ? -4.901  13.131  -4.196  1.00 20.98 ? 34  SER A N   1 
ATOM   255  C  CA  . SER A 1 34  ? -4.635  14.527  -3.880  1.00 20.67 ? 34  SER A CA  1 
ATOM   256  C  C   . SER A 1 34  ? -5.718  15.034  -2.938  1.00 18.62 ? 34  SER A C   1 
ATOM   257  O  O   . SER A 1 34  ? -6.685  14.328  -2.659  1.00 18.65 ? 34  SER A O   1 
ATOM   258  C  CB  . SER A 1 34  ? -4.633  15.367  -5.159  1.00 23.32 ? 34  SER A CB  1 
ATOM   259  O  OG  . SER A 1 34  ? -5.881  15.274  -5.820  1.00 30.13 ? 34  SER A OG  1 
ATOM   260  N  N   . GLY A 1 35  ? -5.547  16.259  -2.455  1.00 17.17 ? 35  GLY A N   1 
ATOM   261  C  CA  . GLY A 1 35  ? -6.523  16.838  -1.552  1.00 16.33 ? 35  GLY A CA  1 
ATOM   262  C  C   . GLY A 1 35  ? -6.306  16.411  -0.113  1.00 15.47 ? 35  GLY A C   1 
ATOM   263  O  O   . GLY A 1 35  ? -5.293  15.794  0.221   1.00 15.39 ? 35  GLY A O   1 
ATOM   264  N  N   . THR A 1 36  ? -7.267  16.735  0.741   1.00 14.08 ? 36  THR A N   1 
ATOM   265  C  CA  . THR A 1 36  ? -7.186  16.387  2.155   1.00 14.06 ? 36  THR A CA  1 
ATOM   266  C  C   . THR A 1 36  ? -7.780  15.001  2.384   1.00 13.08 ? 36  THR A C   1 
ATOM   267  O  O   . THR A 1 36  ? -8.894  14.728  1.950   1.00 14.36 ? 36  THR A O   1 
ATOM   268  C  CB  . THR A 1 36  ? -7.974  17.400  3.014   1.00 15.04 ? 36  THR A CB  1 
ATOM   269  O  OG1 . THR A 1 36  ? -7.523  18.730  2.724   1.00 14.18 ? 36  THR A OG1 1 
ATOM   270  C  CG2 . THR A 1 36  ? -7.774  17.117  4.496   1.00 13.45 ? 36  THR A CG2 1 
ATOM   271  N  N   . PRO A 1 37  ? -7.036  14.104  3.056   1.00 11.90 ? 37  PRO A N   1 
ATOM   272  C  CA  . PRO A 1 37  ? -7.547  12.753  3.324   1.00 13.28 ? 37  PRO A CA  1 
ATOM   273  C  C   . PRO A 1 37  ? -8.889  12.861  4.050   1.00 13.49 ? 37  PRO A C   1 
ATOM   274  O  O   . PRO A 1 37  ? -9.044  13.701  4.938   1.00 14.33 ? 37  PRO A O   1 
ATOM   275  C  CB  . PRO A 1 37  ? -6.463  12.148  4.212   1.00 13.71 ? 37  PRO A CB  1 
ATOM   276  C  CG  . PRO A 1 37  ? -5.210  12.806  3.695   1.00 13.92 ? 37  PRO A CG  1 
ATOM   277  C  CD  . PRO A 1 37  ? -5.655  14.249  3.547   1.00 12.92 ? 37  PRO A CD  1 
ATOM   278  N  N   . VAL A 1 38  ? -9.846  12.009  3.689   1.00 12.33 ? 38  VAL A N   1 
ATOM   279  C  CA  . VAL A 1 38  ? -11.170 12.053  4.303   1.00 12.31 ? 38  VAL A CA  1 
ATOM   280  C  C   . VAL A 1 38  ? -11.273 11.403  5.679   1.00 12.13 ? 38  VAL A C   1 
ATOM   281  O  O   . VAL A 1 38  ? -12.145 11.764  6.463   1.00 15.44 ? 38  VAL A O   1 
ATOM   282  C  CB  . VAL A 1 38  ? -12.239 11.432  3.378   1.00 13.58 ? 38  VAL A CB  1 
ATOM   283  C  CG1 . VAL A 1 38  ? -12.288 12.203  2.068   1.00 15.94 ? 38  VAL A CG1 1 
ATOM   284  C  CG2 . VAL A 1 38  ? -11.932 9.962   3.130   1.00 12.95 ? 38  VAL A CG2 1 
ATOM   285  N  N   . ASP A 1 39  ? -10.406 10.435  5.966   1.00 12.17 ? 39  ASP A N   1 
ATOM   286  C  CA  . ASP A 1 39  ? -10.394 9.778   7.275   1.00 12.30 ? 39  ASP A CA  1 
ATOM   287  C  C   . ASP A 1 39  ? -9.030  9.133   7.513   1.00 12.71 ? 39  ASP A C   1 
ATOM   288  O  O   . ASP A 1 39  ? -8.132  9.272   6.683   1.00 12.66 ? 39  ASP A O   1 
ATOM   289  C  CB  . ASP A 1 39  ? -11.525 8.739   7.403   1.00 13.72 ? 39  ASP A CB  1 
ATOM   290  C  CG  . ASP A 1 39  ? -11.448 7.635   6.362   1.00 14.83 ? 39  ASP A CG  1 
ATOM   291  O  OD1 . ASP A 1 39  ? -10.383 7.453   5.743   1.00 13.62 ? 39  ASP A OD1 1 
ATOM   292  O  OD2 . ASP A 1 39  ? -12.465 6.932   6.177   1.00 17.06 ? 39  ASP A OD2 1 
ATOM   293  N  N   . ASP A 1 40  ? -8.862  8.437   8.634   1.00 12.87 ? 40  ASP A N   1 
ATOM   294  C  CA  . ASP A 1 40  ? -7.568  7.823   8.940   1.00 14.11 ? 40  ASP A CA  1 
ATOM   295  C  C   . ASP A 1 40  ? -7.122  6.742   7.966   1.00 12.89 ? 40  ASP A C   1 
ATOM   296  O  O   . ASP A 1 40  ? -5.922  6.574   7.724   1.00 11.64 ? 40  ASP A O   1 
ATOM   297  C  CB  . ASP A 1 40  ? -7.552  7.276   10.369  1.00 17.47 ? 40  ASP A CB  1 
ATOM   298  C  CG  . ASP A 1 40  ? -7.532  8.378   11.411  1.00 23.58 ? 40  ASP A CG  1 
ATOM   299  O  OD1 . ASP A 1 40  ? -6.990  9.466   11.116  1.00 22.75 ? 40  ASP A OD1 1 
ATOM   300  O  OD2 . ASP A 1 40  ? -8.045  8.153   12.527  1.00 27.14 ? 40  ASP A OD2 1 
ATOM   301  N  N   . LEU A 1 41  ? -8.073  6.001   7.410   1.00 12.08 ? 41  LEU A N   1 
ATOM   302  C  CA  . LEU A 1 41  ? -7.720  4.967   6.449   1.00 12.46 ? 41  LEU A CA  1 
ATOM   303  C  C   . LEU A 1 41  ? -7.169  5.653   5.202   1.00 12.18 ? 41  LEU A C   1 
ATOM   304  O  O   . LEU A 1 41  ? -6.162  5.226   4.636   1.00 12.12 ? 41  LEU A O   1 
ATOM   305  C  CB  . LEU A 1 41  ? -8.948  4.121   6.097   1.00 13.13 ? 41  LEU A CB  1 
ATOM   306  C  CG  . LEU A 1 41  ? -8.771  3.049   5.019   1.00 16.90 ? 41  LEU A CG  1 
ATOM   307  C  CD1 . LEU A 1 41  ? -7.520  2.236   5.285   1.00 21.74 ? 41  LEU A CD1 1 
ATOM   308  C  CD2 . LEU A 1 41  ? -10.000 2.149   4.999   1.00 14.70 ? 41  LEU A CD2 1 
ATOM   309  N  N   . ASP A 1 42  ? -7.823  6.734   4.792   1.00 12.18 ? 42  ASP A N   1 
ATOM   310  C  CA  . ASP A 1 42  ? -7.393  7.486   3.619   1.00 11.68 ? 42  ASP A CA  1 
ATOM   311  C  C   . ASP A 1 42  ? -5.996  8.039   3.891   1.00 12.71 ? 42  ASP A C   1 
ATOM   312  O  O   . ASP A 1 42  ? -5.164  8.122   2.988   1.00 12.84 ? 42  ASP A O   1 
ATOM   313  C  CB  . ASP A 1 42  ? -8.383  8.626   3.336   1.00 12.86 ? 42  ASP A CB  1 
ATOM   314  C  CG  . ASP A 1 42  ? -8.306  9.137   1.903   1.00 14.07 ? 42  ASP A CG  1 
ATOM   315  O  OD1 . ASP A 1 42  ? -7.738  8.439   1.041   1.00 13.52 ? 42  ASP A OD1 1 
ATOM   316  O  OD2 . ASP A 1 42  ? -8.832  10.237  1.635   1.00 13.19 ? 42  ASP A OD2 1 
ATOM   317  N  N   . ARG A 1 43  ? -5.728  8.404   5.142   1.00 11.50 ? 43  ARG A N   1 
ATOM   318  C  CA  . ARG A 1 43  ? -4.414  8.930   5.485   1.00 12.05 ? 43  ARG A CA  1 
ATOM   319  C  C   . ARG A 1 43  ? -3.369  7.817   5.367   1.00 10.90 ? 43  ARG A C   1 
ATOM   320  O  O   . ARG A 1 43  ? -2.224  8.076   5.018   1.00 11.39 ? 43  ARG A O   1 
ATOM   321  C  CB  . ARG A 1 43  ? -4.414  9.536   6.892   1.00 14.84 ? 43  ARG A CB  1 
ATOM   322  C  CG  . ARG A 1 43  ? -3.242  10.490  7.134   1.00 22.00 ? 43  ARG A CG  1 
ATOM   323  C  CD  . ARG A 1 43  ? -3.486  11.413  8.320   1.00 27.20 ? 43  ARG A CD  1 
ATOM   324  N  NE  . ARG A 1 43  ? -4.407  12.511  8.022   1.00 28.49 ? 43  ARG A NE  1 
ATOM   325  C  CZ  . ARG A 1 43  ? -4.080  13.618  7.356   1.00 27.66 ? 43  ARG A CZ  1 
ATOM   326  N  NH1 . ARG A 1 43  ? -2.847  13.793  6.899   1.00 30.64 ? 43  ARG A NH1 1 
ATOM   327  N  NH2 . ARG A 1 43  ? -4.987  14.566  7.164   1.00 26.58 ? 43  ARG A NH2 1 
ATOM   328  N  N   . CYS A 1 44  ? -3.763  6.576   5.651   1.00 11.15 ? 44  CYS A N   1 
ATOM   329  C  CA  . CYS A 1 44  ? -2.836  5.452   5.507   1.00 10.62 ? 44  CYS A CA  1 
ATOM   330  C  C   . CYS A 1 44  ? -2.403  5.388   4.040   1.00 10.68 ? 44  CYS A C   1 
ATOM   331  O  O   . CYS A 1 44  ? -1.237  5.138   3.733   1.00 13.10 ? 44  CYS A O   1 
ATOM   332  C  CB  . CYS A 1 44  ? -3.507  4.119   5.845   1.00 11.59 ? 44  CYS A CB  1 
ATOM   333  S  SG  . CYS A 1 44  ? -3.900  3.758   7.580   1.00 13.05 ? 44  CYS A SG  1 
ATOM   334  N  N   . CYS A 1 45  ? -3.360  5.584   3.138   1.00 11.44 ? 45  CYS A N   1 
ATOM   335  C  CA  . CYS A 1 45  ? -3.061  5.546   1.712   1.00 11.64 ? 45  CYS A CA  1 
ATOM   336  C  C   . CYS A 1 45  ? -2.211  6.727   1.288   1.00 12.11 ? 45  CYS A C   1 
ATOM   337  O  O   . CYS A 1 45  ? -1.363  6.595   0.409   1.00 12.75 ? 45  CYS A O   1 
ATOM   338  C  CB  . CYS A 1 45  ? -4.349  5.506   0.887   1.00 12.75 ? 45  CYS A CB  1 
ATOM   339  S  SG  . CYS A 1 45  ? -5.242  3.943   1.129   1.00 13.96 ? 45  CYS A SG  1 
ATOM   340  N  N   . GLN A 1 46  ? -2.442  7.885   1.901   1.00 11.50 ? 46  GLN A N   1 
ATOM   341  C  CA  . GLN A 1 46  ? -1.645  9.062   1.568   1.00 11.52 ? 46  GLN A CA  1 
ATOM   342  C  C   . GLN A 1 46  ? -0.179  8.782   1.902   1.00 12.16 ? 46  GLN A C   1 
ATOM   343  O  O   . GLN A 1 46  ? 0.713   9.075   1.108   1.00 12.28 ? 46  GLN A O   1 
ATOM   344  C  CB  . GLN A 1 46  ? -2.119  10.287  2.354   1.00 13.12 ? 46  GLN A CB  1 
ATOM   345  C  CG  . GLN A 1 46  ? -1.285  11.537  2.074   1.00 12.65 ? 46  GLN A CG  1 
ATOM   346  C  CD  . GLN A 1 46  ? -1.665  12.710  2.957   1.00 15.48 ? 46  GLN A CD  1 
ATOM   347  O  OE1 . GLN A 1 46  ? -1.648  12.607  4.183   1.00 15.57 ? 46  GLN A OE1 1 
ATOM   348  N  NE2 . GLN A 1 46  ? -2.000  13.835  2.337   1.00 16.27 ? 46  GLN A NE2 1 
ATOM   349  N  N   . THR A 1 47  ? 0.064   8.221   3.084   1.00 11.96 ? 47  THR A N   1 
ATOM   350  C  CA  . THR A 1 47  ? 1.424   7.904   3.512   1.00 11.32 ? 47  THR A CA  1 
ATOM   351  C  C   . THR A 1 47  ? 2.036   6.872   2.567   1.00 12.95 ? 47  THR A C   1 
ATOM   352  O  O   . THR A 1 47  ? 3.211   6.953   2.215   1.00 11.85 ? 47  THR A O   1 
ATOM   353  C  CB  . THR A 1 47  ? 1.444   7.356   4.963   1.00 14.20 ? 47  THR A CB  1 
ATOM   354  O  OG1 . THR A 1 47  ? 0.983   8.372   5.865   1.00 14.00 ? 47  THR A OG1 1 
ATOM   355  C  CG2 . THR A 1 47  ? 2.855   6.936   5.366   1.00 13.62 ? 47  THR A CG2 1 
ATOM   356  N  N   . HIS A 1 48  ? 1.225   5.901   2.154   1.00 12.19 ? 48  HIS A N   1 
ATOM   357  C  CA  . HIS A 1 48  ? 1.685   4.856   1.245   1.00 11.08 ? 48  HIS A CA  1 
ATOM   358  C  C   . HIS A 1 48  ? 2.070   5.478   -0.103  1.00 11.12 ? 48  HIS A C   1 
ATOM   359  O  O   . HIS A 1 48  ? 3.087   5.118   -0.697  1.00 13.01 ? 48  HIS A O   1 
ATOM   360  C  CB  . HIS A 1 48  ? 0.577   3.816   1.062   1.00 11.64 ? 48  HIS A CB  1 
ATOM   361  C  CG  . HIS A 1 48  ? 0.991   2.613   0.262   1.00 13.41 ? 48  HIS A CG  1 
ATOM   362  N  ND1 . HIS A 1 48  ? 0.434   2.308   -0.955  1.00 15.47 ? 48  HIS A ND1 1 
ATOM   363  C  CD2 . HIS A 1 48  ? 1.896   1.641   0.529   1.00 13.22 ? 48  HIS A CD2 1 
ATOM   364  C  CE1 . HIS A 1 48  ? 0.979   1.187   -1.415  1.00 14.74 ? 48  HIS A CE1 1 
ATOM   365  N  NE2 . HIS A 1 48  ? 1.863   0.768   -0.537  1.00 12.90 ? 48  HIS A NE2 1 
ATOM   366  N  N   . ASP A 1 49  ? 1.251   6.412   -0.581  1.00 11.72 ? 49  ASP A N   1 
ATOM   367  C  CA  . ASP A 1 49  ? 1.513   7.101   -1.841  1.00 14.43 ? 49  ASP A CA  1 
ATOM   368  C  C   . ASP A 1 49  ? 2.842   7.849   -1.758  1.00 15.16 ? 49  ASP A C   1 
ATOM   369  O  O   . ASP A 1 49  ? 3.643   7.821   -2.692  1.00 16.47 ? 49  ASP A O   1 
ATOM   370  C  CB  . ASP A 1 49  ? 0.395   8.107   -2.143  1.00 12.95 ? 49  ASP A CB  1 
ATOM   371  C  CG  . ASP A 1 49  ? -0.846  7.460   -2.746  1.00 17.20 ? 49  ASP A CG  1 
ATOM   372  O  OD1 . ASP A 1 49  ? -1.016  6.226   -2.647  1.00 15.35 ? 49  ASP A OD1 1 
ATOM   373  O  OD2 . ASP A 1 49  ? -1.667  8.207   -3.316  1.00 15.20 ? 49  ASP A OD2 1 
ATOM   374  N  N   . ASN A 1 50  ? 3.065   8.532   -0.640  1.00 14.42 ? 50  ASN A N   1 
ATOM   375  C  CA  . ASN A 1 50  ? 4.301   9.287   -0.453  1.00 14.64 ? 50  ASN A CA  1 
ATOM   376  C  C   . ASN A 1 50  ? 5.501   8.352   -0.415  1.00 14.51 ? 50  ASN A C   1 
ATOM   377  O  O   . ASN A 1 50  ? 6.568   8.670   -0.935  1.00 14.06 ? 50  ASN A O   1 
ATOM   378  C  CB  . ASN A 1 50  ? 4.251   10.104  0.844   1.00 14.58 ? 50  ASN A CB  1 
ATOM   379  C  CG  . ASN A 1 50  ? 3.267   11.254  0.770   1.00 18.13 ? 50  ASN A CG  1 
ATOM   380  O  OD1 . ASN A 1 50  ? 3.091   11.859  -0.283  1.00 21.30 ? 50  ASN A OD1 1 
ATOM   381  N  ND2 . ASN A 1 50  ? 2.637   11.574  1.893   1.00 18.23 ? 50  ASN A ND2 1 
ATOM   382  N  N   . CYS A 1 51  ? 5.311   7.193   0.203   1.00 12.21 ? 51  CYS A N   1 
ATOM   383  C  CA  . CYS A 1 51  ? 6.374   6.206   0.317   1.00 12.08 ? 51  CYS A CA  1 
ATOM   384  C  C   . CYS A 1 51  ? 6.766   5.698   -1.072  1.00 12.83 ? 51  CYS A C   1 
ATOM   385  O  O   . CYS A 1 51  ? 7.948   5.504   -1.360  1.00 14.66 ? 51  CYS A O   1 
ATOM   386  C  CB  . CYS A 1 51  ? 5.898   5.055   1.199   1.00 12.53 ? 51  CYS A CB  1 
ATOM   387  S  SG  . CYS A 1 51  ? 7.201   3.992   1.890   1.00 13.62 ? 51  CYS A SG  1 
ATOM   388  N  N   . TYR A 1 52  ? 5.769   5.484   -1.927  1.00 13.97 ? 52  TYR A N   1 
ATOM   389  C  CA  . TYR A 1 52  ? 6.019   5.027   -3.294  1.00 15.52 ? 52  TYR A CA  1 
ATOM   390  C  C   . TYR A 1 52  ? 6.732   6.125   -4.084  1.00 17.56 ? 52  TYR A C   1 
ATOM   391  O  O   . TYR A 1 52  ? 7.618   5.843   -4.889  1.00 16.25 ? 52  TYR A O   1 
ATOM   392  C  CB  . TYR A 1 52  ? 4.700   4.675   -3.988  1.00 15.01 ? 52  TYR A CB  1 
ATOM   393  C  CG  . TYR A 1 52  ? 4.265   3.226   -3.865  1.00 15.93 ? 52  TYR A CG  1 
ATOM   394  C  CD1 . TYR A 1 52  ? 4.756   2.400   -2.851  1.00 14.97 ? 52  TYR A CD1 1 
ATOM   395  C  CD2 . TYR A 1 52  ? 3.333   2.690   -4.754  1.00 17.97 ? 52  TYR A CD2 1 
ATOM   396  C  CE1 . TYR A 1 52  ? 4.327   1.074   -2.728  1.00 15.18 ? 52  TYR A CE1 1 
ATOM   397  C  CE2 . TYR A 1 52  ? 2.896   1.371   -4.640  1.00 18.62 ? 52  TYR A CE2 1 
ATOM   398  C  CZ  . TYR A 1 52  ? 3.396   0.569   -3.627  1.00 18.57 ? 52  TYR A CZ  1 
ATOM   399  O  OH  . TYR A 1 52  ? 2.961   -0.734  -3.515  1.00 17.39 ? 52  TYR A OH  1 
ATOM   400  N  N   . MET A 1 53  ? 6.341   7.375   -3.859  1.00 17.05 ? 53  MET A N   1 
ATOM   401  C  CA  . MET A 1 53  ? 6.965   8.496   -4.557  1.00 19.67 ? 53  MET A CA  1 
ATOM   402  C  C   . MET A 1 53  ? 8.442   8.570   -4.189  1.00 19.93 ? 53  MET A C   1 
ATOM   403  O  O   . MET A 1 53  ? 9.296   8.818   -5.042  1.00 19.69 ? 53  MET A O   1 
ATOM   404  C  CB  . MET A 1 53  ? 6.266   9.812   -4.189  1.00 20.50 ? 53  MET A CB  1 
ATOM   405  C  CG  . MET A 1 53  ? 4.814   9.884   -4.629  1.00 29.81 ? 53  MET A CG  1 
ATOM   406  S  SD  . MET A 1 53  ? 3.976   11.393  -4.085  1.00 40.01 ? 53  MET A SD  1 
ATOM   407  C  CE  . MET A 1 53  ? 2.354   11.173  -4.823  1.00 37.12 ? 53  MET A CE  1 
ATOM   408  N  N   . GLN A 1 54  ? 8.732   8.350   -2.910  1.00 19.00 ? 54  GLN A N   1 
ATOM   409  C  CA  . GLN A 1 54  ? 10.099  8.375   -2.400  1.00 20.89 ? 54  GLN A CA  1 
ATOM   410  C  C   . GLN A 1 54  ? 10.909  7.232   -3.010  1.00 20.93 ? 54  GLN A C   1 
ATOM   411  O  O   . GLN A 1 54  ? 12.087  7.393   -3.332  1.00 20.62 ? 54  GLN A O   1 
ATOM   412  C  CB  . GLN A 1 54  ? 10.084  8.236   -0.875  1.00 24.00 ? 54  GLN A CB  1 
ATOM   413  C  CG  . GLN A 1 54  ? 11.453  8.286   -0.214  1.00 30.35 ? 54  GLN A CG  1 
ATOM   414  C  CD  . GLN A 1 54  ? 11.996  9.698   -0.079  1.00 34.90 ? 54  GLN A CD  1 
ATOM   415  O  OE1 . GLN A 1 54  ? 13.075  9.909   0.476   1.00 39.31 ? 54  GLN A OE1 1 
ATOM   416  N  NE2 . GLN A 1 54  ? 11.248  10.674  -0.580  1.00 35.16 ? 54  GLN A NE2 1 
ATOM   417  N  N   . ALA A 1 55  ? 10.270  6.078   -3.167  1.00 19.29 ? 55  ALA A N   1 
ATOM   418  C  CA  . ALA A 1 55  ? 10.934  4.908   -3.739  1.00 18.85 ? 55  ALA A CA  1 
ATOM   419  C  C   . ALA A 1 55  ? 11.418  5.176   -5.159  1.00 19.79 ? 55  ALA A C   1 
ATOM   420  O  O   . ALA A 1 55  ? 12.546  4.836   -5.513  1.00 20.97 ? 55  ALA A O   1 
ATOM   421  C  CB  . ALA A 1 55  ? 9.986   3.716   -3.733  1.00 17.95 ? 55  ALA A CB  1 
ATOM   422  N  N   . MET A 1 56  ? 10.557  5.782   -5.970  1.00 21.86 ? 56  MET A N   1 
ATOM   423  C  CA  . MET A 1 56  ? 10.889  6.088   -7.357  1.00 24.91 ? 56  MET A CA  1 
ATOM   424  C  C   . MET A 1 56  ? 12.085  7.028   -7.463  1.00 25.11 ? 56  MET A C   1 
ATOM   425  O  O   . MET A 1 56  ? 12.700  7.137   -8.520  1.00 24.67 ? 56  MET A O   1 
ATOM   426  C  CB  . MET A 1 56  ? 9.677   6.706   -8.060  1.00 28.13 ? 56  MET A CB  1 
ATOM   427  C  CG  . MET A 1 56  ? 8.469   5.782   -8.137  1.00 31.93 ? 56  MET A CG  1 
ATOM   428  S  SD  . MET A 1 56  ? 6.989   6.618   -8.743  1.00 40.57 ? 56  MET A SD  1 
ATOM   429  C  CE  . MET A 1 56  ? 7.324   6.677   -10.493 1.00 37.38 ? 56  MET A CE  1 
ATOM   430  N  N   . LYS A 1 57  ? 12.410  7.697   -6.360  1.00 26.65 ? 57  LYS A N   1 
ATOM   431  C  CA  . LYS A 1 57  ? 13.529  8.636   -6.311  1.00 27.95 ? 57  LYS A CA  1 
ATOM   432  C  C   . LYS A 1 57  ? 14.860  7.950   -6.033  1.00 28.17 ? 57  LYS A C   1 
ATOM   433  O  O   . LYS A 1 57  ? 15.920  8.498   -6.332  1.00 29.18 ? 57  LYS A O   1 
ATOM   434  C  CB  . LYS A 1 57  ? 13.287  9.687   -5.224  1.00 29.89 ? 57  LYS A CB  1 
ATOM   435  C  CG  . LYS A 1 57  ? 12.280  10.759  -5.586  1.00 33.10 ? 57  LYS A CG  1 
ATOM   436  C  CD  . LYS A 1 57  ? 11.911  11.583  -4.360  1.00 35.91 ? 57  LYS A CD  1 
ATOM   437  C  CE  . LYS A 1 57  ? 11.339  12.931  -4.755  1.00 38.01 ? 57  LYS A CE  1 
ATOM   438  N  NZ  . LYS A 1 57  ? 10.254  12.803  -5.764  1.00 41.26 ? 57  LYS A NZ  1 
ATOM   439  N  N   . LEU A 1 58  ? 14.802  6.757   -5.450  1.00 27.48 ? 58  LEU A N   1 
ATOM   440  C  CA  . LEU A 1 58  ? 16.007  6.004   -5.121  1.00 28.17 ? 58  LEU A CA  1 
ATOM   441  C  C   . LEU A 1 58  ? 16.810  5.631   -6.363  1.00 28.04 ? 58  LEU A C   1 
ATOM   442  O  O   . LEU A 1 58  ? 16.244  5.234   -7.381  1.00 25.86 ? 58  LEU A O   1 
ATOM   443  C  CB  . LEU A 1 58  ? 15.642  4.732   -4.352  1.00 30.12 ? 58  LEU A CB  1 
ATOM   444  C  CG  . LEU A 1 58  ? 14.926  4.912   -3.009  1.00 32.48 ? 58  LEU A CG  1 
ATOM   445  C  CD1 . LEU A 1 58  ? 14.548  3.552   -2.447  1.00 33.22 ? 58  LEU A CD1 1 
ATOM   446  C  CD2 . LEU A 1 58  ? 15.829  5.662   -2.040  1.00 33.19 ? 58  LEU A CD2 1 
ATOM   447  N  N   . ASP A 1 59  ? 18.130  5.759   -6.273  1.00 28.16 ? 59  ASP A N   1 
ATOM   448  C  CA  . ASP A 1 59  ? 19.007  5.426   -7.392  1.00 28.70 ? 59  ASP A CA  1 
ATOM   449  C  C   . ASP A 1 59  ? 18.792  3.975   -7.799  1.00 26.83 ? 59  ASP A C   1 
ATOM   450  O  O   . ASP A 1 59  ? 18.767  3.649   -8.986  1.00 25.28 ? 59  ASP A O   1 
ATOM   451  C  CB  . ASP A 1 59  ? 20.474  5.631   -7.002  1.00 33.06 ? 59  ASP A CB  1 
ATOM   452  C  CG  . ASP A 1 59  ? 20.795  7.073   -6.659  1.00 36.16 ? 59  ASP A CG  1 
ATOM   453  O  OD1 . ASP A 1 59  ? 20.601  7.948   -7.528  1.00 37.66 ? 59  ASP A OD1 1 
ATOM   454  O  OD2 . ASP A 1 59  ? 21.243  7.328   -5.520  1.00 38.91 ? 59  ASP A OD2 1 
ATOM   455  N  N   . SER A 1 60  ? 18.624  3.109   -6.805  1.00 24.82 ? 60  SER A N   1 
ATOM   456  C  CA  . SER A 1 60  ? 18.419  1.685   -7.048  1.00 23.86 ? 60  SER A CA  1 
ATOM   457  C  C   . SER A 1 60  ? 17.127  1.388   -7.803  1.00 21.14 ? 60  SER A C   1 
ATOM   458  O  O   . SER A 1 60  ? 17.059  0.429   -8.570  1.00 21.90 ? 60  SER A O   1 
ATOM   459  C  CB  . SER A 1 60  ? 18.428  0.925   -5.721  1.00 26.39 ? 60  SER A CB  1 
ATOM   460  O  OG  . SER A 1 60  ? 19.646  1.146   -5.032  1.00 32.64 ? 60  SER A OG  1 
ATOM   461  N  N   . CYS A 1 61  ? 16.102  2.205   -7.587  1.00 18.73 ? 61  CYS A N   1 
ATOM   462  C  CA  . CYS A 1 61  ? 14.830  1.999   -8.266  1.00 16.43 ? 61  CYS A CA  1 
ATOM   463  C  C   . CYS A 1 61  ? 14.840  2.559   -9.687  1.00 16.87 ? 61  CYS A C   1 
ATOM   464  O  O   . CYS A 1 61  ? 14.124  2.071   -10.559 1.00 15.28 ? 61  CYS A O   1 
ATOM   465  C  CB  . CYS A 1 61  ? 13.690  2.651   -7.486  1.00 16.24 ? 61  CYS A CB  1 
ATOM   466  S  SG  . CYS A 1 61  ? 13.173  1.821   -5.945  1.00 14.95 ? 61  CYS A SG  1 
ATOM   467  N  N   . LYS A 1 62  ? 15.645  3.592   -9.915  1.00 19.68 ? 62  LYS A N   1 
ATOM   468  C  CA  . LYS A 1 62  ? 15.722  4.207   -11.234 1.00 22.63 ? 62  LYS A CA  1 
ATOM   469  C  C   . LYS A 1 62  ? 16.450  3.377   -12.277 1.00 22.42 ? 62  LYS A C   1 
ATOM   470  O  O   . LYS A 1 62  ? 16.364  3.661   -13.473 1.00 23.86 ? 62  LYS A O   1 
ATOM   471  C  CB  . LYS A 1 62  ? 16.342  5.608   -11.138 1.00 26.83 ? 62  LYS A CB  1 
ATOM   472  C  CG  . LYS A 1 62  ? 15.464  6.597   -10.376 1.00 31.76 ? 62  LYS A CG  1 
ATOM   473  C  CD  . LYS A 1 62  ? 15.680  8.031   -10.820 1.00 35.95 ? 62  LYS A CD  1 
ATOM   474  C  CE  . LYS A 1 62  ? 16.335  8.851   -9.731  1.00 37.81 ? 62  LYS A CE  1 
ATOM   475  N  NZ  . LYS A 1 62  ? 17.684  8.323   -9.399  1.00 41.82 ? 62  LYS A NZ  1 
ATOM   476  N  N   . VAL A 1 63  ? 17.160  2.345   -11.837 1.00 22.27 ? 63  VAL A N   1 
ATOM   477  C  CA  . VAL A 1 63  ? 17.869  1.491   -12.780 1.00 23.56 ? 63  VAL A CA  1 
ATOM   478  C  C   . VAL A 1 63  ? 16.934  0.381   -13.239 1.00 23.97 ? 63  VAL A C   1 
ATOM   479  O  O   . VAL A 1 63  ? 17.273  -0.405  -14.122 1.00 23.33 ? 63  VAL A O   1 
ATOM   480  C  CB  . VAL A 1 63  ? 19.126  0.854   -12.151 1.00 25.97 ? 63  VAL A CB  1 
ATOM   481  C  CG1 . VAL A 1 63  ? 19.950  1.917   -11.447 1.00 26.96 ? 63  VAL A CG1 1 
ATOM   482  C  CG2 . VAL A 1 63  ? 18.730  -0.255  -11.206 1.00 28.46 ? 63  VAL A CG2 1 
ATOM   483  N  N   . LEU A 1 64  ? 15.750  0.321   -12.632 1.00 22.71 ? 64  LEU A N   1 
ATOM   484  C  CA  . LEU A 1 64  ? 14.765  -0.695  -12.977 1.00 21.24 ? 64  LEU A CA  1 
ATOM   485  C  C   . LEU A 1 64  ? 13.640  -0.114  -13.821 1.00 22.51 ? 64  LEU A C   1 
ATOM   486  O  O   . LEU A 1 64  ? 13.219  1.023   -13.612 1.00 22.82 ? 64  LEU A O   1 
ATOM   487  C  CB  . LEU A 1 64  ? 14.168  -1.305  -11.709 1.00 21.74 ? 64  LEU A CB  1 
ATOM   488  C  CG  . LEU A 1 64  ? 15.123  -2.004  -10.745 1.00 21.68 ? 64  LEU A CG  1 
ATOM   489  C  CD1 . LEU A 1 64  ? 14.354  -2.406  -9.497  1.00 23.17 ? 64  LEU A CD1 1 
ATOM   490  C  CD2 . LEU A 1 64  ? 15.751  -3.223  -11.418 1.00 23.33 ? 64  LEU A CD2 1 
ATOM   491  N  N   . VAL A 1 65  ? 13.151  -0.900  -14.774 1.00 23.53 ? 65  VAL A N   1 
ATOM   492  C  CA  . VAL A 1 65  ? 12.064  -0.452  -15.632 1.00 25.46 ? 65  VAL A CA  1 
ATOM   493  C  C   . VAL A 1 65  ? 10.735  -0.611  -14.891 1.00 25.56 ? 65  VAL A C   1 
ATOM   494  O  O   . VAL A 1 65  ? 9.780   0.123   -15.147 1.00 27.41 ? 65  VAL A O   1 
ATOM   495  C  CB  . VAL A 1 65  ? 12.032  -1.252  -16.955 1.00 26.77 ? 65  VAL A CB  1 
ATOM   496  C  CG1 . VAL A 1 65  ? 11.820  -2.727  -16.668 1.00 29.42 ? 65  VAL A CG1 1 
ATOM   497  C  CG2 . VAL A 1 65  ? 10.941  -0.707  -17.864 1.00 27.36 ? 65  VAL A CG2 1 
ATOM   498  N  N   . ASP A 1 66  ? 10.683  -1.565  -13.965 1.00 25.39 ? 66  ASP A N   1 
ATOM   499  C  CA  . ASP A 1 66  ? 9.475   -1.798  -13.178 1.00 24.30 ? 66  ASP A CA  1 
ATOM   500  C  C   . ASP A 1 66  ? 9.195   -0.635  -12.234 1.00 23.81 ? 66  ASP A C   1 
ATOM   501  O  O   . ASP A 1 66  ? 10.105  0.102   -11.852 1.00 23.35 ? 66  ASP A O   1 
ATOM   502  C  CB  . ASP A 1 66  ? 9.607   -3.073  -12.339 1.00 26.46 ? 66  ASP A CB  1 
ATOM   503  C  CG  . ASP A 1 66  ? 9.421   -4.332  -13.151 1.00 30.20 ? 66  ASP A CG  1 
ATOM   504  O  OD1 . ASP A 1 66  ? 8.384   -4.444  -13.838 1.00 32.53 ? 66  ASP A OD1 1 
ATOM   505  O  OD2 . ASP A 1 66  ? 10.303  -5.214  -13.093 1.00 34.29 ? 66  ASP A OD2 1 
ATOM   506  N  N   . ASN A 1 67  ? 7.928   -0.479  -11.866 1.00 22.82 ? 67  ASN A N   1 
ATOM   507  C  CA  . ASN A 1 67  ? 7.520   0.564   -10.935 1.00 21.83 ? 67  ASN A CA  1 
ATOM   508  C  C   . ASN A 1 67  ? 7.057   -0.155  -9.664  1.00 20.36 ? 67  ASN A C   1 
ATOM   509  O  O   . ASN A 1 67  ? 7.014   -1.383  -9.627  1.00 18.69 ? 67  ASN A O   1 
ATOM   510  C  CB  . ASN A 1 67  ? 6.390   1.417   -11.537 1.00 24.24 ? 67  ASN A CB  1 
ATOM   511  C  CG  . ASN A 1 67  ? 5.140   0.612   -11.842 1.00 25.24 ? 67  ASN A CG  1 
ATOM   512  O  OD1 . ASN A 1 67  ? 4.509   0.063   -10.945 1.00 28.62 ? 67  ASN A OD1 1 
ATOM   513  N  ND2 . ASN A 1 67  ? 4.779   0.543   -13.118 1.00 27.70 ? 67  ASN A ND2 1 
ATOM   514  N  N   . PRO A 1 68  ? 6.715   0.593   -8.605  1.00 20.02 ? 68  PRO A N   1 
ATOM   515  C  CA  . PRO A 1 68  ? 6.271   -0.037  -7.356  1.00 18.67 ? 68  PRO A CA  1 
ATOM   516  C  C   . PRO A 1 68  ? 5.132   -1.054  -7.490  1.00 19.29 ? 68  PRO A C   1 
ATOM   517  O  O   . PRO A 1 68  ? 5.061   -2.021  -6.729  1.00 18.89 ? 68  PRO A O   1 
ATOM   518  C  CB  . PRO A 1 68  ? 5.879   1.157   -6.493  1.00 19.81 ? 68  PRO A CB  1 
ATOM   519  C  CG  . PRO A 1 68  ? 6.827   2.223   -6.953  1.00 20.20 ? 68  PRO A CG  1 
ATOM   520  C  CD  . PRO A 1 68  ? 6.782   2.058   -8.456  1.00 19.78 ? 68  PRO A CD  1 
ATOM   521  N  N   . TYR A 1 69  ? 4.246   -0.842  -8.456  1.00 18.65 ? 69  TYR A N   1 
ATOM   522  C  CA  . TYR A 1 69  ? 3.114   -1.740  -8.653  1.00 19.53 ? 69  TYR A CA  1 
ATOM   523  C  C   . TYR A 1 69  ? 3.473   -3.034  -9.377  1.00 19.29 ? 69  TYR A C   1 
ATOM   524  O  O   . TYR A 1 69  ? 2.776   -4.039  -9.231  1.00 18.56 ? 69  TYR A O   1 
ATOM   525  C  CB  . TYR A 1 69  ? 2.005   -1.019  -9.428  1.00 20.99 ? 69  TYR A CB  1 
ATOM   526  C  CG  . TYR A 1 69  ? 1.401   0.157   -8.691  1.00 25.02 ? 69  TYR A CG  1 
ATOM   527  C  CD1 . TYR A 1 69  ? 0.451   -0.033  -7.687  1.00 26.78 ? 69  TYR A CD1 1 
ATOM   528  C  CD2 . TYR A 1 69  ? 1.788   1.463   -8.990  1.00 27.69 ? 69  TYR A CD2 1 
ATOM   529  C  CE1 . TYR A 1 69  ? -0.098  1.049   -6.998  1.00 28.53 ? 69  TYR A CE1 1 
ATOM   530  C  CE2 . TYR A 1 69  ? 1.248   2.552   -8.307  1.00 28.91 ? 69  TYR A CE2 1 
ATOM   531  C  CZ  . TYR A 1 69  ? 0.306   2.338   -7.313  1.00 30.22 ? 69  TYR A CZ  1 
ATOM   532  O  OH  . TYR A 1 69  ? -0.227  3.411   -6.637  1.00 34.04 ? 69  TYR A OH  1 
ATOM   533  N  N   . THR A 1 70  ? 4.557   -3.014  -10.150 1.00 17.39 ? 70  THR A N   1 
ATOM   534  C  CA  . THR A 1 70  ? 4.965   -4.194  -10.910 1.00 18.62 ? 70  THR A CA  1 
ATOM   535  C  C   . THR A 1 70  ? 6.264   -4.838  -10.443 1.00 17.50 ? 70  THR A C   1 
ATOM   536  O  O   . THR A 1 70  ? 6.651   -5.892  -10.943 1.00 17.28 ? 70  THR A O   1 
ATOM   537  C  CB  . THR A 1 70  ? 5.118   -3.861  -12.406 1.00 19.49 ? 70  THR A CB  1 
ATOM   538  O  OG1 . THR A 1 70  ? 6.137   -2.867  -12.570 1.00 21.81 ? 70  THR A OG1 1 
ATOM   539  C  CG2 . THR A 1 70  ? 3.804   -3.331  -12.971 1.00 21.50 ? 70  THR A CG2 1 
ATOM   540  N  N   . ASN A 1 71  ? 6.941   -4.209  -9.488  1.00 16.45 ? 71  ASN A N   1 
ATOM   541  C  CA  . ASN A 1 71  ? 8.198   -4.747  -8.982  1.00 17.00 ? 71  ASN A CA  1 
ATOM   542  C  C   . ASN A 1 71  ? 7.942   -5.822  -7.923  1.00 15.96 ? 71  ASN A C   1 
ATOM   543  O  O   . ASN A 1 71  ? 7.536   -5.514  -6.806  1.00 16.21 ? 71  ASN A O   1 
ATOM   544  C  CB  . ASN A 1 71  ? 9.042   -3.625  -8.373  1.00 16.36 ? 71  ASN A CB  1 
ATOM   545  C  CG  . ASN A 1 71  ? 10.464  -4.061  -8.075  1.00 17.84 ? 71  ASN A CG  1 
ATOM   546  O  OD1 . ASN A 1 71  ? 10.737  -5.249  -7.901  1.00 18.19 ? 71  ASN A OD1 1 
ATOM   547  N  ND2 . ASN A 1 71  ? 11.376  -3.097  -8.000  1.00 20.23 ? 71  ASN A ND2 1 
ATOM   548  N  N   . ASN A 1 72  ? 8.175   -7.080  -8.277  1.00 16.05 ? 72  ASN A N   1 
ATOM   549  C  CA  . ASN A 1 72  ? 7.971   -8.173  -7.332  1.00 17.96 ? 72  ASN A CA  1 
ATOM   550  C  C   . ASN A 1 72  ? 9.071   -8.224  -6.276  1.00 17.54 ? 72  ASN A C   1 
ATOM   551  O  O   . ASN A 1 72  ? 10.241  -7.987  -6.571  1.00 16.94 ? 72  ASN A O   1 
ATOM   552  C  CB  . ASN A 1 72  ? 7.930   -9.521  -8.060  1.00 21.40 ? 72  ASN A CB  1 
ATOM   553  C  CG  . ASN A 1 72  ? 6.660   -9.716  -8.859  1.00 27.62 ? 72  ASN A CG  1 
ATOM   554  O  OD1 . ASN A 1 72  ? 5.554   -9.586  -8.333  1.00 33.49 ? 72  ASN A OD1 1 
ATOM   555  N  ND2 . ASN A 1 72  ? 6.810   -10.043 -10.138 1.00 32.60 ? 72  ASN A ND2 1 
ATOM   556  N  N   . TYR A 1 73  ? 8.688   -8.528  -5.042  1.00 14.68 ? 73  TYR A N   1 
ATOM   557  C  CA  . TYR A 1 73  ? 9.647   -8.654  -3.951  1.00 14.64 ? 73  TYR A CA  1 
ATOM   558  C  C   . TYR A 1 73  ? 9.267   -9.892  -3.150  1.00 14.18 ? 73  TYR A C   1 
ATOM   559  O  O   . TYR A 1 73  ? 8.232   -10.507 -3.415  1.00 16.18 ? 73  TYR A O   1 
ATOM   560  C  CB  . TYR A 1 73  ? 9.639   -7.409  -3.055  1.00 12.45 ? 73  TYR A CB  1 
ATOM   561  C  CG  . TYR A 1 73  ? 8.286   -7.027  -2.505  1.00 13.98 ? 73  TYR A CG  1 
ATOM   562  C  CD1 . TYR A 1 73  ? 7.627   -7.837  -1.579  1.00 13.66 ? 73  TYR A CD1 1 
ATOM   563  C  CD2 . TYR A 1 73  ? 7.655   -5.859  -2.922  1.00 13.53 ? 73  TYR A CD2 1 
ATOM   564  C  CE1 . TYR A 1 73  ? 6.372   -7.491  -1.086  1.00 15.07 ? 73  TYR A CE1 1 
ATOM   565  C  CE2 . TYR A 1 73  ? 6.406   -5.502  -2.437  1.00 13.06 ? 73  TYR A CE2 1 
ATOM   566  C  CZ  . TYR A 1 73  ? 5.768   -6.321  -1.522  1.00 14.76 ? 73  TYR A CZ  1 
ATOM   567  O  OH  . TYR A 1 73  ? 4.520   -5.971  -1.056  1.00 15.68 ? 73  TYR A OH  1 
ATOM   568  N  N   . SER A 1 74  ? 10.092  -10.255 -2.176  1.00 14.41 ? 74  SER A N   1 
ATOM   569  C  CA  . SER A 1 74  ? 9.816   -11.429 -1.357  1.00 13.98 ? 74  SER A CA  1 
ATOM   570  C  C   . SER A 1 74  ? 9.452   -11.059 0.069   1.00 13.15 ? 74  SER A C   1 
ATOM   571  O  O   . SER A 1 74  ? 10.066  -10.176 0.669   1.00 12.80 ? 74  SER A O   1 
ATOM   572  C  CB  . SER A 1 74  ? 11.028  -12.365 -1.339  1.00 15.51 ? 74  SER A CB  1 
ATOM   573  O  OG  . SER A 1 74  ? 11.292  -12.882 -2.631  1.00 25.12 ? 74  SER A OG  1 
ATOM   574  N  N   . TYR A 1 75  ? 8.442   -11.742 0.601   1.00 12.05 ? 75  TYR A N   1 
ATOM   575  C  CA  . TYR A 1 75  ? 7.993   -11.515 1.968   1.00 13.70 ? 75  TYR A CA  1 
ATOM   576  C  C   . TYR A 1 75  ? 7.232   -12.750 2.406   1.00 13.33 ? 75  TYR A C   1 
ATOM   577  O  O   . TYR A 1 75  ? 6.865   -13.591 1.586   1.00 13.14 ? 75  TYR A O   1 
ATOM   578  C  CB  . TYR A 1 75  ? 7.051   -10.305 2.060   1.00 14.00 ? 75  TYR A CB  1 
ATOM   579  C  CG  . TYR A 1 75  ? 5.624   -10.623 1.669   1.00 14.00 ? 75  TYR A CG  1 
ATOM   580  C  CD1 . TYR A 1 75  ? 5.268   -10.802 0.332   1.00 15.36 ? 75  TYR A CD1 1 
ATOM   581  C  CD2 . TYR A 1 75  ? 4.639   -10.805 2.642   1.00 17.09 ? 75  TYR A CD2 1 
ATOM   582  C  CE1 . TYR A 1 75  ? 3.968   -11.157 -0.027  1.00 17.27 ? 75  TYR A CE1 1 
ATOM   583  C  CE2 . TYR A 1 75  ? 3.334   -11.164 2.294   1.00 17.40 ? 75  TYR A CE2 1 
ATOM   584  C  CZ  . TYR A 1 75  ? 3.009   -11.339 0.958   1.00 18.45 ? 75  TYR A CZ  1 
ATOM   585  O  OH  . TYR A 1 75  ? 1.733   -11.705 0.601   1.00 22.10 ? 75  TYR A OH  1 
ATOM   586  N  N   . SER A 1 76  ? 6.988   -12.853 3.704   1.00 13.91 ? 76  SER A N   1 
ATOM   587  C  CA  . SER A 1 76  ? 6.238   -13.981 4.219   1.00 13.27 ? 76  SER A CA  1 
ATOM   588  C  C   . SER A 1 76  ? 5.220   -13.489 5.230   1.00 14.56 ? 76  SER A C   1 
ATOM   589  O  O   . SER A 1 76  ? 5.367   -12.413 5.807   1.00 12.59 ? 76  SER A O   1 
ATOM   590  C  CB  . SER A 1 76  ? 7.166   -14.978 4.912   1.00 14.57 ? 76  SER A CB  1 
ATOM   591  O  OG  . SER A 1 76  ? 7.668   -14.443 6.130   1.00 15.29 ? 76  SER A OG  1 
ATOM   592  N  N   . CYS A 1 77  ? 4.173   -14.284 5.408   1.00 14.01 ? 77  CYS A N   1 
ATOM   593  C  CA  . CYS A 1 77  ? 3.142   -14.010 6.394   1.00 13.97 ? 77  CYS A CA  1 
ATOM   594  C  C   . CYS A 1 77  ? 3.211   -15.235 7.295   1.00 14.96 ? 77  CYS A C   1 
ATOM   595  O  O   . CYS A 1 77  ? 3.236   -16.365 6.806   1.00 15.31 ? 77  CYS A O   1 
ATOM   596  C  CB  . CYS A 1 77  ? 1.754   -13.930 5.756   1.00 15.22 ? 77  CYS A CB  1 
ATOM   597  S  SG  . CYS A 1 77  ? 0.415   -13.706 6.981   1.00 13.83 ? 77  CYS A SG  1 
ATOM   598  N  N   . SER A 1 78  ? 3.274   -15.017 8.601   1.00 15.29 ? 78  SER A N   1 
ATOM   599  C  CA  . SER A 1 78  ? 3.334   -16.120 9.548   1.00 16.55 ? 78  SER A CA  1 
ATOM   600  C  C   . SER A 1 78  ? 2.700   -15.639 10.842  1.00 16.94 ? 78  SER A C   1 
ATOM   601  O  O   . SER A 1 78  ? 3.141   -14.645 11.416  1.00 16.35 ? 78  SER A O   1 
ATOM   602  C  CB  . SER A 1 78  ? 4.789   -16.531 9.791   1.00 18.44 ? 78  SER A CB  1 
ATOM   603  O  OG  . SER A 1 78  ? 4.856   -17.701 10.586  1.00 24.50 ? 78  SER A OG  1 
ATOM   604  N  N   . ASN A 1 79  ? 1.671   -16.347 11.297  1.00 17.40 ? 79  ASN A N   1 
ATOM   605  C  CA  . ASN A 1 79  ? 0.956   -15.963 12.511  1.00 19.52 ? 79  ASN A CA  1 
ATOM   606  C  C   . ASN A 1 79  ? 0.492   -14.516 12.364  1.00 18.16 ? 79  ASN A C   1 
ATOM   607  O  O   . ASN A 1 79  ? 0.584   -13.719 13.297  1.00 17.67 ? 79  ASN A O   1 
ATOM   608  C  CB  . ASN A 1 79  ? 1.859   -16.102 13.740  1.00 24.45 ? 79  ASN A CB  1 
ATOM   609  C  CG  . ASN A 1 79  ? 2.249   -17.541 14.020  1.00 30.15 ? 79  ASN A CG  1 
ATOM   610  O  OD1 . ASN A 1 79  ? 1.395   -18.427 14.095  1.00 33.06 ? 79  ASN A OD1 1 
ATOM   611  N  ND2 . ASN A 1 79  ? 3.545   -17.781 14.182  1.00 32.25 ? 79  ASN A ND2 1 
ATOM   612  N  N   . ASN A 1 80  ? 0.010   -14.188 11.170  1.00 16.46 ? 80  ASN A N   1 
ATOM   613  C  CA  . ASN A 1 80  ? -0.481  -12.851 10.851  1.00 17.44 ? 80  ASN A CA  1 
ATOM   614  C  C   . ASN A 1 80  ? 0.559   -11.749 11.012  1.00 17.00 ? 80  ASN A C   1 
ATOM   615  O  O   . ASN A 1 80  ? 0.222   -10.593 11.263  1.00 16.57 ? 80  ASN A O   1 
ATOM   616  C  CB  . ASN A 1 80  ? -1.716  -12.534 11.691  1.00 18.87 ? 80  ASN A CB  1 
ATOM   617  C  CG  . ASN A 1 80  ? -2.802  -13.574 11.524  1.00 21.49 ? 80  ASN A CG  1 
ATOM   618  O  OD1 . ASN A 1 80  ? -2.984  -14.440 12.378  1.00 24.95 ? 80  ASN A OD1 1 
ATOM   619  N  ND2 . ASN A 1 80  ? -3.514  -13.510 10.406  1.00 21.27 ? 80  ASN A ND2 1 
ATOM   620  N  N   . GLU A 1 81  ? 1.827   -12.113 10.857  1.00 16.38 ? 81  GLU A N   1 
ATOM   621  C  CA  . GLU A 1 81  ? 2.914   -11.148 10.957  1.00 17.01 ? 81  GLU A CA  1 
ATOM   622  C  C   . GLU A 1 81  ? 3.614   -11.094 9.606   1.00 14.24 ? 81  GLU A C   1 
ATOM   623  O  O   . GLU A 1 81  ? 3.834   -12.126 8.975   1.00 15.43 ? 81  GLU A O   1 
ATOM   624  C  CB  . GLU A 1 81  ? 3.908   -11.571 12.042  1.00 20.42 ? 81  GLU A CB  1 
ATOM   625  C  CG  . GLU A 1 81  ? 5.058   -10.601 12.233  1.00 29.72 ? 81  GLU A CG  1 
ATOM   626  C  CD  . GLU A 1 81  ? 5.999   -11.032 13.339  1.00 36.34 ? 81  GLU A CD  1 
ATOM   627  O  OE1 . GLU A 1 81  ? 5.518   -11.241 14.474  1.00 38.43 ? 81  GLU A OE1 1 
ATOM   628  O  OE2 . GLU A 1 81  ? 7.215   -11.160 13.076  1.00 39.12 ? 81  GLU A OE2 1 
ATOM   629  N  N   . ILE A 1 82  ? 3.953   -9.888  9.166   1.00 14.35 ? 82  ILE A N   1 
ATOM   630  C  CA  . ILE A 1 82  ? 4.621   -9.691  7.882   1.00 12.76 ? 82  ILE A CA  1 
ATOM   631  C  C   . ILE A 1 82  ? 6.125   -9.529  8.050   1.00 13.09 ? 82  ILE A C   1 
ATOM   632  O  O   . ILE A 1 82  ? 6.580   -8.765  8.904   1.00 12.94 ? 82  ILE A O   1 
ATOM   633  C  CB  . ILE A 1 82  ? 4.106   -8.424  7.180   1.00 12.42 ? 82  ILE A CB  1 
ATOM   634  C  CG1 . ILE A 1 82  ? 2.601   -8.528  6.933   1.00 11.50 ? 82  ILE A CG1 1 
ATOM   635  C  CG2 . ILE A 1 82  ? 4.847   -8.222  5.859   1.00 14.51 ? 82  ILE A CG2 1 
ATOM   636  C  CD1 . ILE A 1 82  ? 1.975   -7.202  6.549   1.00 11.21 ? 82  ILE A CD1 1 
ATOM   637  N  N   . THR A 1 83  ? 6.888   -10.235 7.220   1.00 13.47 ? 83  THR A N   1 
ATOM   638  C  CA  . THR A 1 83  ? 8.344   -10.148 7.256   1.00 13.66 ? 83  THR A CA  1 
ATOM   639  C  C   . THR A 1 83  ? 8.893   -9.919  5.853   1.00 13.54 ? 83  THR A C   1 
ATOM   640  O  O   . THR A 1 83  ? 8.689   -10.746 4.963   1.00 14.93 ? 83  THR A O   1 
ATOM   641  C  CB  . THR A 1 83  ? 8.981   -11.443 7.810   1.00 12.97 ? 83  THR A CB  1 
ATOM   642  O  OG1 . THR A 1 83  ? 8.535   -11.662 9.152   1.00 16.03 ? 83  THR A OG1 1 
ATOM   643  C  CG2 . THR A 1 83  ? 10.502  -11.337 7.802   1.00 14.18 ? 83  THR A CG2 1 
ATOM   644  N  N   . CYS A 1 84  ? 9.569   -8.791  5.649   1.00 11.91 ? 84  CYS A N   1 
ATOM   645  C  CA  . CYS A 1 84  ? 10.175  -8.502  4.356   1.00 12.44 ? 84  CYS A CA  1 
ATOM   646  C  C   . CYS A 1 84  ? 11.497  -9.254  4.344   1.00 14.06 ? 84  CYS A C   1 
ATOM   647  O  O   . CYS A 1 84  ? 12.275  -9.171  5.293   1.00 14.79 ? 84  CYS A O   1 
ATOM   648  C  CB  . CYS A 1 84  ? 10.408  -6.998  4.178   1.00 10.94 ? 84  CYS A CB  1 
ATOM   649  S  SG  . CYS A 1 84  ? 8.860   -6.114  3.803   1.00 13.07 ? 84  CYS A SG  1 
ATOM   650  N  N   . SER A 1 85  ? 11.743  -9.989  3.267   1.00 13.66 ? 85  SER A N   1 
ATOM   651  C  CA  . SER A 1 85  ? 12.951  -10.803 3.157   1.00 12.96 ? 85  SER A CA  1 
ATOM   652  C  C   . SER A 1 85  ? 14.257  -10.046 2.966   1.00 14.11 ? 85  SER A C   1 
ATOM   653  O  O   . SER A 1 85  ? 14.316  -9.048  2.250   1.00 13.08 ? 85  SER A O   1 
ATOM   654  C  CB  . SER A 1 85  ? 12.794  -11.811 2.021   1.00 13.24 ? 85  SER A CB  1 
ATOM   655  O  OG  . SER A 1 85  ? 13.884  -12.716 2.000   1.00 12.66 ? 85  SER A OG  1 
ATOM   656  N  N   . SER A 1 86  ? 15.312  -10.544 3.607   1.00 14.46 ? 86  SER A N   1 
ATOM   657  C  CA  . SER A 1 86  ? 16.635  -9.939  3.495   1.00 15.94 ? 86  SER A CA  1 
ATOM   658  C  C   . SER A 1 86  ? 17.207  -10.184 2.101   1.00 17.34 ? 86  SER A C   1 
ATOM   659  O  O   . SER A 1 86  ? 18.244  -9.632  1.735   1.00 19.21 ? 86  SER A O   1 
ATOM   660  C  CB  . SER A 1 86  ? 17.578  -10.528 4.546   1.00 17.08 ? 86  SER A CB  1 
ATOM   661  O  OG  . SER A 1 86  ? 17.749  -11.921 4.347   1.00 17.14 ? 86  SER A OG  1 
ATOM   662  N  N   . GLU A 1 87  ? 16.530  -11.014 1.317   1.00 16.55 ? 87  GLU A N   1 
ATOM   663  C  CA  . GLU A 1 87  ? 17.000  -11.292 -0.029  1.00 18.08 ? 87  GLU A CA  1 
ATOM   664  C  C   . GLU A 1 87  ? 16.515  -10.258 -1.026  1.00 15.23 ? 87  GLU A C   1 
ATOM   665  O  O   . GLU A 1 87  ? 16.826  -10.328 -2.215  1.00 15.72 ? 87  GLU A O   1 
ATOM   666  C  CB  . GLU A 1 87  ? 16.578  -12.691 -0.444  1.00 23.32 ? 87  GLU A CB  1 
ATOM   667  C  CG  . GLU A 1 87  ? 17.235  -13.727 0.431   1.00 32.94 ? 87  GLU A CG  1 
ATOM   668  C  CD  . GLU A 1 87  ? 17.809  -14.863 -0.363  1.00 37.60 ? 87  GLU A CD  1 
ATOM   669  O  OE1 . GLU A 1 87  ? 18.489  -14.599 -1.377  1.00 41.31 ? 87  GLU A OE1 1 
ATOM   670  O  OE2 . GLU A 1 87  ? 17.583  -16.019 0.036   1.00 43.52 ? 87  GLU A OE2 1 
ATOM   671  N  N   . ASN A 1 88  ? 15.747  -9.294  -0.531  1.00 13.20 ? 88  ASN A N   1 
ATOM   672  C  CA  . ASN A 1 88  ? 15.253  -8.213  -1.370  1.00 13.49 ? 88  ASN A CA  1 
ATOM   673  C  C   . ASN A 1 88  ? 16.414  -7.246  -1.592  1.00 12.49 ? 88  ASN A C   1 
ATOM   674  O  O   . ASN A 1 88  ? 17.148  -6.933  -0.653  1.00 11.95 ? 88  ASN A O   1 
ATOM   675  C  CB  . ASN A 1 88  ? 14.122  -7.459  -0.658  1.00 12.90 ? 88  ASN A CB  1 
ATOM   676  C  CG  . ASN A 1 88  ? 12.798  -8.199  -0.709  1.00 15.36 ? 88  ASN A CG  1 
ATOM   677  O  OD1 . ASN A 1 88  ? 11.931  -8.004  0.150   1.00 19.30 ? 88  ASN A OD1 1 
ATOM   678  N  ND2 . ASN A 1 88  ? 12.623  -9.029  -1.721  1.00 11.14 ? 88  ASN A ND2 1 
ATOM   679  N  N   . ASN A 1 89  ? 16.594  -6.787  -2.826  1.00 12.30 ? 89  ASN A N   1 
ATOM   680  C  CA  . ASN A 1 89  ? 17.645  -5.820  -3.103  1.00 11.29 ? 89  ASN A CA  1 
ATOM   681  C  C   . ASN A 1 89  ? 17.098  -4.454  -2.673  1.00 11.68 ? 89  ASN A C   1 
ATOM   682  O  O   . ASN A 1 89  ? 15.919  -4.334  -2.335  1.00 13.05 ? 89  ASN A O   1 
ATOM   683  C  CB  . ASN A 1 89  ? 18.017  -5.850  -4.589  1.00 11.84 ? 89  ASN A CB  1 
ATOM   684  C  CG  . ASN A 1 89  ? 18.842  -7.081  -4.956  1.00 14.42 ? 89  ASN A CG  1 
ATOM   685  O  OD1 . ASN A 1 89  ? 18.918  -7.471  -6.122  1.00 18.97 ? 89  ASN A OD1 1 
ATOM   686  N  ND2 . ASN A 1 89  ? 19.474  -7.688  -3.958  1.00 12.88 ? 89  ASN A ND2 1 
ATOM   687  N  N   . ALA A 1 90  ? 17.953  -3.436  -2.670  1.00 11.29 ? 90  ALA A N   1 
ATOM   688  C  CA  . ALA A 1 90  ? 17.586  -2.094  -2.218  1.00 13.16 ? 90  ALA A CA  1 
ATOM   689  C  C   . ALA A 1 90  ? 16.203  -1.565  -2.599  1.00 13.76 ? 90  ALA A C   1 
ATOM   690  O  O   . ALA A 1 90  ? 15.400  -1.220  -1.722  1.00 12.49 ? 90  ALA A O   1 
ATOM   691  C  CB  . ALA A 1 90  ? 18.658  -1.092  -2.659  1.00 16.52 ? 90  ALA A CB  1 
ATOM   692  N  N   . CYS A 1 91  ? 15.924  -1.488  -3.891  1.00 12.89 ? 91  CYS A N   1 
ATOM   693  C  CA  . CYS A 1 91  ? 14.638  -0.967  -4.336  1.00 13.48 ? 91  CYS A CA  1 
ATOM   694  C  C   . CYS A 1 91  ? 13.434  -1.772  -3.841  1.00 13.85 ? 91  CYS A C   1 
ATOM   695  O  O   . CYS A 1 91  ? 12.516  -1.216  -3.237  1.00 12.57 ? 91  CYS A O   1 
ATOM   696  C  CB  . CYS A 1 91  ? 14.601  -0.858  -5.866  1.00 14.55 ? 91  CYS A CB  1 
ATOM   697  S  SG  . CYS A 1 91  ? 13.027  -0.146  -6.438  1.00 14.79 ? 91  CYS A SG  1 
ATOM   698  N  N   . GLU A 1 92  ? 13.432  -3.080  -4.094  1.00 15.07 ? 92  GLU A N   1 
ATOM   699  C  CA  . GLU A 1 92  ? 12.315  -3.919  -3.667  1.00 15.95 ? 92  GLU A CA  1 
ATOM   700  C  C   . GLU A 1 92  ? 12.144  -3.949  -2.152  1.00 14.96 ? 92  GLU A C   1 
ATOM   701  O  O   . GLU A 1 92  ? 11.020  -4.051  -1.654  1.00 15.52 ? 92  GLU A O   1 
ATOM   702  C  CB  . GLU A 1 92  ? 12.474  -5.342  -4.218  1.00 20.49 ? 92  GLU A CB  1 
ATOM   703  C  CG  . GLU A 1 92  ? 13.902  -5.772  -4.410  1.00 23.95 ? 92  GLU A CG  1 
ATOM   704  C  CD  . GLU A 1 92  ? 14.021  -7.091  -5.147  1.00 22.96 ? 92  GLU A CD  1 
ATOM   705  O  OE1 . GLU A 1 92  ? 13.332  -7.277  -6.177  1.00 22.00 ? 92  GLU A OE1 1 
ATOM   706  O  OE2 . GLU A 1 92  ? 14.817  -7.935  -4.700  1.00 21.24 ? 92  GLU A OE2 1 
ATOM   707  N  N   . ALA A 1 93  ? 13.249  -3.848  -1.420  1.00 12.58 ? 93  ALA A N   1 
ATOM   708  C  CA  . ALA A 1 93  ? 13.197  -3.844  0.037   1.00 12.27 ? 93  ALA A CA  1 
ATOM   709  C  C   . ALA A 1 93  ? 12.463  -2.600  0.532   1.00 12.82 ? 93  ALA A C   1 
ATOM   710  O  O   . ALA A 1 93  ? 11.695  -2.662  1.491   1.00 10.95 ? 93  ALA A O   1 
ATOM   711  C  CB  . ALA A 1 93  ? 14.614  -3.888  0.621   1.00 12.70 ? 93  ALA A CB  1 
ATOM   712  N  N   . PHE A 1 94  ? 12.706  -1.465  -0.120  1.00 11.59 ? 94  PHE A N   1 
ATOM   713  C  CA  . PHE A 1 94  ? 12.058  -0.217  0.270   1.00 12.65 ? 94  PHE A CA  1 
ATOM   714  C  C   . PHE A 1 94  ? 10.558  -0.321  0.020   1.00 12.14 ? 94  PHE A C   1 
ATOM   715  O  O   . PHE A 1 94  ? 9.752   0.033   0.879   1.00 11.63 ? 94  PHE A O   1 
ATOM   716  C  CB  . PHE A 1 94  ? 12.625  0.957   -0.531  1.00 12.48 ? 94  PHE A CB  1 
ATOM   717  C  CG  . PHE A 1 94  ? 12.224  2.305   0.002   1.00 15.18 ? 94  PHE A CG  1 
ATOM   718  C  CD1 . PHE A 1 94  ? 12.997  2.944   0.968   1.00 19.44 ? 94  PHE A CD1 1 
ATOM   719  C  CD2 . PHE A 1 94  ? 11.071  2.931   -0.453  1.00 17.01 ? 94  PHE A CD2 1 
ATOM   720  C  CE1 . PHE A 1 94  ? 12.626  4.189   1.472   1.00 17.80 ? 94  PHE A CE1 1 
ATOM   721  C  CE2 . PHE A 1 94  ? 10.690  4.176   0.043   1.00 17.52 ? 94  PHE A CE2 1 
ATOM   722  C  CZ  . PHE A 1 94  ? 11.469  4.806   1.008   1.00 18.28 ? 94  PHE A CZ  1 
ATOM   723  N  N   . ILE A 1 95  ? 10.194  -0.809  -1.164  1.00 11.58 ? 95  ILE A N   1 
ATOM   724  C  CA  . ILE A 1 95  ? 8.793   -0.972  -1.535  1.00 12.51 ? 95  ILE A CA  1 
ATOM   725  C  C   . ILE A 1 95  ? 8.109   -1.960  -0.594  1.00 11.50 ? 95  ILE A C   1 
ATOM   726  O  O   . ILE A 1 95  ? 6.968   -1.748  -0.185  1.00 11.56 ? 95  ILE A O   1 
ATOM   727  C  CB  . ILE A 1 95  ? 8.668   -1.470  -2.990  1.00 13.17 ? 95  ILE A CB  1 
ATOM   728  C  CG1 . ILE A 1 95  ? 9.228   -0.410  -3.941  1.00 17.55 ? 95  ILE A CG1 1 
ATOM   729  C  CG2 . ILE A 1 95  ? 7.203   -1.763  -3.326  1.00 14.40 ? 95  ILE A CG2 1 
ATOM   730  C  CD1 . ILE A 1 95  ? 9.374   -0.881  -5.381  1.00 16.92 ? 95  ILE A CD1 1 
ATOM   731  N  N   . CYS A 1 96  ? 8.808   -3.039  -0.249  1.00 10.62 ? 96  CYS A N   1 
ATOM   732  C  CA  . CYS A 1 96  ? 8.243   -4.029  0.666   1.00 11.87 ? 96  CYS A CA  1 
ATOM   733  C  C   . CYS A 1 96  ? 7.886   -3.330  1.974   1.00 12.54 ? 96  CYS A C   1 
ATOM   734  O  O   . CYS A 1 96  ? 6.805   -3.544  2.534   1.00 11.49 ? 96  CYS A O   1 
ATOM   735  C  CB  . CYS A 1 96  ? 9.249   -5.154  0.938   1.00 12.37 ? 96  CYS A CB  1 
ATOM   736  S  SG  . CYS A 1 96  ? 8.518   -6.554  1.851   1.00 11.93 ? 96  CYS A SG  1 
ATOM   737  N  N   . ASN A 1 97  ? 8.790   -2.475  2.452   1.00 12.21 ? 97  ASN A N   1 
ATOM   738  C  CA  . ASN A 1 97  ? 8.560   -1.746  3.694   1.00 13.62 ? 97  ASN A CA  1 
ATOM   739  C  C   . ASN A 1 97  ? 7.341   -0.829  3.577   1.00 11.56 ? 97  ASN A C   1 
ATOM   740  O  O   . ASN A 1 97  ? 6.524   -0.758  4.490   1.00 13.04 ? 97  ASN A O   1 
ATOM   741  C  CB  . ASN A 1 97  ? 9.792   -0.915  4.066   1.00 18.09 ? 97  ASN A CB  1 
ATOM   742  C  CG  . ASN A 1 97  ? 9.651   -0.229  5.414   1.00 26.29 ? 97  ASN A CG  1 
ATOM   743  O  OD1 . ASN A 1 97  ? 9.524   -0.890  6.445   1.00 33.32 ? 97  ASN A OD1 1 
ATOM   744  N  ND2 . ASN A 1 97  ? 9.668   1.099   5.412   1.00 29.21 ? 97  ASN A ND2 1 
ATOM   745  N  N   . CYS A 1 98  ? 7.229   -0.122  2.459   1.00 10.69 ? 98  CYS A N   1 
ATOM   746  C  CA  . CYS A 1 98  ? 6.088   0.767   2.241   1.00 11.37 ? 98  CYS A CA  1 
ATOM   747  C  C   . CYS A 1 98  ? 4.786   -0.013  2.371   1.00 12.12 ? 98  CYS A C   1 
ATOM   748  O  O   . CYS A 1 98  ? 3.843   0.427   3.036   1.00 11.38 ? 98  CYS A O   1 
ATOM   749  C  CB  . CYS A 1 98  ? 6.120   1.370   0.838   1.00 11.71 ? 98  CYS A CB  1 
ATOM   750  S  SG  . CYS A 1 98  ? 7.442   2.564   0.472   1.00 13.47 ? 98  CYS A SG  1 
ATOM   751  N  N   . ASP A 1 99  ? 4.737   -1.161  1.702   1.00 11.59 ? 99  ASP A N   1 
ATOM   752  C  CA  . ASP A 1 99  ? 3.552   -2.012  1.710   1.00 10.79 ? 99  ASP A CA  1 
ATOM   753  C  C   . ASP A 1 99  ? 3.258   -2.575  3.094   1.00 11.12 ? 99  ASP A C   1 
ATOM   754  O  O   . ASP A 1 99  ? 2.109   -2.579  3.538   1.00 11.76 ? 99  ASP A O   1 
ATOM   755  C  CB  . ASP A 1 99  ? 3.711   -3.157  0.705   1.00 11.61 ? 99  ASP A CB  1 
ATOM   756  C  CG  . ASP A 1 99  ? 3.643   -2.684  -0.743  1.00 15.65 ? 99  ASP A CG  1 
ATOM   757  O  OD1 . ASP A 1 99  ? 3.331   -1.495  -0.983  1.00 15.71 ? 99  ASP A OD1 1 
ATOM   758  O  OD2 . ASP A 1 99  ? 3.889   -3.507  -1.647  1.00 16.89 ? 99  ASP A OD2 1 
ATOM   759  N  N   . ARG A 1 100 ? 4.291   -3.049  3.782   1.00 10.79 ? 100 ARG A N   1 
ATOM   760  C  CA  . ARG A 1 100 ? 4.100   -3.597  5.119   1.00 9.72  ? 100 ARG A CA  1 
ATOM   761  C  C   . ARG A 1 100 ? 3.515   -2.549  6.059   1.00 10.97 ? 100 ARG A C   1 
ATOM   762  O  O   . ARG A 1 100 ? 2.577   -2.831  6.797   1.00 9.75  ? 100 ARG A O   1 
ATOM   763  C  CB  . ARG A 1 100 ? 5.424   -4.119  5.691   1.00 11.13 ? 100 ARG A CB  1 
ATOM   764  C  CG  . ARG A 1 100 ? 5.318   -4.595  7.137   1.00 13.44 ? 100 ARG A CG  1 
ATOM   765  C  CD  . ARG A 1 100 ? 6.570   -5.355  7.579   1.00 15.63 ? 100 ARG A CD  1 
ATOM   766  N  NE  . ARG A 1 100 ? 6.451   -5.840  8.953   1.00 17.91 ? 100 ARG A NE  1 
ATOM   767  C  CZ  . ARG A 1 100 ? 6.577   -5.078  10.035  1.00 20.48 ? 100 ARG A CZ  1 
ATOM   768  N  NH1 . ARG A 1 100 ? 6.836   -3.784  9.914   1.00 21.84 ? 100 ARG A NH1 1 
ATOM   769  N  NH2 . ARG A 1 100 ? 6.428   -5.610  11.241  1.00 19.97 ? 100 ARG A NH2 1 
ATOM   770  N  N   . ASN A 1 101 ? 4.076   -1.342  6.036   1.00 10.90 ? 101 ASN A N   1 
ATOM   771  C  CA  . ASN A 1 101 ? 3.588   -0.272  6.900   1.00 10.08 ? 101 ASN A CA  1 
ATOM   772  C  C   . ASN A 1 101 ? 2.123   0.057   6.634   1.00 10.11 ? 101 ASN A C   1 
ATOM   773  O  O   . ASN A 1 101 ? 1.351   0.273   7.565   1.00 10.06 ? 101 ASN A O   1 
ATOM   774  C  CB  . ASN A 1 101 ? 4.428   0.999   6.718   1.00 11.23 ? 101 ASN A CB  1 
ATOM   775  C  CG  . ASN A 1 101 ? 5.752   0.942   7.462   1.00 15.46 ? 101 ASN A CG  1 
ATOM   776  O  OD1 . ASN A 1 101 ? 6.042   -0.021  8.172   1.00 15.23 ? 101 ASN A OD1 1 
ATOM   777  N  ND2 . ASN A 1 101 ? 6.561   1.986   7.306   1.00 14.20 ? 101 ASN A ND2 1 
ATOM   778  N  N   . ALA A 1 102 ? 1.741   0.092   5.363   1.00 9.25  ? 102 ALA A N   1 
ATOM   779  C  CA  . ALA A 1 102 ? 0.364   0.407   4.997   1.00 9.87  ? 102 ALA A CA  1 
ATOM   780  C  C   . ALA A 1 102 ? -0.598  -0.706  5.410   1.00 10.86 ? 102 ALA A C   1 
ATOM   781  O  O   . ALA A 1 102 ? -1.708  -0.437  5.868   1.00 12.21 ? 102 ALA A O   1 
ATOM   782  C  CB  . ALA A 1 102 ? 0.268   0.659   3.492   1.00 11.15 ? 102 ALA A CB  1 
ATOM   783  N  N   . ALA A 1 103 ? -0.170  -1.955  5.253   1.00 11.73 ? 103 ALA A N   1 
ATOM   784  C  CA  . ALA A 1 103 ? -1.010  -3.093  5.616   1.00 10.24 ? 103 ALA A CA  1 
ATOM   785  C  C   . ALA A 1 103 ? -1.323  -3.050  7.105   1.00 11.63 ? 103 ALA A C   1 
ATOM   786  O  O   . ALA A 1 103 ? -2.456  -3.295  7.517   1.00 11.53 ? 103 ALA A O   1 
ATOM   787  C  CB  . ALA A 1 103 ? -0.315  -4.407  5.255   1.00 10.73 ? 103 ALA A CB  1 
ATOM   788  N  N   . ILE A 1 104 ? -0.319  -2.733  7.916   1.00 10.87 ? 104 ILE A N   1 
ATOM   789  C  CA  . ILE A 1 104 ? -0.527  -2.645  9.355   1.00 9.66  ? 104 ILE A CA  1 
ATOM   790  C  C   . ILE A 1 104 ? -1.437  -1.448  9.653   1.00 11.09 ? 104 ILE A C   1 
ATOM   791  O  O   . ILE A 1 104 ? -2.355  -1.545  10.463  1.00 11.62 ? 104 ILE A O   1 
ATOM   792  C  CB  . ILE A 1 104 ? 0.819   -2.492  10.096  1.00 11.57 ? 104 ILE A CB  1 
ATOM   793  C  CG1 . ILE A 1 104 ? 1.658   -3.757  9.890   1.00 10.48 ? 104 ILE A CG1 1 
ATOM   794  C  CG2 . ILE A 1 104 ? 0.579   -2.261  11.585  1.00 12.90 ? 104 ILE A CG2 1 
ATOM   795  C  CD1 . ILE A 1 104 ? 3.097   -3.643  10.372  1.00 13.56 ? 104 ILE A CD1 1 
ATOM   796  N  N   . CYS A 1 105 ? -1.183  -0.328  8.985   1.00 10.35 ? 105 CYS A N   1 
ATOM   797  C  CA  . CYS A 1 105 ? -1.989  0.880   9.170   1.00 10.49 ? 105 CYS A CA  1 
ATOM   798  C  C   . CYS A 1 105 ? -3.468  0.584   8.891   1.00 12.89 ? 105 CYS A C   1 
ATOM   799  O  O   . CYS A 1 105 ? -4.342  0.947   9.682   1.00 11.52 ? 105 CYS A O   1 
ATOM   800  C  CB  . CYS A 1 105 ? -1.492  1.979   8.227   1.00 13.12 ? 105 CYS A CB  1 
ATOM   801  S  SG  . CYS A 1 105 ? -2.102  3.673   8.526   1.00 13.29 ? 105 CYS A SG  1 
ATOM   802  N  N   . PHE A 1 106 ? -3.746  -0.068  7.764   1.00 11.04 ? 106 PHE A N   1 
ATOM   803  C  CA  . PHE A 1 106 ? -5.125  -0.412  7.405   1.00 11.65 ? 106 PHE A CA  1 
ATOM   804  C  C   . PHE A 1 106 ? -5.800  -1.217  8.517   1.00 13.07 ? 106 PHE A C   1 
ATOM   805  O  O   . PHE A 1 106 ? -6.978  -1.024  8.815   1.00 12.14 ? 106 PHE A O   1 
ATOM   806  C  CB  . PHE A 1 106 ? -5.168  -1.264  6.123   1.00 13.07 ? 106 PHE A CB  1 
ATOM   807  C  CG  . PHE A 1 106 ? -4.808  -0.521  4.861   1.00 15.14 ? 106 PHE A CG  1 
ATOM   808  C  CD1 . PHE A 1 106 ? -4.494  0.833   4.878   1.00 13.72 ? 106 PHE A CD1 1 
ATOM   809  C  CD2 . PHE A 1 106 ? -4.792  -1.193  3.642   1.00 16.94 ? 106 PHE A CD2 1 
ATOM   810  C  CE1 . PHE A 1 106 ? -4.172  1.508   3.698   1.00 16.16 ? 106 PHE A CE1 1 
ATOM   811  C  CE2 . PHE A 1 106 ? -4.472  -0.527  2.459   1.00 18.67 ? 106 PHE A CE2 1 
ATOM   812  C  CZ  . PHE A 1 106 ? -4.160  0.825   2.489   1.00 16.62 ? 106 PHE A CZ  1 
ATOM   813  N  N   . SER A 1 107 ? -5.049  -2.128  9.127   1.00 12.82 ? 107 SER A N   1 
ATOM   814  C  CA  . SER A 1 107 ? -5.602  -2.988  10.170  1.00 14.83 ? 107 SER A CA  1 
ATOM   815  C  C   . SER A 1 107 ? -5.859  -2.301  11.504  1.00 16.95 ? 107 SER A C   1 
ATOM   816  O  O   . SER A 1 107 ? -6.549  -2.853  12.359  1.00 17.61 ? 107 SER A O   1 
ATOM   817  C  CB  . SER A 1 107 ? -4.674  -4.181  10.410  1.00 15.94 ? 107 SER A CB  1 
ATOM   818  O  OG  . SER A 1 107 ? -3.548  -3.791  11.175  1.00 15.30 ? 107 SER A OG  1 
ATOM   819  N  N   . LYS A 1 108 ? -5.315  -1.104  11.687  1.00 16.16 ? 108 LYS A N   1 
ATOM   820  C  CA  . LYS A 1 108 ? -5.486  -0.396  12.949  1.00 18.04 ? 108 LYS A CA  1 
ATOM   821  C  C   . LYS A 1 108 ? -6.451  0.783   12.907  1.00 18.08 ? 108 LYS A C   1 
ATOM   822  O  O   . LYS A 1 108 ? -6.680  1.428   13.927  1.00 20.71 ? 108 LYS A O   1 
ATOM   823  C  CB  . LYS A 1 108 ? -4.125  0.085   13.461  1.00 19.44 ? 108 LYS A CB  1 
ATOM   824  C  CG  . LYS A 1 108 ? -3.142  -1.036  13.771  1.00 23.41 ? 108 LYS A CG  1 
ATOM   825  C  CD  . LYS A 1 108 ? -3.653  -1.929  14.894  1.00 26.22 ? 108 LYS A CD  1 
ATOM   826  C  CE  . LYS A 1 108 ? -2.653  -3.028  15.233  1.00 29.47 ? 108 LYS A CE  1 
ATOM   827  N  NZ  . LYS A 1 108 ? -1.349  -2.467  15.680  1.00 33.97 ? 108 LYS A NZ  1 
ATOM   828  N  N   . VAL A 1 109 ? -7.019  1.068   11.741  1.00 15.31 ? 109 VAL A N   1 
ATOM   829  C  CA  . VAL A 1 109 ? -7.948  2.188   11.616  1.00 16.37 ? 109 VAL A CA  1 
ATOM   830  C  C   . VAL A 1 109 ? -9.349  1.738   11.213  1.00 15.74 ? 109 VAL A C   1 
ATOM   831  O  O   . VAL A 1 109 ? -9.533  0.650   10.670  1.00 15.56 ? 109 VAL A O   1 
ATOM   832  C  CB  . VAL A 1 109 ? -7.441  3.219   10.583  1.00 17.25 ? 109 VAL A CB  1 
ATOM   833  C  CG1 . VAL A 1 109 ? -6.086  3.759   11.010  1.00 17.17 ? 109 VAL A CG1 1 
ATOM   834  C  CG2 . VAL A 1 109 ? -7.356  2.579   9.203   1.00 16.25 ? 109 VAL A CG2 1 
ATOM   835  N  N   . PRO A 1 110 ? -10.364 2.574   11.488  1.00 15.64 ? 110 PRO A N   1 
ATOM   836  C  CA  . PRO A 1 110 ? -11.747 2.240   11.139  1.00 17.42 ? 110 PRO A CA  1 
ATOM   837  C  C   . PRO A 1 110 ? -11.975 2.263   9.635   1.00 16.70 ? 110 PRO A C   1 
ATOM   838  O  O   . PRO A 1 110 ? -11.266 2.951   8.897   1.00 17.40 ? 110 PRO A O   1 
ATOM   839  C  CB  . PRO A 1 110 ? -12.558 3.325   11.848  1.00 18.13 ? 110 PRO A CB  1 
ATOM   840  C  CG  . PRO A 1 110 ? -11.688 3.696   13.016  1.00 20.91 ? 110 PRO A CG  1 
ATOM   841  C  CD  . PRO A 1 110 ? -10.323 3.748   12.374  1.00 18.04 ? 110 PRO A CD  1 
ATOM   842  N  N   . TYR A 1 111 ? -12.970 1.506   9.191   1.00 16.59 ? 111 TYR A N   1 
ATOM   843  C  CA  . TYR A 1 111 ? -13.323 1.441   7.779   1.00 16.54 ? 111 TYR A CA  1 
ATOM   844  C  C   . TYR A 1 111 ? -14.686 2.105   7.622   1.00 17.71 ? 111 TYR A C   1 
ATOM   845  O  O   . TYR A 1 111 ? -15.651 1.696   8.267   1.00 18.48 ? 111 TYR A O   1 
ATOM   846  C  CB  . TYR A 1 111 ? -13.424 -0.015  7.326   1.00 16.36 ? 111 TYR A CB  1 
ATOM   847  C  CG  . TYR A 1 111 ? -13.690 -0.178  5.849   1.00 16.40 ? 111 TYR A CG  1 
ATOM   848  C  CD1 . TYR A 1 111 ? -12.643 -0.197  4.930   1.00 17.43 ? 111 TYR A CD1 1 
ATOM   849  C  CD2 . TYR A 1 111 ? -14.991 -0.310  5.368   1.00 17.52 ? 111 TYR A CD2 1 
ATOM   850  C  CE1 . TYR A 1 111 ? -12.885 -0.346  3.566   1.00 18.78 ? 111 TYR A CE1 1 
ATOM   851  C  CE2 . TYR A 1 111 ? -15.243 -0.459  4.010   1.00 18.81 ? 111 TYR A CE2 1 
ATOM   852  C  CZ  . TYR A 1 111 ? -14.190 -0.477  3.117   1.00 19.83 ? 111 TYR A CZ  1 
ATOM   853  O  OH  . TYR A 1 111 ? -14.441 -0.635  1.775   1.00 23.06 ? 111 TYR A OH  1 
ATOM   854  N  N   . ASN A 1 112 ? -14.765 3.117   6.766   1.00 16.34 ? 112 ASN A N   1 
ATOM   855  C  CA  . ASN A 1 112 ? -16.026 3.818   6.541   1.00 17.09 ? 112 ASN A CA  1 
ATOM   856  C  C   . ASN A 1 112 ? -16.513 3.591   5.118   1.00 17.72 ? 112 ASN A C   1 
ATOM   857  O  O   . ASN A 1 112 ? -16.026 4.214   4.176   1.00 17.03 ? 112 ASN A O   1 
ATOM   858  C  CB  . ASN A 1 112 ? -15.850 5.314   6.803   1.00 16.32 ? 112 ASN A CB  1 
ATOM   859  C  CG  . ASN A 1 112 ? -15.461 5.603   8.233   1.00 16.39 ? 112 ASN A CG  1 
ATOM   860  O  OD1 . ASN A 1 112 ? -16.171 5.223   9.166   1.00 16.73 ? 112 ASN A OD1 1 
ATOM   861  N  ND2 . ASN A 1 112 ? -14.331 6.273   8.419   1.00 15.72 ? 112 ASN A ND2 1 
ATOM   862  N  N   . LYS A 1 113 ? -17.478 2.690   4.975   1.00 18.68 ? 113 LYS A N   1 
ATOM   863  C  CA  . LYS A 1 113 ? -18.034 2.349   3.672   1.00 21.72 ? 113 LYS A CA  1 
ATOM   864  C  C   . LYS A 1 113 ? -18.512 3.564   2.893   1.00 21.74 ? 113 LYS A C   1 
ATOM   865  O  O   . LYS A 1 113 ? -18.504 3.558   1.662   1.00 23.20 ? 113 LYS A O   1 
ATOM   866  C  CB  . LYS A 1 113 ? -19.183 1.357   3.847   1.00 25.55 ? 113 LYS A CB  1 
ATOM   867  C  CG  . LYS A 1 113 ? -18.740 0.024   4.427   1.00 31.03 ? 113 LYS A CG  1 
ATOM   868  C  CD  . LYS A 1 113 ? -19.689 -0.454  5.508   1.00 33.32 ? 113 LYS A CD  1 
ATOM   869  C  CE  . LYS A 1 113 ? -19.744 0.544   6.659   1.00 34.74 ? 113 LYS A CE  1 
ATOM   870  N  NZ  . LYS A 1 113 ? -18.398 0.819   7.243   1.00 27.11 ? 113 LYS A NZ  1 
ATOM   871  N  N   . GLU A 1 114 ? -18.923 4.608   3.604   1.00 21.93 ? 114 GLU A N   1 
ATOM   872  C  CA  . GLU A 1 114 ? -19.395 5.818   2.945   1.00 22.01 ? 114 GLU A CA  1 
ATOM   873  C  C   . GLU A 1 114 ? -18.335 6.390   2.005   1.00 22.49 ? 114 GLU A C   1 
ATOM   874  O  O   . GLU A 1 114 ? -18.666 6.987   0.979   1.00 22.43 ? 114 GLU A O   1 
ATOM   875  C  CB  . GLU A 1 114 ? -19.783 6.883   3.978   1.00 23.78 ? 114 GLU A CB  1 
ATOM   876  C  CG  . GLU A 1 114 ? -20.878 6.448   4.951   1.00 25.04 ? 114 GLU A CG  1 
ATOM   877  C  CD  . GLU A 1 114 ? -20.331 5.899   6.256   1.00 27.81 ? 114 GLU A CD  1 
ATOM   878  O  OE1 . GLU A 1 114 ? -19.378 5.093   6.217   1.00 25.85 ? 114 GLU A OE1 1 
ATOM   879  O  OE2 . GLU A 1 114 ? -20.863 6.268   7.325   1.00 27.46 ? 114 GLU A OE2 1 
ATOM   880  N  N   . HIS A 1 115 ? -17.062 6.198   2.341   1.00 19.63 ? 115 HIS A N   1 
ATOM   881  C  CA  . HIS A 1 115 ? -15.987 6.737   1.511   1.00 20.62 ? 115 HIS A CA  1 
ATOM   882  C  C   . HIS A 1 115 ? -15.541 5.861   0.343   1.00 23.29 ? 115 HIS A C   1 
ATOM   883  O  O   . HIS A 1 115 ? -14.632 6.232   -0.400  1.00 22.58 ? 115 HIS A O   1 
ATOM   884  C  CB  . HIS A 1 115 ? -14.775 7.101   2.378   1.00 18.71 ? 115 HIS A CB  1 
ATOM   885  C  CG  . HIS A 1 115 ? -15.030 8.233   3.323   1.00 18.88 ? 115 HIS A CG  1 
ATOM   886  N  ND1 . HIS A 1 115 ? -15.700 9.380   2.948   1.00 19.27 ? 115 HIS A ND1 1 
ATOM   887  C  CD2 . HIS A 1 115 ? -14.701 8.404   4.626   1.00 18.27 ? 115 HIS A CD2 1 
ATOM   888  C  CE1 . HIS A 1 115 ? -15.775 10.204  3.975   1.00 17.42 ? 115 HIS A CE1 1 
ATOM   889  N  NE2 . HIS A 1 115 ? -15.175 9.636   5.009   1.00 19.54 ? 115 HIS A NE2 1 
ATOM   890  N  N   . LYS A 1 116 ? -16.173 4.702   0.174   1.00 24.71 ? 116 LYS A N   1 
ATOM   891  C  CA  . LYS A 1 116 ? -15.824 3.824   -0.937  1.00 28.36 ? 116 LYS A CA  1 
ATOM   892  C  C   . LYS A 1 116 ? -16.265 4.482   -2.238  1.00 30.48 ? 116 LYS A C   1 
ATOM   893  O  O   . LYS A 1 116 ? -17.323 5.107   -2.297  1.00 30.36 ? 116 LYS A O   1 
ATOM   894  C  CB  . LYS A 1 116 ? -16.512 2.463   -0.798  1.00 30.10 ? 116 LYS A CB  1 
ATOM   895  C  CG  . LYS A 1 116 ? -15.578 1.332   -0.387  1.00 32.98 ? 116 LYS A CG  1 
ATOM   896  C  CD  . LYS A 1 116 ? -14.538 1.019   -1.464  1.00 34.96 ? 116 LYS A CD  1 
ATOM   897  C  CE  . LYS A 1 116 ? -15.088 0.093   -2.537  1.00 36.54 ? 116 LYS A CE  1 
ATOM   898  N  NZ  . LYS A 1 116 ? -14.054 -0.245  -3.555  1.00 36.65 ? 116 LYS A NZ  1 
ATOM   899  N  N   . ASN A 1 117 ? -15.446 4.343   -3.273  1.00 32.92 ? 117 ASN A N   1 
ATOM   900  C  CA  . ASN A 1 117 ? -15.753 4.918   -4.579  1.00 36.90 ? 117 ASN A CA  1 
ATOM   901  C  C   . ASN A 1 117 ? -16.076 6.405   -4.451  1.00 39.43 ? 117 ASN A C   1 
ATOM   902  O  O   . ASN A 1 117 ? -17.020 6.898   -5.071  1.00 39.70 ? 117 ASN A O   1 
ATOM   903  C  CB  . ASN A 1 117 ? -16.946 4.192   -5.210  1.00 38.26 ? 117 ASN A CB  1 
ATOM   904  C  CG  . ASN A 1 117 ? -16.934 2.696   -4.941  1.00 40.76 ? 117 ASN A CG  1 
ATOM   905  O  OD1 . ASN A 1 117 ? -17.726 2.192   -4.143  1.00 42.55 ? 117 ASN A OD1 1 
ATOM   906  N  ND2 . ASN A 1 117 ? -16.032 1.980   -5.602  1.00 41.79 ? 117 ASN A ND2 1 
ATOM   907  N  N   . LEU A 1 118 ? -15.292 7.119   -3.647  1.00 42.05 ? 118 LEU A N   1 
ATOM   908  C  CA  . LEU A 1 118 ? -15.517 8.546   -3.444  1.00 46.07 ? 118 LEU A CA  1 
ATOM   909  C  C   . LEU A 1 118 ? -15.227 9.341   -4.708  1.00 49.44 ? 118 LEU A C   1 
ATOM   910  O  O   . LEU A 1 118 ? -14.307 9.023   -5.463  1.00 49.52 ? 118 LEU A O   1 
ATOM   911  C  CB  . LEU A 1 118 ? -14.642 9.066   -2.299  1.00 45.07 ? 118 LEU A CB  1 
ATOM   912  C  CG  . LEU A 1 118 ? -14.839 10.529  -1.886  1.00 44.35 ? 118 LEU A CG  1 
ATOM   913  C  CD1 . LEU A 1 118 ? -16.245 10.727  -1.333  1.00 43.70 ? 118 LEU A CD1 1 
ATOM   914  C  CD2 . LEU A 1 118 ? -13.804 10.905  -0.839  1.00 43.13 ? 118 LEU A CD2 1 
ATOM   915  N  N   . ASP A 1 119 ? -16.023 10.382  -4.930  1.00 53.89 ? 119 ASP A N   1 
ATOM   916  C  CA  . ASP A 1 119 ? -15.872 11.241  -6.096  1.00 57.96 ? 119 ASP A CA  1 
ATOM   917  C  C   . ASP A 1 119 ? -14.587 12.059  -5.990  1.00 59.02 ? 119 ASP A C   1 
ATOM   918  O  O   . ASP A 1 119 ? -14.379 12.778  -5.013  1.00 59.06 ? 119 ASP A O   1 
ATOM   919  C  CB  . ASP A 1 119 ? -17.078 12.175  -6.210  1.00 61.01 ? 119 ASP A CB  1 
ATOM   920  C  CG  . ASP A 1 119 ? -18.398 11.427  -6.180  1.00 64.00 ? 119 ASP A CG  1 
ATOM   921  O  OD1 . ASP A 1 119 ? -18.613 10.565  -7.059  1.00 65.68 ? 119 ASP A OD1 1 
ATOM   922  O  OD2 . ASP A 1 119 ? -19.218 11.696  -5.276  1.00 65.11 ? 119 ASP A OD2 1 
ATOM   923  N  N   . LYS A 1 120 ? -13.731 11.940  -7.001  1.00 60.19 ? 120 LYS A N   1 
ATOM   924  C  CA  . LYS A 1 120 ? -12.460 12.658  -7.050  1.00 61.53 ? 120 LYS A CA  1 
ATOM   925  C  C   . LYS A 1 120 ? -12.637 14.168  -7.067  1.00 60.97 ? 120 LYS A C   1 
ATOM   926  O  O   . LYS A 1 120 ? -11.660 14.911  -7.155  1.00 60.90 ? 120 LYS A O   1 
ATOM   927  C  CB  . LYS A 1 120 ? -11.682 12.238  -8.297  1.00 63.33 ? 120 LYS A CB  1 
ATOM   928  C  CG  . LYS A 1 120 ? -11.326 10.779  -8.303  1.00 66.53 ? 120 LYS A CG  1 
ATOM   929  C  CD  . LYS A 1 120 ? -11.634 10.048  -9.566  1.00 67.94 ? 120 LYS A CD  1 
ATOM   930  C  CE  . LYS A 1 120 ? -13.118 9.990   -9.751  1.00 68.75 ? 120 LYS A CE  1 
ATOM   931  N  NZ  . LYS A 1 120 ? -13.449 9.323   -11.021 1.00 70.86 ? 120 LYS A NZ  1 
ATOM   932  N  N   . MET A 1 121 ? -13.883 14.622  -7.001  1.00 60.11 ? 121 MET A N   1 
ATOM   933  C  CA  . MET A 1 121 ? -14.167 16.050  -7.009  1.00 58.90 ? 121 MET A CA  1 
ATOM   934  C  C   . MET A 1 121 ? -14.111 16.586  -5.585  1.00 55.51 ? 121 MET A C   1 
ATOM   935  O  O   . MET A 1 121 ? -13.947 17.786  -5.367  1.00 55.64 ? 121 MET A O   1 
ATOM   936  C  CB  . MET A 1 121 ? -15.545 16.317  -7.620  1.00 62.84 ? 121 MET A CB  1 
ATOM   937  C  CG  . MET A 1 121 ? -15.704 15.815  -9.050  1.00 67.33 ? 121 MET A CG  1 
ATOM   938  S  SD  . MET A 1 121 ? -14.435 16.449  -10.168 1.00 72.48 ? 121 MET A SD  1 
ATOM   939  C  CE  . MET A 1 121 ? -15.028 18.122  -10.455 1.00 72.45 ? 121 MET A CE  1 
ATOM   940  N  N   . ASN A 1 122 ? -14.251 15.682  -4.622  1.00 50.68 ? 122 ASN A N   1 
ATOM   941  C  CA  . ASN A 1 122 ? -14.197 16.036  -3.208  1.00 46.09 ? 122 ASN A CA  1 
ATOM   942  C  C   . ASN A 1 122 ? -12.739 16.145  -2.784  1.00 41.23 ? 122 ASN A C   1 
ATOM   943  O  O   . ASN A 1 122 ? -12.436 16.480  -1.639  1.00 40.41 ? 122 ASN A O   1 
ATOM   944  C  CB  . ASN A 1 122 ? -14.869 14.955  -2.351  1.00 48.33 ? 122 ASN A CB  1 
ATOM   945  C  CG  . ASN A 1 122 ? -16.372 15.122  -2.263  1.00 50.93 ? 122 ASN A CG  1 
ATOM   946  O  OD1 . ASN A 1 122 ? -17.088 14.975  -3.252  1.00 51.70 ? 122 ASN A OD1 1 
ATOM   947  N  ND2 . ASN A 1 122 ? -16.858 15.431  -1.065  1.00 51.62 ? 122 ASN A ND2 1 
ATOM   948  N  N   . CYS A 1 123 ? -11.842 15.863  -3.721  1.00 34.89 ? 123 CYS A N   1 
ATOM   949  C  CA  . CYS A 1 123 ? -10.415 15.883  -3.445  1.00 29.49 ? 123 CYS A CA  1 
ATOM   950  C  C   . CYS A 1 123 ? -9.693  17.096  -4.016  1.00 28.96 ? 123 CYS A C   1 
ATOM   951  O  O   . CYS A 1 123 ? -8.997  16.945  -5.042  1.00 28.58 ? 123 CYS A O   1 
ATOM   952  C  CB  . CYS A 1 123 ? -9.793  14.595  -3.978  1.00 25.21 ? 123 CYS A CB  1 
ATOM   953  S  SG  . CYS A 1 123 ? -10.725 13.114  -3.468  1.00 21.25 ? 123 CYS A SG  1 
ATOM   954  O  OXT . CYS A 1 123 ? -9.838  18.185  -3.426  1.00 30.04 ? 123 CYS A OXT 1 
HETATM 955  CA CA  . CA  B 2 .   ? -2.995  6.340   -4.216  1.00 15.22 ? 124 CA  A CA  1 
HETATM 956  CA CA  . CA  C 2 .   ? 11.777  -7.288  -8.141  1.00 19.48 ? 125 CA  A CA  1 
HETATM 957  CA CA  . CA  D 2 .   ? -8.644  19.753  -4.652  1.00 19.40 ? 126 CA  A CA  1 
HETATM 958  CL CL  . CL  E 3 .   ? 3.438   -7.398  11.078  1.00 20.06 ? 127 CL  A CL  1 
HETATM 959  C  C   . TRS F 4 .   ? -9.945  19.109  -8.415  1.00 29.88 ? 601 TRS A C   1 
HETATM 960  C  C1  . TRS F 4 .   ? -8.399  19.171  -8.054  1.00 28.04 ? 601 TRS A C1  1 
HETATM 961  C  C2  . TRS F 4 .   ? -11.018 19.365  -7.452  1.00 28.65 ? 601 TRS A C2  1 
HETATM 962  C  C3  . TRS F 4 .   ? -10.601 18.788  -9.700  1.00 30.91 ? 601 TRS A C3  1 
HETATM 963  N  N   . TRS F 4 .   ? -9.929  17.659  -8.069  1.00 28.37 ? 601 TRS A N   1 
HETATM 964  O  O1  . TRS F 4 .   ? -7.712  19.485  -6.715  1.00 28.70 ? 601 TRS A O1  1 
HETATM 965  O  O2  . TRS F 4 .   ? -10.754 19.677  -6.193  1.00 28.08 ? 601 TRS A O2  1 
HETATM 966  O  O3  . TRS F 4 .   ? -11.802 17.924  -9.974  1.00 34.34 ? 601 TRS A O3  1 
HETATM 967  C  C   . TRS G 4 .   ? 11.152  4.464   -12.423 1.00 41.45 ? 602 TRS A C   1 
HETATM 968  C  C1  . TRS G 4 .   ? 9.574   4.304   -12.505 1.00 41.81 ? 602 TRS A C1  1 
HETATM 969  C  C2  . TRS G 4 .   ? 12.117  3.973   -13.433 1.00 40.65 ? 602 TRS A C2  1 
HETATM 970  C  C3  . TRS G 4 .   ? 11.891  5.160   -11.325 1.00 42.35 ? 602 TRS A C3  1 
HETATM 971  N  N   . TRS G 4 .   ? 11.252  3.201   -11.676 1.00 39.59 ? 602 TRS A N   1 
HETATM 972  O  O1  . TRS G 4 .   ? 8.611   3.661   -13.529 1.00 44.23 ? 602 TRS A O1  1 
HETATM 973  O  O2  . TRS G 4 .   ? 11.713  3.330   -14.532 1.00 38.99 ? 602 TRS A O2  1 
HETATM 974  O  O3  . TRS G 4 .   ? 13.251  4.910   -10.762 1.00 45.77 ? 602 TRS A O3  1 
HETATM 975  C  C   . TRS H 4 .   ? -10.708 -2.940  9.705   1.00 37.93 ? 603 TRS A C   1 
HETATM 976  C  C1  . TRS H 4 .   ? -11.947 -2.782  10.712  1.00 38.79 ? 603 TRS A C1  1 
HETATM 977  C  C2  . TRS H 4 .   ? -9.732  -3.990  9.882   1.00 39.15 ? 603 TRS A C2  1 
HETATM 978  C  C3  . TRS H 4 .   ? -10.352 -2.176  8.467   1.00 36.49 ? 603 TRS A C3  1 
HETATM 979  N  N   . TRS H 4 .   ? -9.922  -2.000  10.562  1.00 35.14 ? 603 TRS A N   1 
HETATM 980  O  O1  . TRS H 4 .   ? -12.328 -3.624  11.966  1.00 41.29 ? 603 TRS A O1  1 
HETATM 981  O  O2  . TRS H 4 .   ? -9.827  -4.812  10.907  1.00 40.32 ? 603 TRS A O2  1 
HETATM 982  O  O3  . TRS H 4 .   ? -9.538  -0.920  8.229   1.00 32.63 ? 603 TRS A O3  1 
HETATM 983  C  C   . TRS I 4 .   ? -8.892  8.188   -5.715  1.00 41.28 ? 604 TRS A C   1 
HETATM 984  C  C1  . TRS I 4 .   ? -7.294  8.053   -5.690  1.00 41.57 ? 604 TRS A C1  1 
HETATM 985  C  C2  . TRS I 4 .   ? -9.798  7.390   -4.874  1.00 41.57 ? 604 TRS A C2  1 
HETATM 986  C  C3  . TRS I 4 .   ? -9.690  9.029   -6.517  1.00 41.03 ? 604 TRS A C3  1 
HETATM 987  N  N   . TRS I 4 .   ? -8.935  7.191   -6.807  1.00 40.33 ? 604 TRS A N   1 
HETATM 988  O  O1  . TRS I 4 .   ? -6.360  7.160   -4.881  1.00 42.91 ? 604 TRS A O1  1 
HETATM 989  O  O2  . TRS I 4 .   ? -9.388  6.501   -4.014  1.00 40.44 ? 604 TRS A O2  1 
HETATM 990  O  O3  . TRS I 4 .   ? -10.220 10.367  -6.127  1.00 41.83 ? 604 TRS A O3  1 
HETATM 991  C  C8  . ANN J 5 .   ? -5.212  -3.170  -2.562  1.00 40.69 ? 501 ANN A C8  1 
HETATM 992  O  O3  . ANN J 5 .   ? -5.242  -1.874  -1.858  1.00 32.25 ? 501 ANN A O3  1 
HETATM 993  C  C5  . ANN J 5 .   ? -4.653  -0.766  -2.403  1.00 28.88 ? 501 ANN A C5  1 
HETATM 994  C  C6  . ANN J 5 .   ? -3.944  -0.683  -3.655  1.00 27.15 ? 501 ANN A C6  1 
HETATM 995  C  C7  . ANN J 5 .   ? -3.397  0.564   -4.077  1.00 31.14 ? 501 ANN A C7  1 
HETATM 996  C  C2  . ANN J 5 .   ? -3.509  1.781   -3.270  1.00 32.39 ? 501 ANN A C2  1 
HETATM 997  C  C3  . ANN J 5 .   ? -4.224  1.654   -2.020  1.00 27.06 ? 501 ANN A C3  1 
HETATM 998  C  C4  . ANN J 5 .   ? -4.786  0.420   -1.571  1.00 28.79 ? 501 ANN A C4  1 
HETATM 999  C  C1  . ANN J 5 .   ? -2.882  3.065   -3.837  1.00 31.91 ? 501 ANN A C1  1 
HETATM 1000 O  O1  . ANN J 5 .   ? -2.989  4.076   -3.175  1.00 25.48 ? 501 ANN A O1  1 
HETATM 1001 O  O2  . ANN J 5 .   ? -2.257  3.069   -4.989  1.00 41.52 ? 501 ANN A O2  1 
HETATM 1002 O  O   . HOH K 6 .   ? 16.369  -7.218  -10.937 1.00 54.92 ? 201 HOH A O   1 
HETATM 1003 O  O   . HOH K 6 .   ? 4.238   -3.417  -4.334  1.00 16.57 ? 202 HOH A O   1 
HETATM 1004 O  O   . HOH K 6 .   ? -1.191  6.051   -6.011  1.00 19.48 ? 203 HOH A O   1 
HETATM 1005 O  O   . HOH K 6 .   ? -1.791  3.992   -1.067  1.00 22.86 ? 204 HOH A O   1 
HETATM 1006 O  O   . HOH K 6 .   ? -2.429  -11.969 -3.524  1.00 33.58 ? 205 HOH A O   1 
HETATM 1007 O  O   . HOH K 6 .   ? -6.301  11.448  12.949  1.00 44.19 ? 206 HOH A O   1 
HETATM 1008 O  O   . HOH K 6 .   ? -5.256  13.221  14.590  1.00 45.93 ? 207 HOH A O   1 
HETATM 1009 O  O   . HOH K 6 .   ? 15.126  -10.108 -6.106  1.00 53.46 ? 208 HOH A O   1 
HETATM 1010 O  O   . HOH K 6 .   ? -5.772  -16.101 10.170  1.00 44.44 ? 209 HOH A O   1 
HETATM 1011 O  O   . HOH K 6 .   ? -9.840  -7.309  11.423  1.00 62.08 ? 210 HOH A O   1 
HETATM 1012 O  O   . HOH K 6 .   ? -14.153 -10.682 2.383   1.00 16.95 ? 211 HOH A O   1 
HETATM 1013 O  O   . HOH K 6 .   ? 3.247   3.194   3.931   1.00 12.95 ? 212 HOH A O   1 
HETATM 1014 O  O   . HOH K 6 .   ? -13.495 -14.348 -0.351  1.00 14.02 ? 213 HOH A O   1 
HETATM 1015 O  O   . HOH K 6 .   ? -13.539 -5.130  6.214   1.00 57.25 ? 214 HOH A O   1 
HETATM 1016 O  O   . HOH K 6 .   ? -9.171  -15.036 -0.908  1.00 17.07 ? 215 HOH A O   1 
HETATM 1017 O  O   . HOH K 6 .   ? -3.492  7.013   9.298   1.00 21.82 ? 216 HOH A O   1 
HETATM 1018 O  O   . HOH K 6 .   ? -7.320  7.937   -11.172 1.00 64.66 ? 217 HOH A O   1 
HETATM 1019 O  O   . HOH K 6 .   ? -0.829  10.580  -4.242  1.00 29.73 ? 218 HOH A O   1 
HETATM 1020 O  O   . HOH K 6 .   ? -0.972  15.036  -4.202  1.00 29.69 ? 219 HOH A O   1 
HETATM 1021 O  O   . HOH K 6 .   ? 1.078   17.461  -1.788  1.00 49.08 ? 220 HOH A O   1 
HETATM 1022 O  O   . HOH K 6 .   ? -1.289  17.310  0.358   1.00 52.66 ? 221 HOH A O   1 
HETATM 1023 O  O   . HOH K 6 .   ? 7.073   1.109   -15.198 1.00 39.89 ? 222 HOH A O   1 
HETATM 1024 O  O   . HOH K 6 .   ? -6.493  18.917  -4.478  1.00 19.69 ? 223 HOH A O   1 
HETATM 1025 O  O   . HOH K 6 .   ? -8.667  19.621  0.054   1.00 22.62 ? 224 HOH A O   1 
HETATM 1026 O  O   . HOH K 6 .   ? -10.569 15.981  0.403   1.00 26.46 ? 225 HOH A O   1 
HETATM 1027 O  O   . HOH K 6 .   ? 13.649  -5.975  -9.186  1.00 23.22 ? 226 HOH A O   1 
HETATM 1028 O  O   . HOH K 6 .   ? -12.496 7.061   11.125  1.00 20.25 ? 227 HOH A O   1 
HETATM 1029 O  O   . HOH K 6 .   ? -10.672 5.538   9.003   1.00 19.12 ? 228 HOH A O   1 
HETATM 1030 O  O   . HOH K 6 .   ? 10.218  2.703   -9.074  1.00 9.75  ? 229 HOH A O   1 
HETATM 1031 O  O   . HOH K 6 .   ? 10.440  -0.513  -8.963  1.00 23.53 ? 230 HOH A O   1 
HETATM 1032 O  O   . HOH K 6 .   ? 19.464  3.370   -3.562  1.00 27.91 ? 231 HOH A O   1 
HETATM 1033 O  O   . HOH K 6 .   ? 1.587   0.332   -13.477 1.00 43.86 ? 232 HOH A O   1 
HETATM 1034 O  O   . HOH K 6 .   ? 10.432  -7.634  -10.329 1.00 29.31 ? 233 HOH A O   1 
HETATM 1035 O  O   . HOH K 6 .   ? 6.451   -13.552 8.584   1.00 18.47 ? 234 HOH A O   1 
HETATM 1036 O  O   . HOH K 6 .   ? 10.107  -6.713  8.006   1.00 11.16 ? 235 HOH A O   1 
HETATM 1037 O  O   . HOH K 6 .   ? 13.294  -6.457  2.497   1.00 22.21 ? 236 HOH A O   1 
HETATM 1038 O  O   . HOH K 6 .   ? 16.708  -6.514  2.273   1.00 23.27 ? 237 HOH A O   1 
HETATM 1039 O  O   . HOH K 6 .   ? -14.378 -0.331  11.465  1.00 16.87 ? 238 HOH A O   1 
HETATM 1040 O  O   . HOH K 6 .   ? 15.082  -0.228  3.246   1.00 59.16 ? 239 HOH A O   1 
HETATM 1041 O  O   . HOH K 6 .   ? -10.307 18.127  -0.928  1.00 40.72 ? 240 HOH A O   1 
HETATM 1042 O  O   . HOH K 6 .   ? 2.910   6.866   -6.654  1.00 57.31 ? 241 HOH A O   1 
HETATM 1043 O  O   . HOH K 6 .   ? -8.080  -15.242 4.852   1.00 36.17 ? 242 HOH A O   1 
HETATM 1044 O  O   . HOH K 6 .   ? 0.329   13.032  7.190   1.00 34.77 ? 243 HOH A O   1 
HETATM 1045 O  O   . HOH K 6 .   ? 1.587   14.588  2.247   1.00 23.77 ? 244 HOH A O   1 
HETATM 1046 O  O   . HOH K 6 .   ? 14.278  10.981  -8.263  1.00 66.54 ? 245 HOH A O   1 
HETATM 1047 O  O   . HOH K 6 .   ? -13.159 13.871  7.637   1.00 23.04 ? 246 HOH A O   1 
HETATM 1048 O  O   . HOH K 6 .   ? -1.055  15.874  -1.723  1.00 29.82 ? 247 HOH A O   1 
HETATM 1049 O  O   . HOH K 6 .   ? -19.033 3.786   8.602   1.00 20.77 ? 248 HOH A O   1 
HETATM 1050 O  O   . HOH K 6 .   ? -17.175 2.468   10.401  1.00 22.00 ? 249 HOH A O   1 
HETATM 1051 O  O   . HOH K 6 .   ? -10.241 -9.873  10.186  1.00 23.81 ? 250 HOH A O   1 
HETATM 1052 O  O   . HOH K 6 .   ? -14.770 11.224  7.390   1.00 30.25 ? 251 HOH A O   1 
HETATM 1053 O  O   . HOH K 6 .   ? 14.205  -3.891  -14.856 1.00 20.77 ? 252 HOH A O   1 
HETATM 1054 O  O   . HOH K 6 .   ? 15.270  -4.235  -6.635  1.00 13.87 ? 253 HOH A O   1 
HETATM 1055 O  O   . HOH K 6 .   ? 3.813   -14.439 1.158   1.00 18.85 ? 254 HOH A O   1 
HETATM 1056 O  O   . HOH K 6 .   ? 7.768   -2.093  7.675   1.00 27.75 ? 255 HOH A O   1 
HETATM 1057 O  O   . HOH K 6 .   ? -0.961  -16.449 9.069   1.00 15.19 ? 256 HOH A O   1 
HETATM 1058 O  O   . HOH K 6 .   ? 0.510   -18.940 10.123  1.00 30.73 ? 257 HOH A O   1 
HETATM 1059 O  O   . HOH K 6 .   ? 13.897  -5.025  5.000   1.00 25.44 ? 258 HOH A O   1 
HETATM 1060 O  O   . HOH K 6 .   ? -7.275  2.863   -8.721  1.00 41.28 ? 259 HOH A O   1 
HETATM 1061 O  O   . HOH K 6 .   ? -0.094  -5.656  14.133  1.00 23.81 ? 260 HOH A O   1 
HETATM 1062 O  O   . HOH K 6 .   ? 3.758   -19.496 7.899   1.00 57.71 ? 261 HOH A O   1 
HETATM 1063 O  O   . HOH K 6 .   ? -1.218  -13.507 -5.923  1.00 69.60 ? 262 HOH A O   1 
HETATM 1064 O  O   . HOH K 6 .   ? -2.458  16.641  3.819   1.00 31.92 ? 263 HOH A O   1 
HETATM 1065 O  O   . HOH K 6 .   ? -4.316  18.618  3.882   1.00 43.78 ? 264 HOH A O   1 
HETATM 1066 O  O   . HOH K 6 .   ? 17.374  -5.828  -7.860  1.00 31.88 ? 265 HOH A O   1 
HETATM 1067 O  O   . HOH K 6 .   ? 0.476   7.978   -6.942  1.00 52.63 ? 266 HOH A O   1 
HETATM 1068 O  O   . HOH K 6 .   ? 0.916   -7.361  -9.668  1.00 45.26 ? 267 HOH A O   1 
HETATM 1069 O  O   . HOH K 6 .   ? 17.838  -14.941 -4.003  1.00 62.36 ? 268 HOH A O   1 
HETATM 1070 O  O   . HOH K 6 .   ? 13.345  -14.586 -2.553  1.00 39.89 ? 269 HOH A O   1 
HETATM 1071 O  O   . HOH K 6 .   ? 13.351  -10.411 -4.045  1.00 36.87 ? 270 HOH A O   1 
HETATM 1072 O  O   . HOH K 6 .   ? 10.607  -11.792 -5.920  1.00 54.13 ? 271 HOH A O   1 
HETATM 1073 O  O   . HOH K 6 .   ? 6.939   -13.470 -2.017  1.00 33.14 ? 272 HOH A O   1 
HETATM 1074 O  O   . HOH K 6 .   ? 0.966   15.548  5.840   1.00 62.59 ? 273 HOH A O   1 
HETATM 1075 O  O   . HOH K 6 .   ? -13.326 -7.657  7.015   1.00 42.30 ? 274 HOH A O   1 
HETATM 1076 O  O   . HOH K 6 .   ? -0.220  10.811  5.816   1.00 34.19 ? 275 HOH A O   1 
HETATM 1077 O  O   . HOH K 6 .   ? -10.251 -10.953 -5.287  1.00 51.20 ? 276 HOH A O   1 
HETATM 1078 O  O   . HOH K 6 .   ? -2.179  5.768   12.365  1.00 52.25 ? 277 HOH A O   1 
HETATM 1079 O  O   . HOH K 6 .   ? -8.400  -8.997  -3.047  1.00 27.87 ? 278 HOH A O   1 
HETATM 1080 O  O   . HOH K 6 .   ? -15.742 -4.924  -0.841  1.00 28.34 ? 279 HOH A O   1 
HETATM 1081 O  O   . HOH K 6 .   ? -15.811 -3.452  -4.198  1.00 37.28 ? 280 HOH A O   1 
HETATM 1082 O  O   . HOH K 6 .   ? -13.864 -0.907  -6.333  1.00 51.51 ? 281 HOH A O   1 
HETATM 1083 O  O   . HOH K 6 .   ? -2.837  17.817  -2.565  1.00 33.37 ? 282 HOH A O   1 
HETATM 1084 O  O   . HOH K 6 .   ? 0.475   14.042  -0.300  1.00 36.37 ? 283 HOH A O   1 
HETATM 1085 O  O   . HOH K 6 .   ? -13.075 20.085  -4.569  1.00 35.20 ? 284 HOH A O   1 
HETATM 1086 O  O   . HOH K 6 .   ? -14.348 20.468  -0.577  1.00 59.58 ? 285 HOH A O   1 
HETATM 1087 O  O   . HOH K 6 .   ? -10.257 0.144   14.726  1.00 55.93 ? 286 HOH A O   1 
HETATM 1088 O  O   . HOH K 6 .   ? -9.839  -2.629  13.531  1.00 56.78 ? 287 HOH A O   1 
HETATM 1089 O  O   . HOH K 6 .   ? -10.342 -5.210  17.297  1.00 75.78 ? 288 HOH A O   1 
HETATM 1090 O  O   . HOH K 6 .   ? 9.574   -8.918  14.202  1.00 64.54 ? 289 HOH A O   1 
HETATM 1091 O  O   . HOH K 6 .   ? 4.436   -20.845 14.842  1.00 52.93 ? 290 HOH A O   1 
HETATM 1092 O  O   . HOH K 6 .   ? 1.733   -21.873 12.224  1.00 63.26 ? 291 HOH A O   1 
HETATM 1093 O  O   . HOH K 6 .   ? 2.777   -22.665 9.779   1.00 55.60 ? 292 HOH A O   1 
HETATM 1094 O  O   . HOH K 6 .   ? 10.010  -7.587  -14.444 1.00 50.52 ? 293 HOH A O   1 
HETATM 1095 O  O   . HOH K 6 .   ? 5.536   -20.590 9.439   1.00 58.17 ? 294 HOH A O   1 
HETATM 1096 O  O   . HOH K 6 .   ? -0.734  -21.711 11.209  1.00 43.76 ? 295 HOH A O   1 
HETATM 1097 O  O   . HOH K 6 .   ? -8.802  1.434   -10.783 1.00 60.43 ? 296 HOH A O   1 
HETATM 1098 O  O   . HOH K 6 .   ? -5.971  -1.006  -8.967  1.00 63.76 ? 297 HOH A O   1 
HETATM 1099 O  O   . HOH K 6 .   ? 1.251   -12.431 -2.038  1.00 41.88 ? 298 HOH A O   1 
HETATM 1100 O  O   . HOH K 6 .   ? 20.788  -14.101 -2.390  1.00 48.57 ? 299 HOH A O   1 
HETATM 1101 O  O   . HOH K 6 .   ? 0.973   13.082  -2.771  1.00 59.92 ? 300 HOH A O   1 
HETATM 1102 O  O   . HOH K 6 .   ? -19.539 6.762   -1.598  1.00 69.82 ? 301 HOH A O   1 
HETATM 1103 O  O   . HOH K 6 .   ? -0.296  -7.954  16.783  1.00 72.43 ? 302 HOH A O   1 
HETATM 1104 O  O   . HOH K 6 .   ? 4.995   -8.314  16.849  1.00 60.73 ? 303 HOH A O   1 
HETATM 1105 O  O   . HOH K 6 .   ? 8.141   -13.225 -4.995  1.00 59.32 ? 304 HOH A O   1 
HETATM 1106 O  O   . HOH K 6 .   ? -7.192  -6.939  11.404  1.00 45.18 ? 305 HOH A O   1 
HETATM 1107 O  O   . HOH K 6 .   ? 11.335  -6.217  -17.231 1.00 53.92 ? 306 HOH A O   1 
HETATM 1108 O  O   . HOH K 6 .   ? -6.309  21.146  4.172   1.00 53.43 ? 307 HOH A O   1 
HETATM 1109 O  O   . HOH K 6 .   ? 0.807   2.646   -12.445 1.00 67.58 ? 308 HOH A O   1 
HETATM 1110 O  O   . HOH K 6 .   ? 6.197   -17.517 12.890  1.00 54.67 ? 309 HOH A O   1 
HETATM 1111 O  O   . HOH K 6 .   ? 5.364   -7.274  14.398  1.00 56.76 ? 310 HOH A O   1 
HETATM 1112 O  O   . HOH K 6 .   ? 2.795   -7.522  15.587  1.00 59.92 ? 311 HOH A O   1 
HETATM 1113 O  O   . HOH K 6 .   ? 9.641   12.244  -1.859  1.00 56.70 ? 312 HOH A O   1 
HETATM 1114 O  O   . HOH K 6 .   ? 12.209  -4.317  7.305   1.00 50.68 ? 313 HOH A O   1 
HETATM 1115 O  O   . HOH K 6 .   ? -3.291  -5.653  13.347  1.00 42.38 ? 314 HOH A O   1 
HETATM 1116 O  O   . HOH K 6 .   ? -4.020  -8.383  12.516  1.00 54.48 ? 315 HOH A O   1 
HETATM 1117 O  O   . HOH K 6 .   ? 2.982   -12.908 -5.125  1.00 39.02 ? 316 HOH A O   1 
HETATM 1118 O  O   . HOH K 6 .   ? 13.040  -9.118  -9.180  1.00 45.67 ? 317 HOH A O   1 
HETATM 1119 O  O   . HOH K 6 .   ? 1.172   -2.192  -5.186  1.00 41.81 ? 318 HOH A O   1 
HETATM 1120 O  O   . HOH K 6 .   ? 16.507  -0.530  0.921   1.00 57.61 ? 319 HOH A O   1 
HETATM 1121 O  O   . HOH K 6 .   ? -12.587 19.237  1.252   1.00 57.12 ? 320 HOH A O   1 
HETATM 1122 O  O   . HOH K 6 .   ? 19.225  7.575   -3.178  1.00 52.47 ? 321 HOH A O   1 
HETATM 1123 O  O   . HOH K 6 .   ? 10.803  -3.017  5.705   1.00 51.53 ? 322 HOH A O   1 
HETATM 1124 O  O   . HOH K 6 .   ? -9.662  -5.193  14.346  1.00 60.05 ? 323 HOH A O   1 
HETATM 1125 O  O   . HOH K 6 .   ? -18.435 8.717   -2.368  1.00 73.55 ? 324 HOH A O   1 
HETATM 1126 O  O   . HOH K 6 .   ? -4.508  -14.094 6.618   1.00 49.96 ? 325 HOH A O   1 
# 
